data_4QB1
# 
_entry.id   4QB1 
# 
_audit_conform.dict_name       mmcif_pdbx.dic 
_audit_conform.dict_version    5.379 
_audit_conform.dict_location   http://mmcif.pdb.org/dictionaries/ascii/mmcif_pdbx.dic 
# 
loop_
_database_2.database_id 
_database_2.database_code 
_database_2.pdbx_database_accession 
_database_2.pdbx_DOI 
PDB   4QB1         pdb_00004qb1 10.2210/pdb4qb1/pdb 
RCSB  RCSB085828   ?            ?                   
WWPDB D_1000085828 ?            ?                   
# 
loop_
_pdbx_database_related.db_name 
_pdbx_database_related.db_id 
_pdbx_database_related.details 
_pdbx_database_related.content_type 
PDB 4QAW GH30-CBM35 unspecified 
PDB 4QB2 .          unspecified 
PDB 4QB6 .          unspecified 
# 
_pdbx_database_status.status_code                     REL 
_pdbx_database_status.entry_id                        4QB1 
_pdbx_database_status.recvd_initial_deposition_date   2014-05-06 
_pdbx_database_status.deposit_site                    RCSB 
_pdbx_database_status.process_site                    RCSB 
_pdbx_database_status.status_code_sf                  REL 
_pdbx_database_status.status_code_mr                  ? 
_pdbx_database_status.SG_entry                        ? 
_pdbx_database_status.status_code_cs                  ? 
_pdbx_database_status.methods_development_category    ? 
_pdbx_database_status.pdb_format_compatible           Y 
_pdbx_database_status.status_code_nmr_data            ? 
# 
loop_
_audit_author.name 
_audit_author.pdbx_ordinal 
'Sainz-Polo, M.A.'  1 
'Sanz-Aparicio, J.' 2 
# 
_citation.id                        primary 
_citation.title                     
;Structural Analysis of Glucuronoxylan-specific Xyn30D and Its Attached CBM35 Domain Gives Insights into the Role of Modularity in Specificity.
;
_citation.journal_abbrev            J.Biol.Chem. 
_citation.journal_volume            289 
_citation.page_first                31088 
_citation.page_last                 31101 
_citation.year                      2014 
_citation.journal_id_ASTM           JBCHA3 
_citation.country                   US 
_citation.journal_id_ISSN           0021-9258 
_citation.journal_id_CSD            0071 
_citation.book_publisher            ? 
_citation.pdbx_database_id_PubMed   25202007 
_citation.pdbx_database_id_DOI      10.1074/jbc.M114.597732 
# 
loop_
_citation_author.citation_id 
_citation_author.name 
_citation_author.ordinal 
_citation_author.identifier_ORCID 
primary 'Sainz-Polo, M.A.'  1 ? 
primary 'Valenzuela, S.V.'  2 ? 
primary 'Gonzalez, B.'      3 ? 
primary 'Pastor, F.I.'      4 ? 
primary 'Sanz-Aparicio, J.' 5 ? 
# 
_cell.entry_id           4QB1 
_cell.length_a           39.400 
_cell.length_b           47.450 
_cell.length_c           103.020 
_cell.angle_alpha        90.00 
_cell.angle_beta         90.00 
_cell.angle_gamma        90.00 
_cell.Z_PDB              4 
_cell.pdbx_unique_axis   ? 
_cell.length_a_esd       ? 
_cell.length_b_esd       ? 
_cell.length_c_esd       ? 
_cell.angle_alpha_esd    ? 
_cell.angle_beta_esd     ? 
_cell.angle_gamma_esd    ? 
# 
_symmetry.entry_id                         4QB1 
_symmetry.space_group_name_H-M             'P 21 21 21' 
_symmetry.pdbx_full_space_group_name_H-M   ? 
_symmetry.cell_setting                     ? 
_symmetry.Int_Tables_number                19 
_symmetry.space_group_name_Hall            ? 
# 
loop_
_entity.id 
_entity.type 
_entity.src_method 
_entity.pdbx_description 
_entity.formula_weight 
_entity.pdbx_number_of_molecules 
_entity.pdbx_ec 
_entity.pdbx_mutation 
_entity.pdbx_fragment 
_entity.details 
1 polymer     man Xyn30D        17424.920 1  3.2.1.8 ? 'unp residues 422-562' ? 
2 non-polymer syn 'CALCIUM ION' 40.078    2  ?       ? ?                      ? 
3 non-polymer syn GLYCEROL      92.094    1  ?       ? ?                      ? 
4 water       nat water         18.015    54 ?       ? ?                      ? 
# 
_entity_poly.entity_id                      1 
_entity_poly.type                           'polypeptide(L)' 
_entity_poly.nstd_linkage                   no 
_entity_poly.nstd_monomer                   no 
_entity_poly.pdbx_seq_one_letter_code       
;MGSSHHHHHHSSGLVPRGHSMASLSGGNSGGGNVNTGTTYEAETGTTLTDAVVETLYPGYTGSGYVNFNAYTNSAIEWNA
INNMTTGTKNVKFRYALESGTRNLDIYVNGTKVLSNEPFTETGSWSTWGEKTIQVAMNSGVNTLRIVTTGTEGPNMDNIT
VTAS
;
_entity_poly.pdbx_seq_one_letter_code_can   
;MGSSHHHHHHSSGLVPRGHSMASLSGGNSGGGNVNTGTTYEAETGTTLTDAVVETLYPGYTGSGYVNFNAYTNSAIEWNA
INNMTTGTKNVKFRYALESGTRNLDIYVNGTKVLSNEPFTETGSWSTWGEKTIQVAMNSGVNTLRIVTTGTEGPNMDNIT
VTAS
;
_entity_poly.pdbx_strand_id                 A 
_entity_poly.pdbx_target_identifier         ? 
# 
loop_
_entity_poly_seq.entity_id 
_entity_poly_seq.num 
_entity_poly_seq.mon_id 
_entity_poly_seq.hetero 
1 1   MET n 
1 2   GLY n 
1 3   SER n 
1 4   SER n 
1 5   HIS n 
1 6   HIS n 
1 7   HIS n 
1 8   HIS n 
1 9   HIS n 
1 10  HIS n 
1 11  SER n 
1 12  SER n 
1 13  GLY n 
1 14  LEU n 
1 15  VAL n 
1 16  PRO n 
1 17  ARG n 
1 18  GLY n 
1 19  HIS n 
1 20  SER n 
1 21  MET n 
1 22  ALA n 
1 23  SER n 
1 24  LEU n 
1 25  SER n 
1 26  GLY n 
1 27  GLY n 
1 28  ASN n 
1 29  SER n 
1 30  GLY n 
1 31  GLY n 
1 32  GLY n 
1 33  ASN n 
1 34  VAL n 
1 35  ASN n 
1 36  THR n 
1 37  GLY n 
1 38  THR n 
1 39  THR n 
1 40  TYR n 
1 41  GLU n 
1 42  ALA n 
1 43  GLU n 
1 44  THR n 
1 45  GLY n 
1 46  THR n 
1 47  THR n 
1 48  LEU n 
1 49  THR n 
1 50  ASP n 
1 51  ALA n 
1 52  VAL n 
1 53  VAL n 
1 54  GLU n 
1 55  THR n 
1 56  LEU n 
1 57  TYR n 
1 58  PRO n 
1 59  GLY n 
1 60  TYR n 
1 61  THR n 
1 62  GLY n 
1 63  SER n 
1 64  GLY n 
1 65  TYR n 
1 66  VAL n 
1 67  ASN n 
1 68  PHE n 
1 69  ASN n 
1 70  ALA n 
1 71  TYR n 
1 72  THR n 
1 73  ASN n 
1 74  SER n 
1 75  ALA n 
1 76  ILE n 
1 77  GLU n 
1 78  TRP n 
1 79  ASN n 
1 80  ALA n 
1 81  ILE n 
1 82  ASN n 
1 83  ASN n 
1 84  MET n 
1 85  THR n 
1 86  THR n 
1 87  GLY n 
1 88  THR n 
1 89  LYS n 
1 90  ASN n 
1 91  VAL n 
1 92  LYS n 
1 93  PHE n 
1 94  ARG n 
1 95  TYR n 
1 96  ALA n 
1 97  LEU n 
1 98  GLU n 
1 99  SER n 
1 100 GLY n 
1 101 THR n 
1 102 ARG n 
1 103 ASN n 
1 104 LEU n 
1 105 ASP n 
1 106 ILE n 
1 107 TYR n 
1 108 VAL n 
1 109 ASN n 
1 110 GLY n 
1 111 THR n 
1 112 LYS n 
1 113 VAL n 
1 114 LEU n 
1 115 SER n 
1 116 ASN n 
1 117 GLU n 
1 118 PRO n 
1 119 PHE n 
1 120 THR n 
1 121 GLU n 
1 122 THR n 
1 123 GLY n 
1 124 SER n 
1 125 TRP n 
1 126 SER n 
1 127 THR n 
1 128 TRP n 
1 129 GLY n 
1 130 GLU n 
1 131 LYS n 
1 132 THR n 
1 133 ILE n 
1 134 GLN n 
1 135 VAL n 
1 136 ALA n 
1 137 MET n 
1 138 ASN n 
1 139 SER n 
1 140 GLY n 
1 141 VAL n 
1 142 ASN n 
1 143 THR n 
1 144 LEU n 
1 145 ARG n 
1 146 ILE n 
1 147 VAL n 
1 148 THR n 
1 149 THR n 
1 150 GLY n 
1 151 THR n 
1 152 GLU n 
1 153 GLY n 
1 154 PRO n 
1 155 ASN n 
1 156 MET n 
1 157 ASP n 
1 158 ASN n 
1 159 ILE n 
1 160 THR n 
1 161 VAL n 
1 162 THR n 
1 163 ALA n 
1 164 SER n 
# 
_entity_src_gen.entity_id                          1 
_entity_src_gen.pdbx_src_id                        1 
_entity_src_gen.pdbx_alt_source_flag               sample 
_entity_src_gen.pdbx_seq_type                      ? 
_entity_src_gen.pdbx_beg_seq_num                   ? 
_entity_src_gen.pdbx_end_seq_num                   ? 
_entity_src_gen.gene_src_common_name               ? 
_entity_src_gen.gene_src_genus                     ? 
_entity_src_gen.pdbx_gene_src_gene                 xyn30d 
_entity_src_gen.gene_src_species                   ? 
_entity_src_gen.gene_src_strain                    ? 
_entity_src_gen.gene_src_tissue                    ? 
_entity_src_gen.gene_src_tissue_fraction           ? 
_entity_src_gen.gene_src_details                   ? 
_entity_src_gen.pdbx_gene_src_fragment             ? 
_entity_src_gen.pdbx_gene_src_scientific_name      'Paenibacillus barcinonensis' 
_entity_src_gen.pdbx_gene_src_ncbi_taxonomy_id     198119 
_entity_src_gen.pdbx_gene_src_variant              ? 
_entity_src_gen.pdbx_gene_src_cell_line            ? 
_entity_src_gen.pdbx_gene_src_atcc                 ? 
_entity_src_gen.pdbx_gene_src_organ                ? 
_entity_src_gen.pdbx_gene_src_organelle            ? 
_entity_src_gen.pdbx_gene_src_cell                 ? 
_entity_src_gen.pdbx_gene_src_cellular_location    ? 
_entity_src_gen.host_org_common_name               ? 
_entity_src_gen.pdbx_host_org_scientific_name      'Escherichia coli' 
_entity_src_gen.pdbx_host_org_ncbi_taxonomy_id     469008 
_entity_src_gen.host_org_genus                     ? 
_entity_src_gen.pdbx_host_org_gene                 ? 
_entity_src_gen.pdbx_host_org_organ                ? 
_entity_src_gen.host_org_species                   ? 
_entity_src_gen.pdbx_host_org_tissue               ? 
_entity_src_gen.pdbx_host_org_tissue_fraction      ? 
_entity_src_gen.pdbx_host_org_strain               'BL21(DE3)' 
_entity_src_gen.pdbx_host_org_variant              ? 
_entity_src_gen.pdbx_host_org_cell_line            ? 
_entity_src_gen.pdbx_host_org_atcc                 ? 
_entity_src_gen.pdbx_host_org_culture_collection   ? 
_entity_src_gen.pdbx_host_org_cell                 ? 
_entity_src_gen.pdbx_host_org_organelle            ? 
_entity_src_gen.pdbx_host_org_cellular_location    ? 
_entity_src_gen.pdbx_host_org_vector_type          PLASMID 
_entity_src_gen.pdbx_host_org_vector               ? 
_entity_src_gen.host_org_details                   ? 
_entity_src_gen.expression_system_id               ? 
_entity_src_gen.plasmid_name                       pET28a 
_entity_src_gen.plasmid_details                    ? 
_entity_src_gen.pdbx_description                   ? 
# 
_struct_ref.id                         1 
_struct_ref.db_name                    UNP 
_struct_ref.db_code                    H6WCZ0_PAEBA 
_struct_ref.pdbx_db_accession          H6WCZ0 
_struct_ref.entity_id                  1 
_struct_ref.pdbx_seq_one_letter_code   
;LSGGNSGGGNVNTGTTYEAETGTTLTDAVVETLYPGYTGSGYVNFNAYTNSAIEWNAINNMTTGTKNVKFRYALESGTRN
LDIYVNGTKVLSNEPFTETGSWSTWGEKTIQVAMNSGVNTLRIVTTGTEGPNMDNITVTAS
;
_struct_ref.pdbx_align_begin           422 
_struct_ref.pdbx_db_isoform            ? 
# 
_struct_ref_seq.align_id                      1 
_struct_ref_seq.ref_id                        1 
_struct_ref_seq.pdbx_PDB_id_code              4QB1 
_struct_ref_seq.pdbx_strand_id                A 
_struct_ref_seq.seq_align_beg                 24 
_struct_ref_seq.pdbx_seq_align_beg_ins_code   ? 
_struct_ref_seq.seq_align_end                 164 
_struct_ref_seq.pdbx_seq_align_end_ins_code   ? 
_struct_ref_seq.pdbx_db_accession             H6WCZ0 
_struct_ref_seq.db_align_beg                  422 
_struct_ref_seq.pdbx_db_align_beg_ins_code    ? 
_struct_ref_seq.db_align_end                  562 
_struct_ref_seq.pdbx_db_align_end_ins_code    ? 
_struct_ref_seq.pdbx_auth_seq_align_beg       1 
_struct_ref_seq.pdbx_auth_seq_align_end       141 
# 
loop_
_struct_ref_seq_dif.align_id 
_struct_ref_seq_dif.pdbx_pdb_id_code 
_struct_ref_seq_dif.mon_id 
_struct_ref_seq_dif.pdbx_pdb_strand_id 
_struct_ref_seq_dif.seq_num 
_struct_ref_seq_dif.pdbx_pdb_ins_code 
_struct_ref_seq_dif.pdbx_seq_db_name 
_struct_ref_seq_dif.pdbx_seq_db_accession_code 
_struct_ref_seq_dif.db_mon_id 
_struct_ref_seq_dif.pdbx_seq_db_seq_num 
_struct_ref_seq_dif.details 
_struct_ref_seq_dif.pdbx_auth_seq_num 
_struct_ref_seq_dif.pdbx_ordinal 
1 4QB1 MET A 1  ? UNP H6WCZ0 ? ? 'initiating methionine' -22 1  
1 4QB1 GLY A 2  ? UNP H6WCZ0 ? ? 'expression tag'        -21 2  
1 4QB1 SER A 3  ? UNP H6WCZ0 ? ? 'expression tag'        -20 3  
1 4QB1 SER A 4  ? UNP H6WCZ0 ? ? 'expression tag'        -19 4  
1 4QB1 HIS A 5  ? UNP H6WCZ0 ? ? 'expression tag'        -18 5  
1 4QB1 HIS A 6  ? UNP H6WCZ0 ? ? 'expression tag'        -17 6  
1 4QB1 HIS A 7  ? UNP H6WCZ0 ? ? 'expression tag'        -16 7  
1 4QB1 HIS A 8  ? UNP H6WCZ0 ? ? 'expression tag'        -15 8  
1 4QB1 HIS A 9  ? UNP H6WCZ0 ? ? 'expression tag'        -14 9  
1 4QB1 HIS A 10 ? UNP H6WCZ0 ? ? 'expression tag'        -13 10 
1 4QB1 SER A 11 ? UNP H6WCZ0 ? ? 'expression tag'        -12 11 
1 4QB1 SER A 12 ? UNP H6WCZ0 ? ? 'expression tag'        -11 12 
1 4QB1 GLY A 13 ? UNP H6WCZ0 ? ? 'expression tag'        -10 13 
1 4QB1 LEU A 14 ? UNP H6WCZ0 ? ? 'expression tag'        -9  14 
1 4QB1 VAL A 15 ? UNP H6WCZ0 ? ? 'expression tag'        -8  15 
1 4QB1 PRO A 16 ? UNP H6WCZ0 ? ? 'expression tag'        -7  16 
1 4QB1 ARG A 17 ? UNP H6WCZ0 ? ? 'expression tag'        -6  17 
1 4QB1 GLY A 18 ? UNP H6WCZ0 ? ? 'expression tag'        -5  18 
1 4QB1 HIS A 19 ? UNP H6WCZ0 ? ? 'expression tag'        -4  19 
1 4QB1 SER A 20 ? UNP H6WCZ0 ? ? 'expression tag'        -3  20 
1 4QB1 MET A 21 ? UNP H6WCZ0 ? ? 'expression tag'        -2  21 
1 4QB1 ALA A 22 ? UNP H6WCZ0 ? ? 'expression tag'        -1  22 
1 4QB1 SER A 23 ? UNP H6WCZ0 ? ? 'expression tag'        0   23 
# 
loop_
_chem_comp.id 
_chem_comp.type 
_chem_comp.mon_nstd_flag 
_chem_comp.name 
_chem_comp.pdbx_synonyms 
_chem_comp.formula 
_chem_comp.formula_weight 
ALA 'L-peptide linking' y ALANINE         ?                               'C3 H7 N O2'     89.093  
ARG 'L-peptide linking' y ARGININE        ?                               'C6 H15 N4 O2 1' 175.209 
ASN 'L-peptide linking' y ASPARAGINE      ?                               'C4 H8 N2 O3'    132.118 
ASP 'L-peptide linking' y 'ASPARTIC ACID' ?                               'C4 H7 N O4'     133.103 
CA  non-polymer         . 'CALCIUM ION'   ?                               'Ca 2'           40.078  
GLN 'L-peptide linking' y GLUTAMINE       ?                               'C5 H10 N2 O3'   146.144 
GLU 'L-peptide linking' y 'GLUTAMIC ACID' ?                               'C5 H9 N O4'     147.129 
GLY 'peptide linking'   y GLYCINE         ?                               'C2 H5 N O2'     75.067  
GOL non-polymer         . GLYCEROL        'GLYCERIN; PROPANE-1,2,3-TRIOL' 'C3 H8 O3'       92.094  
HIS 'L-peptide linking' y HISTIDINE       ?                               'C6 H10 N3 O2 1' 156.162 
HOH non-polymer         . WATER           ?                               'H2 O'           18.015  
ILE 'L-peptide linking' y ISOLEUCINE      ?                               'C6 H13 N O2'    131.173 
LEU 'L-peptide linking' y LEUCINE         ?                               'C6 H13 N O2'    131.173 
LYS 'L-peptide linking' y LYSINE          ?                               'C6 H15 N2 O2 1' 147.195 
MET 'L-peptide linking' y METHIONINE      ?                               'C5 H11 N O2 S'  149.211 
PHE 'L-peptide linking' y PHENYLALANINE   ?                               'C9 H11 N O2'    165.189 
PRO 'L-peptide linking' y PROLINE         ?                               'C5 H9 N O2'     115.130 
SER 'L-peptide linking' y SERINE          ?                               'C3 H7 N O3'     105.093 
THR 'L-peptide linking' y THREONINE       ?                               'C4 H9 N O3'     119.119 
TRP 'L-peptide linking' y TRYPTOPHAN      ?                               'C11 H12 N2 O2'  204.225 
TYR 'L-peptide linking' y TYROSINE        ?                               'C9 H11 N O3'    181.189 
VAL 'L-peptide linking' y VALINE          ?                               'C5 H11 N O2'    117.146 
# 
_exptl.entry_id          4QB1 
_exptl.method            'X-RAY DIFFRACTION' 
_exptl.crystals_number   1 
# 
_exptl_crystal.id                    1 
_exptl_crystal.density_meas          ? 
_exptl_crystal.density_Matthews      2.76 
_exptl_crystal.density_percent_sol   55.49 
_exptl_crystal.description           ? 
_exptl_crystal.F_000                 ? 
_exptl_crystal.preparation           ? 
# 
_exptl_crystal_grow.crystal_id      1 
_exptl_crystal_grow.method          'VAPOR DIFFUSION, SITTING DROP' 
_exptl_crystal_grow.temp            293 
_exptl_crystal_grow.temp_details    ? 
_exptl_crystal_grow.pH              6 
_exptl_crystal_grow.pdbx_details    
'20% PEG 6000, 0.2M Calcium chloride, 0.1M MES, VAPOR DIFFUSION, SITTING DROP, temperature 293K' 
_exptl_crystal_grow.pdbx_pH_range   ? 
# 
_diffrn.id                     1 
_diffrn.ambient_temp           120 
_diffrn.ambient_temp_details   ? 
_diffrn.crystal_id             1 
# 
_diffrn_detector.diffrn_id              1 
_diffrn_detector.detector               'IMAGE PLATE' 
_diffrn_detector.type                   'MAR scanner 345 mm plate' 
_diffrn_detector.pdbx_collection_date   2014-01-14 
_diffrn_detector.details                Mirrors 
# 
_diffrn_radiation.diffrn_id                        1 
_diffrn_radiation.wavelength_id                    1 
_diffrn_radiation.pdbx_monochromatic_or_laue_m_l   M 
_diffrn_radiation.monochromator                    'HELIOS MIRRORS (BRUKER)' 
_diffrn_radiation.pdbx_diffrn_protocol             'SINGLE WAVELENGTH' 
_diffrn_radiation.pdbx_scattering_type             x-ray 
# 
_diffrn_radiation_wavelength.id           1 
_diffrn_radiation_wavelength.wavelength   1.54179 
_diffrn_radiation_wavelength.wt           1.0 
# 
_diffrn_source.diffrn_id                   1 
_diffrn_source.source                      'ROTATING ANODE' 
_diffrn_source.type                        'Cu FINE FOCUS' 
_diffrn_source.pdbx_synchrotron_site       ? 
_diffrn_source.pdbx_synchrotron_beamline   ? 
_diffrn_source.pdbx_wavelength             ? 
_diffrn_source.pdbx_wavelength_list        1.54179 
# 
_reflns.entry_id                     4QB1 
_reflns.observed_criterion_sigma_I   1.0 
_reflns.observed_criterion_sigma_F   1.0 
_reflns.d_resolution_low             51.51 
_reflns.d_resolution_high            2.18 
_reflns.number_obs                   10371 
_reflns.number_all                   123458 
_reflns.percent_possible_obs         97.5 
_reflns.pdbx_Rmerge_I_obs            0.068 
_reflns.pdbx_Rsym_value              0.02 
_reflns.pdbx_netI_over_sigmaI        25.7 
_reflns.B_iso_Wilson_estimate        12.94 
_reflns.pdbx_redundancy              11.9 
_reflns.R_free_details               ? 
_reflns.limit_h_max                  ? 
_reflns.limit_h_min                  ? 
_reflns.limit_k_max                  ? 
_reflns.limit_k_min                  ? 
_reflns.limit_l_max                  ? 
_reflns.limit_l_min                  ? 
_reflns.observed_criterion_F_max     ? 
_reflns.observed_criterion_F_min     ? 
_reflns.pdbx_chi_squared             ? 
_reflns.pdbx_scaling_rejects         ? 
_reflns.pdbx_ordinal                 1 
_reflns.pdbx_diffrn_id               1 
# 
_reflns_shell.d_res_high             2.18 
_reflns_shell.d_res_low              2.30 
_reflns_shell.percent_possible_all   83.8 
_reflns_shell.Rmerge_I_obs           0.169 
_reflns_shell.pdbx_Rsym_value        0.051 
_reflns_shell.meanI_over_sigI_obs    12.9 
_reflns_shell.pdbx_redundancy        11.6 
_reflns_shell.percent_possible_obs   ? 
_reflns_shell.number_unique_all      1270 
_reflns_shell.number_measured_all    ? 
_reflns_shell.number_measured_obs    ? 
_reflns_shell.number_unique_obs      ? 
_reflns_shell.pdbx_chi_squared       ? 
_reflns_shell.pdbx_ordinal           1 
_reflns_shell.pdbx_diffrn_id         1 
# 
_refine.entry_id                                 4QB1 
_refine.ls_number_reflns_obs                     10371 
_refine.ls_number_reflns_all                     123458 
_refine.pdbx_ls_sigma_I                          1.0 
_refine.pdbx_ls_sigma_F                          1.0 
_refine.pdbx_data_cutoff_high_absF               ? 
_refine.pdbx_data_cutoff_low_absF                ? 
_refine.pdbx_data_cutoff_high_rms_absF           ? 
_refine.ls_d_res_low                             51.51 
_refine.ls_d_res_high                            2.19 
_refine.ls_percent_reflns_obs                    98.60 
_refine.ls_R_factor_obs                          0.21209 
_refine.ls_R_factor_all                          ? 
_refine.ls_R_factor_R_work                       0.20923 
_refine.ls_R_factor_R_free                       0.26885 
_refine.ls_R_factor_R_free_error                 ? 
_refine.ls_R_factor_R_free_error_details         ? 
_refine.ls_percent_reflns_R_free                 4.8 
_refine.ls_number_reflns_R_free                  494 
_refine.ls_number_parameters                     ? 
_refine.ls_number_restraints                     ? 
_refine.occupancy_min                            ? 
_refine.occupancy_max                            ? 
_refine.correlation_coeff_Fo_to_Fc               0.916 
_refine.correlation_coeff_Fo_to_Fc_free          0.848 
_refine.B_iso_mean                               17.006 
_refine.aniso_B[1][1]                            2.21 
_refine.aniso_B[2][2]                            -0.76 
_refine.aniso_B[3][3]                            -1.45 
_refine.aniso_B[1][2]                            0.00 
_refine.aniso_B[1][3]                            0.00 
_refine.aniso_B[2][3]                            0.00 
_refine.solvent_model_details                    MASK 
_refine.solvent_model_param_ksol                 ? 
_refine.solvent_model_param_bsol                 ? 
_refine.pdbx_solvent_vdw_probe_radii             1.20 
_refine.pdbx_solvent_ion_probe_radii             0.80 
_refine.pdbx_solvent_shrinkage_radii             0.80 
_refine.pdbx_ls_cross_valid_method               THROUGHOUT 
_refine.details                                  ? 
_refine.pdbx_starting_model                      'PDB ENTRY 2VZP, 4QAW (CBM35)' 
_refine.pdbx_method_to_determine_struct          'MOLECULAR REPLACEMENT' 
_refine.pdbx_isotropic_thermal_model             ? 
_refine.pdbx_stereochemistry_target_values       'MAXIMUM LIKELIHOOD' 
_refine.pdbx_stereochem_target_val_spec_case     ? 
_refine.pdbx_R_Free_selection_details            RANDOM 
_refine.pdbx_overall_ESU_R                       0.201 
_refine.pdbx_overall_ESU_R_Free                  0.196 
_refine.overall_SU_ML                            0.114 
_refine.pdbx_overall_phase_error                 ? 
_refine.overall_SU_B                             4.315 
_refine.overall_SU_R_Cruickshank_DPI             ? 
_refine.ls_redundancy_reflns_obs                 ? 
_refine.B_iso_min                                ? 
_refine.B_iso_max                                ? 
_refine.overall_SU_R_free                        ? 
_refine.ls_wR_factor_R_free                      ? 
_refine.ls_wR_factor_R_work                      ? 
_refine.overall_FOM_free_R_set                   ? 
_refine.overall_FOM_work_R_set                   ? 
_refine.pdbx_diffrn_id                           1 
_refine.pdbx_refine_id                           'X-RAY DIFFRACTION' 
_refine.pdbx_TLS_residual_ADP_flag               ? 
_refine.pdbx_overall_SU_R_free_Cruickshank_DPI   ? 
_refine.pdbx_overall_SU_R_Blow_DPI               ? 
_refine.pdbx_overall_SU_R_free_Blow_DPI          ? 
# 
_refine_hist.pdbx_refine_id                   'X-RAY DIFFRACTION' 
_refine_hist.cycle_id                         LAST 
_refine_hist.pdbx_number_atoms_protein        974 
_refine_hist.pdbx_number_atoms_nucleic_acid   0 
_refine_hist.pdbx_number_atoms_ligand         8 
_refine_hist.number_atoms_solvent             54 
_refine_hist.number_atoms_total               1036 
_refine_hist.d_res_high                       2.19 
_refine_hist.d_res_low                        51.51 
# 
loop_
_refine_ls_restr.type 
_refine_ls_restr.dev_ideal 
_refine_ls_restr.dev_ideal_target 
_refine_ls_restr.weight 
_refine_ls_restr.number 
_refine_ls_restr.pdbx_restraint_function 
_refine_ls_restr.pdbx_refine_id 
r_bond_refined_d       0.009  0.020  ? 997  ? 'X-RAY DIFFRACTION' 
r_bond_other_d         0.001  0.020  ? 895  ? 'X-RAY DIFFRACTION' 
r_angle_refined_deg    1.290  1.929  ? 1363 ? 'X-RAY DIFFRACTION' 
r_angle_other_deg      0.707  3.000  ? 2055 ? 'X-RAY DIFFRACTION' 
r_dihedral_angle_1_deg 6.792  5.000  ? 127  ? 'X-RAY DIFFRACTION' 
r_dihedral_angle_2_deg 33.247 25.581 ? 43   ? 'X-RAY DIFFRACTION' 
r_dihedral_angle_3_deg 13.499 15.000 ? 150  ? 'X-RAY DIFFRACTION' 
r_dihedral_angle_4_deg 26.088 15.000 ? 3    ? 'X-RAY DIFFRACTION' 
r_chiral_restr         0.069  0.200  ? 162  ? 'X-RAY DIFFRACTION' 
r_gen_planes_refined   0.004  0.020  ? 1156 ? 'X-RAY DIFFRACTION' 
r_gen_planes_other     0.001  0.020  ? 227  ? 'X-RAY DIFFRACTION' 
r_mcbond_it            0.801  1.688  ? 511  ? 'X-RAY DIFFRACTION' 
r_mcbond_other         0.786  1.684  ? 510  ? 'X-RAY DIFFRACTION' 
r_mcangle_it           1.306  2.524  ? 637  ? 'X-RAY DIFFRACTION' 
r_mcangle_other        1.309  2.527  ? 638  ? 'X-RAY DIFFRACTION' 
r_scbond_it            0.989  1.732  ? 486  ? 'X-RAY DIFFRACTION' 
r_scbond_other         0.990  1.732  ? 486  ? 'X-RAY DIFFRACTION' 
r_scangle_other        1.534  2.571  ? 727  ? 'X-RAY DIFFRACTION' 
r_long_range_B_refined 2.618  13.315 ? 1093 ? 'X-RAY DIFFRACTION' 
r_long_range_B_other   2.509  13.258 ? 1084 ? 'X-RAY DIFFRACTION' 
# 
_refine_ls_shell.pdbx_total_number_of_bins_used   20 
_refine_ls_shell.d_res_high                       2.192 
_refine_ls_shell.d_res_low                        2.249 
_refine_ls_shell.number_reflns_R_work             614 
_refine_ls_shell.R_factor_R_work                  0.209 
_refine_ls_shell.percent_reflns_obs               89.76 
_refine_ls_shell.R_factor_R_free                  0.331 
_refine_ls_shell.R_factor_R_free_error            ? 
_refine_ls_shell.percent_reflns_R_free            ? 
_refine_ls_shell.number_reflns_R_free             35 
_refine_ls_shell.number_reflns_all                ? 
_refine_ls_shell.R_factor_all                     ? 
_refine_ls_shell.number_reflns_obs                ? 
_refine_ls_shell.redundancy_reflns_obs            ? 
_refine_ls_shell.pdbx_refine_id                   'X-RAY DIFFRACTION' 
# 
_struct.entry_id                  4QB1 
_struct.title                     'Structure of CBM35 from Paenibacillus barcinonensis' 
_struct.pdbx_model_details        ? 
_struct.pdbx_CASP_flag            ? 
_struct.pdbx_model_type_details   ? 
# 
_struct_keywords.entry_id        4QB1 
_struct_keywords.pdbx_keywords   'SUGAR BINDING PROTEIN' 
_struct_keywords.text            
;BETA-STRUCTURE, CARBODYDRATE BINDING MODULE, CALCIUM BINDING, CELL WALL, XYLANASE, CARBOHYDRATE BINDING MODULE, SUGAR BINDING PROTEIN
;
# 
loop_
_struct_asym.id 
_struct_asym.pdbx_blank_PDB_chainid_flag 
_struct_asym.pdbx_modified 
_struct_asym.entity_id 
_struct_asym.details 
A N N 1 ? 
B N N 2 ? 
C N N 2 ? 
D N N 3 ? 
E N N 4 ? 
# 
_struct_biol.id        1 
_struct_biol.details   ? 
# 
loop_
_struct_conn.id 
_struct_conn.conn_type_id 
_struct_conn.pdbx_leaving_atom_flag 
_struct_conn.pdbx_PDB_id 
_struct_conn.ptnr1_label_asym_id 
_struct_conn.ptnr1_label_comp_id 
_struct_conn.ptnr1_label_seq_id 
_struct_conn.ptnr1_label_atom_id 
_struct_conn.pdbx_ptnr1_label_alt_id 
_struct_conn.pdbx_ptnr1_PDB_ins_code 
_struct_conn.pdbx_ptnr1_standard_comp_id 
_struct_conn.ptnr1_symmetry 
_struct_conn.ptnr2_label_asym_id 
_struct_conn.ptnr2_label_comp_id 
_struct_conn.ptnr2_label_seq_id 
_struct_conn.ptnr2_label_atom_id 
_struct_conn.pdbx_ptnr2_label_alt_id 
_struct_conn.pdbx_ptnr2_PDB_ins_code 
_struct_conn.ptnr1_auth_asym_id 
_struct_conn.ptnr1_auth_comp_id 
_struct_conn.ptnr1_auth_seq_id 
_struct_conn.ptnr2_auth_asym_id 
_struct_conn.ptnr2_auth_comp_id 
_struct_conn.ptnr2_auth_seq_id 
_struct_conn.ptnr2_symmetry 
_struct_conn.pdbx_ptnr3_label_atom_id 
_struct_conn.pdbx_ptnr3_label_seq_id 
_struct_conn.pdbx_ptnr3_label_comp_id 
_struct_conn.pdbx_ptnr3_label_asym_id 
_struct_conn.pdbx_ptnr3_label_alt_id 
_struct_conn.pdbx_ptnr3_PDB_ins_code 
_struct_conn.details 
_struct_conn.pdbx_dist_value 
_struct_conn.pdbx_value_order 
_struct_conn.pdbx_role 
metalc1  metalc ? ? A GLU 41  OE2 ? ? ? 1_555 B CA  . CA ? ? A GLU 18  A CA  201 1_555 ? ? ? ? ? ? ? 2.305 ? ? 
metalc2  metalc ? ? A GLU 43  OE1 ? ? ? 1_555 B CA  . CA ? ? A GLU 20  A CA  201 1_555 ? ? ? ? ? ? ? 2.395 ? ? 
metalc3  metalc ? ? A GLU 43  OE2 ? ? ? 1_555 B CA  . CA ? ? A GLU 20  A CA  201 1_555 ? ? ? ? ? ? ? 2.497 ? ? 
metalc4  metalc ? ? A THR 61  O   ? ? ? 1_555 B CA  . CA ? ? A THR 38  A CA  201 1_555 ? ? ? ? ? ? ? 2.454 ? ? 
metalc5  metalc ? ? A GLY 64  O   ? ? ? 1_555 B CA  . CA ? ? A GLY 41  A CA  201 1_555 ? ? ? ? ? ? ? 2.367 ? ? 
metalc6  metalc ? ? A ASN 67  OD1 ? ? ? 1_555 C CA  . CA ? ? A ASN 44  A CA  202 1_555 ? ? ? ? ? ? ? 2.331 ? ? 
metalc7  metalc ? ? A PHE 68  O   ? ? ? 1_555 C CA  . CA ? ? A PHE 45  A CA  202 1_555 ? ? ? ? ? ? ? 2.303 ? ? 
metalc8  metalc ? ? A GLU 152 OE1 ? ? ? 1_555 C CA  . CA ? ? A GLU 129 A CA  202 1_555 ? ? ? ? ? ? ? 2.555 ? ? 
metalc9  metalc ? ? A GLU 152 OE2 ? ? ? 1_555 C CA  . CA ? ? A GLU 129 A CA  202 1_555 ? ? ? ? ? ? ? 2.627 ? ? 
metalc10 metalc ? ? A ASP 157 OD1 ? ? ? 1_555 B CA  . CA ? ? A ASP 134 A CA  201 1_555 ? ? ? ? ? ? ? 2.321 ? ? 
metalc11 metalc ? ? A ASP 157 O   ? ? ? 1_555 B CA  . CA ? ? A ASP 134 A CA  201 1_555 ? ? ? ? ? ? ? 2.660 ? ? 
metalc12 metalc ? ? C CA  .   CA  ? ? ? 1_555 D GOL . O2 ? ? A CA  202 A GOL 203 1_555 ? ? ? ? ? ? ? 2.499 ? ? 
metalc13 metalc ? ? C CA  .   CA  ? ? ? 1_555 D GOL . O3 ? ? A CA  202 A GOL 203 1_555 ? ? ? ? ? ? ? 2.826 ? ? 
metalc14 metalc ? ? C CA  .   CA  ? ? ? 1_555 E HOH . O  ? ? A CA  202 A HOH 306 1_555 ? ? ? ? ? ? ? 2.496 ? ? 
metalc15 metalc ? ? C CA  .   CA  ? ? ? 1_555 E HOH . O  ? ? A CA  202 A HOH 313 1_555 ? ? ? ? ? ? ? 2.580 ? ? 
# 
_struct_conn_type.id          metalc 
_struct_conn_type.criteria    ? 
_struct_conn_type.reference   ? 
# 
loop_
_struct_sheet.id 
_struct_sheet.type 
_struct_sheet.number_strands 
_struct_sheet.details 
A ? 4 ? 
B ? 5 ? 
C ? 2 ? 
# 
loop_
_struct_sheet_order.sheet_id 
_struct_sheet_order.range_id_1 
_struct_sheet_order.range_id_2 
_struct_sheet_order.offset 
_struct_sheet_order.sense 
A 1 2 ? anti-parallel 
A 2 3 ? anti-parallel 
A 3 4 ? anti-parallel 
B 1 2 ? anti-parallel 
B 2 3 ? anti-parallel 
B 3 4 ? anti-parallel 
B 4 5 ? anti-parallel 
C 1 2 ? anti-parallel 
# 
loop_
_struct_sheet_range.sheet_id 
_struct_sheet_range.id 
_struct_sheet_range.beg_label_comp_id 
_struct_sheet_range.beg_label_asym_id 
_struct_sheet_range.beg_label_seq_id 
_struct_sheet_range.pdbx_beg_PDB_ins_code 
_struct_sheet_range.end_label_comp_id 
_struct_sheet_range.end_label_asym_id 
_struct_sheet_range.end_label_seq_id 
_struct_sheet_range.pdbx_end_PDB_ins_code 
_struct_sheet_range.beg_auth_comp_id 
_struct_sheet_range.beg_auth_asym_id 
_struct_sheet_range.beg_auth_seq_id 
_struct_sheet_range.end_auth_comp_id 
_struct_sheet_range.end_auth_asym_id 
_struct_sheet_range.end_auth_seq_id 
A 1 THR A 38  ? GLU A 41  ? THR A 15  GLU A 18  
A 2 ASN A 155 ? ALA A 163 ? ASN A 132 ALA A 140 
A 3 GLY A 87  ? ALA A 96  ? GLY A 64  ALA A 73  
A 4 TRP A 128 ? MET A 137 ? TRP A 105 MET A 114 
B 1 THR A 46  ? THR A 49  ? THR A 23  THR A 26  
B 2 THR A 72  ? ASN A 83  ? THR A 49  ASN A 60  
B 3 GLY A 140 ? THR A 149 ? GLY A 117 THR A 126 
B 4 ARG A 102 ? VAL A 108 ? ARG A 79  VAL A 85  
B 5 THR A 111 ? PHE A 119 ? THR A 88  PHE A 96  
C 1 ALA A 51  ? GLU A 54  ? ALA A 28  GLU A 31  
C 2 TYR A 65  ? PHE A 68  ? TYR A 42  PHE A 45  
# 
loop_
_pdbx_struct_sheet_hbond.sheet_id 
_pdbx_struct_sheet_hbond.range_id_1 
_pdbx_struct_sheet_hbond.range_id_2 
_pdbx_struct_sheet_hbond.range_1_label_atom_id 
_pdbx_struct_sheet_hbond.range_1_label_comp_id 
_pdbx_struct_sheet_hbond.range_1_label_asym_id 
_pdbx_struct_sheet_hbond.range_1_label_seq_id 
_pdbx_struct_sheet_hbond.range_1_PDB_ins_code 
_pdbx_struct_sheet_hbond.range_1_auth_atom_id 
_pdbx_struct_sheet_hbond.range_1_auth_comp_id 
_pdbx_struct_sheet_hbond.range_1_auth_asym_id 
_pdbx_struct_sheet_hbond.range_1_auth_seq_id 
_pdbx_struct_sheet_hbond.range_2_label_atom_id 
_pdbx_struct_sheet_hbond.range_2_label_comp_id 
_pdbx_struct_sheet_hbond.range_2_label_asym_id 
_pdbx_struct_sheet_hbond.range_2_label_seq_id 
_pdbx_struct_sheet_hbond.range_2_PDB_ins_code 
_pdbx_struct_sheet_hbond.range_2_auth_atom_id 
_pdbx_struct_sheet_hbond.range_2_auth_comp_id 
_pdbx_struct_sheet_hbond.range_2_auth_asym_id 
_pdbx_struct_sheet_hbond.range_2_auth_seq_id 
A 1 2 N TYR A 40  ? N TYR A 17  O ILE A 159 ? O ILE A 136 
A 2 3 O THR A 162 ? O THR A 139 N ASN A 90  ? N ASN A 67  
A 3 4 N LYS A 89  ? N LYS A 66  O VAL A 135 ? O VAL A 112 
B 1 2 N THR A 49  ? N THR A 26  O ALA A 75  ? O ALA A 52  
B 2 3 N TRP A 78  ? N TRP A 55  O LEU A 144 ? O LEU A 121 
B 3 4 O ARG A 145 ? O ARG A 122 N TYR A 107 ? N TYR A 84  
B 4 5 N LEU A 104 ? N LEU A 81  O GLU A 117 ? O GLU A 94  
C 1 2 N VAL A 52  ? N VAL A 29  O ASN A 67  ? O ASN A 44  
# 
loop_
_struct_site.id 
_struct_site.pdbx_evidence_code 
_struct_site.pdbx_auth_asym_id 
_struct_site.pdbx_auth_comp_id 
_struct_site.pdbx_auth_seq_id 
_struct_site.pdbx_auth_ins_code 
_struct_site.pdbx_num_residues 
_struct_site.details 
AC1 Software A CA  201 ? 5 'BINDING SITE FOR RESIDUE CA A 201'  
AC2 Software A CA  202 ? 6 'BINDING SITE FOR RESIDUE CA A 202'  
AC3 Software A GOL 203 ? 8 'BINDING SITE FOR RESIDUE GOL A 203' 
# 
loop_
_struct_site_gen.id 
_struct_site_gen.site_id 
_struct_site_gen.pdbx_num_res 
_struct_site_gen.label_comp_id 
_struct_site_gen.label_asym_id 
_struct_site_gen.label_seq_id 
_struct_site_gen.pdbx_auth_ins_code 
_struct_site_gen.auth_comp_id 
_struct_site_gen.auth_asym_id 
_struct_site_gen.auth_seq_id 
_struct_site_gen.label_atom_id 
_struct_site_gen.label_alt_id 
_struct_site_gen.symmetry 
_struct_site_gen.details 
1  AC1 5 GLU A 41  ? GLU A 18  . ? 1_555 ? 
2  AC1 5 GLU A 43  ? GLU A 20  . ? 1_555 ? 
3  AC1 5 THR A 61  ? THR A 38  . ? 1_555 ? 
4  AC1 5 GLY A 64  ? GLY A 41  . ? 1_555 ? 
5  AC1 5 ASP A 157 ? ASP A 134 . ? 1_555 ? 
6  AC2 6 ASN A 67  ? ASN A 44  . ? 1_555 ? 
7  AC2 6 PHE A 68  ? PHE A 45  . ? 1_555 ? 
8  AC2 6 GLU A 152 ? GLU A 129 . ? 1_555 ? 
9  AC2 6 GOL D .   ? GOL A 203 . ? 1_555 ? 
10 AC2 6 HOH E .   ? HOH A 306 . ? 1_555 ? 
11 AC2 6 HOH E .   ? HOH A 313 . ? 1_555 ? 
12 AC3 8 TYR A 57  ? TYR A 34  . ? 1_555 ? 
13 AC3 8 ASN A 67  ? ASN A 44  . ? 1_555 ? 
14 AC3 8 ARG A 102 ? ARG A 79  . ? 1_555 ? 
15 AC3 8 TRP A 125 ? TRP A 102 . ? 1_555 ? 
16 AC3 8 GLU A 152 ? GLU A 129 . ? 1_555 ? 
17 AC3 8 ASN A 155 ? ASN A 132 . ? 1_555 ? 
18 AC3 8 CA  C .   ? CA  A 202 . ? 1_555 ? 
19 AC3 8 HOH E .   ? HOH A 306 . ? 1_555 ? 
# 
_atom_sites.entry_id                    4QB1 
_atom_sites.fract_transf_matrix[1][1]   0.00201012 
_atom_sites.fract_transf_matrix[1][2]   -0.02034615 
_atom_sites.fract_transf_matrix[1][3]   0.01503957 
_atom_sites.fract_transf_matrix[2][1]   0.00231929 
_atom_sites.fract_transf_matrix[2][2]   -0.01230264 
_atom_sites.fract_transf_matrix[2][3]   -0.01695351 
_atom_sites.fract_transf_matrix[3][1]   0.00961736 
_atom_sites.fract_transf_matrix[3][2]   0.00125142 
_atom_sites.fract_transf_matrix[3][3]   0.00040757 
_atom_sites.fract_transf_vector[1]      -0.089267 
_atom_sites.fract_transf_vector[2]      0.297268 
_atom_sites.fract_transf_vector[3]      -0.134113 
# 
loop_
_atom_type.symbol 
C  
CA 
N  
O  
S  
# 
loop_
_atom_site.group_PDB 
_atom_site.id 
_atom_site.type_symbol 
_atom_site.label_atom_id 
_atom_site.label_alt_id 
_atom_site.label_comp_id 
_atom_site.label_asym_id 
_atom_site.label_entity_id 
_atom_site.label_seq_id 
_atom_site.pdbx_PDB_ins_code 
_atom_site.Cartn_x 
_atom_site.Cartn_y 
_atom_site.Cartn_z 
_atom_site.occupancy 
_atom_site.B_iso_or_equiv 
_atom_site.pdbx_formal_charge 
_atom_site.auth_seq_id 
_atom_site.auth_comp_id 
_atom_site.auth_asym_id 
_atom_site.auth_atom_id 
_atom_site.pdbx_PDB_model_num 
ATOM   1    N  N   . GLY A 1 37  ? 5.574   13.425  8.711   1.00 30.09 ? 14  GLY A N   1 
ATOM   2    C  CA  . GLY A 1 37  ? 5.213   12.364  7.734   1.00 28.37 ? 14  GLY A CA  1 
ATOM   3    C  C   . GLY A 1 37  ? 4.484   12.936  6.539   1.00 27.30 ? 14  GLY A C   1 
ATOM   4    O  O   . GLY A 1 37  ? 4.000   14.061  6.590   1.00 28.95 ? 14  GLY A O   1 
ATOM   5    N  N   . THR A 1 38  ? 4.420   12.168  5.456   1.00 24.59 ? 15  THR A N   1 
ATOM   6    C  CA  . THR A 1 38  ? 3.664   12.556  4.270   1.00 21.51 ? 15  THR A CA  1 
ATOM   7    C  C   . THR A 1 38  ? 2.717   11.429  3.898   1.00 19.53 ? 15  THR A C   1 
ATOM   8    O  O   . THR A 1 38  ? 3.131   10.274  3.783   1.00 17.12 ? 15  THR A O   1 
ATOM   9    C  CB  . THR A 1 38  ? 4.607   12.828  3.079   1.00 22.18 ? 15  THR A CB  1 
ATOM   10   O  OG1 . THR A 1 38  ? 5.615   13.760  3.478   1.00 22.89 ? 15  THR A OG1 1 
ATOM   11   C  CG2 . THR A 1 38  ? 3.849   13.392  1.881   1.00 21.64 ? 15  THR A CG2 1 
ATOM   12   N  N   . THR A 1 39  ? 1.454   11.778  3.680   1.00 18.20 ? 16  THR A N   1 
ATOM   13   C  CA  . THR A 1 39  ? 0.431   10.819  3.273   1.00 17.66 ? 16  THR A CA  1 
ATOM   14   C  C   . THR A 1 39  ? 0.283   10.838  1.755   1.00 17.22 ? 16  THR A C   1 
ATOM   15   O  O   . THR A 1 39  ? 0.145   11.915  1.163   1.00 16.74 ? 16  THR A O   1 
ATOM   16   C  CB  . THR A 1 39  ? -0.905  11.120  3.983   1.00 17.48 ? 16  THR A CB  1 
ATOM   17   O  OG1 . THR A 1 39  ? -0.744  10.817  5.360   1.00 18.19 ? 16  THR A OG1 1 
ATOM   18   C  CG2 . THR A 1 39  ? -2.033  10.265  3.450   1.00 16.97 ? 16  THR A CG2 1 
ATOM   19   N  N   . TYR A 1 40  ? 0.361   9.653   1.140   1.00 16.20 ? 17  TYR A N   1 
ATOM   20   C  CA  . TYR A 1 40  ? 0.217   9.480   -0.300  1.00 16.15 ? 17  TYR A CA  1 
ATOM   21   C  C   . TYR A 1 40  ? -1.001  8.602   -0.534  1.00 16.09 ? 17  TYR A C   1 
ATOM   22   O  O   . TYR A 1 40  ? -1.069  7.466   -0.029  1.00 16.28 ? 17  TYR A O   1 
ATOM   23   C  CB  . TYR A 1 40  ? 1.449   8.790   -0.920  1.00 16.49 ? 17  TYR A CB  1 
ATOM   24   C  CG  . TYR A 1 40  ? 2.766   9.499   -0.668  1.00 16.72 ? 17  TYR A CG  1 
ATOM   25   C  CD1 . TYR A 1 40  ? 3.495   9.262   0.493   1.00 16.69 ? 17  TYR A CD1 1 
ATOM   26   C  CD2 . TYR A 1 40  ? 3.278   10.410  -1.590  1.00 17.04 ? 17  TYR A CD2 1 
ATOM   27   C  CE1 . TYR A 1 40  ? 4.701   9.900   0.730   1.00 16.83 ? 17  TYR A CE1 1 
ATOM   28   C  CE2 . TYR A 1 40  ? 4.486   11.061  -1.360  1.00 17.07 ? 17  TYR A CE2 1 
ATOM   29   C  CZ  . TYR A 1 40  ? 5.194   10.797  -0.210  1.00 16.86 ? 17  TYR A CZ  1 
ATOM   30   O  OH  . TYR A 1 40  ? 6.378   11.443  0.032   1.00 16.89 ? 17  TYR A OH  1 
ATOM   31   N  N   . GLU A 1 41  ? -1.967  9.124   -1.273  1.00 15.75 ? 18  GLU A N   1 
ATOM   32   C  CA  . GLU A 1 41  ? -3.171  8.371   -1.593  1.00 15.94 ? 18  GLU A CA  1 
ATOM   33   C  C   . GLU A 1 41  ? -2.856  7.207   -2.537  1.00 15.80 ? 18  GLU A C   1 
ATOM   34   O  O   . GLU A 1 41  ? -1.962  7.297   -3.384  1.00 15.54 ? 18  GLU A O   1 
ATOM   35   C  CB  . GLU A 1 41  ? -4.233  9.288   -2.221  1.00 16.11 ? 18  GLU A CB  1 
ATOM   36   C  CG  . GLU A 1 41  ? -4.801  10.352  -1.292  1.00 15.93 ? 18  GLU A CG  1 
ATOM   37   C  CD  . GLU A 1 41  ? -5.478  9.795   -0.056  1.00 16.20 ? 18  GLU A CD  1 
ATOM   38   O  OE1 . GLU A 1 41  ? -5.609  10.552  0.915   1.00 16.73 ? 18  GLU A OE1 1 
ATOM   39   O  OE2 . GLU A 1 41  ? -5.892  8.616   -0.032  1.00 16.26 ? 18  GLU A OE2 1 
ATOM   40   N  N   . ALA A 1 42  ? -3.563  6.097   -2.351  1.00 16.12 ? 19  ALA A N   1 
ATOM   41   C  CA  . ALA A 1 42  ? -3.397  4.918   -3.213  1.00 16.48 ? 19  ALA A CA  1 
ATOM   42   C  C   . ALA A 1 42  ? -3.942  5.194   -4.612  1.00 16.56 ? 19  ALA A C   1 
ATOM   43   O  O   . ALA A 1 42  ? -3.412  4.691   -5.616  1.00 16.12 ? 19  ALA A O   1 
ATOM   44   C  CB  . ALA A 1 42  ? -4.099  3.702   -2.609  1.00 16.22 ? 19  ALA A CB  1 
ATOM   45   N  N   . GLU A 1 43  ? -4.987  6.014   -4.652  1.00 17.20 ? 20  GLU A N   1 
ATOM   46   C  CA  . GLU A 1 43  ? -5.778  6.261   -5.857  1.00 18.85 ? 20  GLU A CA  1 
ATOM   47   C  C   . GLU A 1 43  ? -5.240  7.349   -6.788  1.00 21.57 ? 20  GLU A C   1 
ATOM   48   O  O   . GLU A 1 43  ? -5.707  7.454   -7.921  1.00 22.52 ? 20  GLU A O   1 
ATOM   49   C  CB  . GLU A 1 43  ? -7.232  6.623   -5.495  1.00 17.43 ? 20  GLU A CB  1 
ATOM   50   C  CG  . GLU A 1 43  ? -7.389  7.917   -4.706  1.00 16.56 ? 20  GLU A CG  1 
ATOM   51   C  CD  . GLU A 1 43  ? -7.327  7.720   -3.196  1.00 16.20 ? 20  GLU A CD  1 
ATOM   52   O  OE1 . GLU A 1 43  ? -6.805  6.655   -2.708  1.00 14.40 ? 20  GLU A OE1 1 
ATOM   53   O  OE2 . GLU A 1 43  ? -7.817  8.635   -2.480  1.00 15.03 ? 20  GLU A OE2 1 
ATOM   54   N  N   . THR A 1 44  ? -4.299  8.166   -6.311  1.00 24.30 ? 21  THR A N   1 
ATOM   55   C  CA  . THR A 1 44  ? -3.715  9.243   -7.124  1.00 26.53 ? 21  THR A CA  1 
ATOM   56   C  C   . THR A 1 44  ? -2.195  9.220   -6.968  1.00 26.08 ? 21  THR A C   1 
ATOM   57   O  O   . THR A 1 44  ? -1.675  8.862   -5.911  1.00 27.75 ? 21  THR A O   1 
ATOM   58   C  CB  . THR A 1 44  ? -4.291  10.641  -6.750  1.00 28.57 ? 21  THR A CB  1 
ATOM   59   O  OG1 . THR A 1 44  ? -4.431  10.757  -5.330  1.00 29.85 ? 21  THR A OG1 1 
ATOM   60   C  CG2 . THR A 1 44  ? -5.659  10.849  -7.363  1.00 29.57 ? 21  THR A CG2 1 
ATOM   61   N  N   . GLY A 1 45  ? -1.487  9.575   -8.033  1.00 25.68 ? 22  GLY A N   1 
ATOM   62   C  CA  . GLY A 1 45  ? -0.009  9.540   -8.043  1.00 25.12 ? 22  GLY A CA  1 
ATOM   63   C  C   . GLY A 1 45  ? 0.563   8.134   -8.170  1.00 25.15 ? 22  GLY A C   1 
ATOM   64   O  O   . GLY A 1 45  ? 1.759   7.890   -7.860  1.00 24.74 ? 22  GLY A O   1 
ATOM   65   N  N   . THR A 1 46  ? -0.283  7.203   -8.626  1.00 22.82 ? 23  THR A N   1 
ATOM   66   C  CA  . THR A 1 46  ? 0.080   5.788   -8.669  1.00 21.04 ? 23  THR A CA  1 
ATOM   67   C  C   . THR A 1 46  ? -0.185  5.184   -10.047 1.00 19.98 ? 23  THR A C   1 
ATOM   68   O  O   . THR A 1 46  ? -1.026  5.662   -10.805 1.00 19.00 ? 23  THR A O   1 
ATOM   69   C  CB  . THR A 1 46  ? -0.703  4.950   -7.626  1.00 20.15 ? 23  THR A CB  1 
ATOM   70   O  OG1 . THR A 1 46  ? -2.113  5.096   -7.835  1.00 19.04 ? 23  THR A OG1 1 
ATOM   71   C  CG2 . THR A 1 46  ? -0.350  5.362   -6.204  1.00 19.99 ? 23  THR A CG2 1 
ATOM   72   N  N   . THR A 1 47  ? 0.541   4.117   -10.343 1.00 18.99 ? 24  THR A N   1 
ATOM   73   C  CA  . THR A 1 47  ? 0.253   3.264   -11.482 1.00 17.93 ? 24  THR A CA  1 
ATOM   74   C  C   . THR A 1 47  ? -0.364  1.950   -10.986 1.00 16.82 ? 24  THR A C   1 
ATOM   75   O  O   . THR A 1 47  ? 0.224   1.244   -10.167 1.00 15.73 ? 24  THR A O   1 
ATOM   76   C  CB  . THR A 1 47  ? 1.539   2.982   -12.273 1.00 18.26 ? 24  THR A CB  1 
ATOM   77   O  OG1 . THR A 1 47  ? 2.090   4.229   -12.708 1.00 17.81 ? 24  THR A OG1 1 
ATOM   78   C  CG2 . THR A 1 47  ? 1.254   2.074   -13.483 1.00 18.32 ? 24  THR A CG2 1 
ATOM   79   N  N   . LEU A 1 48  ? -1.548  1.641   -11.505 1.00 16.38 ? 25  LEU A N   1 
ATOM   80   C  CA  . LEU A 1 48  ? -2.302  0.446   -11.129 1.00 16.25 ? 25  LEU A CA  1 
ATOM   81   C  C   . LEU A 1 48  ? -2.176  -0.662  -12.167 1.00 16.38 ? 25  LEU A C   1 
ATOM   82   O  O   . LEU A 1 48  ? -2.227  -0.412  -13.360 1.00 15.98 ? 25  LEU A O   1 
ATOM   83   C  CB  . LEU A 1 48  ? -3.782  0.806   -10.953 1.00 15.93 ? 25  LEU A CB  1 
ATOM   84   C  CG  . LEU A 1 48  ? -4.049  1.988   -10.002 1.00 15.73 ? 25  LEU A CG  1 
ATOM   85   C  CD1 . LEU A 1 48  ? -5.545  2.195   -9.790  1.00 15.49 ? 25  LEU A CD1 1 
ATOM   86   C  CD2 . LEU A 1 48  ? -3.338  1.785   -8.667  1.00 15.64 ? 25  LEU A CD2 1 
ATOM   87   N  N   . THR A 1 49  ? -2.026  -1.894  -11.699 1.00 16.58 ? 26  THR A N   1 
ATOM   88   C  CA  . THR A 1 49  ? -1.989  -3.049  -12.571 1.00 16.47 ? 26  THR A CA  1 
ATOM   89   C  C   . THR A 1 49  ? -3.059  -3.995  -12.062 1.00 16.17 ? 26  THR A C   1 
ATOM   90   O  O   . THR A 1 49  ? -2.961  -4.492  -10.918 1.00 15.00 ? 26  THR A O   1 
ATOM   91   C  CB  . THR A 1 49  ? -0.607  -3.745  -12.539 1.00 16.89 ? 26  THR A CB  1 
ATOM   92   O  OG1 . THR A 1 49  ? 0.423   -2.801  -12.840 1.00 16.48 ? 26  THR A OG1 1 
ATOM   93   C  CG2 . THR A 1 49  ? -0.546  -4.879  -13.555 1.00 17.40 ? 26  THR A CG2 1 
ATOM   94   N  N   . ASP A 1 50  ? -4.081  -4.242  -12.887 1.00 15.62 ? 27  ASP A N   1 
ATOM   95   C  CA  . ASP A 1 50  ? -5.201  -5.124  -12.501 1.00 16.30 ? 27  ASP A CA  1 
ATOM   96   C  C   . ASP A 1 50  ? -5.773  -4.763  -11.126 1.00 15.44 ? 27  ASP A C   1 
ATOM   97   O  O   . ASP A 1 50  ? -5.925  -5.603  -10.244 1.00 16.10 ? 27  ASP A O   1 
ATOM   98   C  CB  . ASP A 1 50  ? -4.746  -6.587  -12.523 1.00 17.36 ? 27  ASP A CB  1 
ATOM   99   C  CG  . ASP A 1 50  ? -4.632  -7.122  -13.924 1.00 18.73 ? 27  ASP A CG  1 
ATOM   100  O  OD1 . ASP A 1 50  ? -5.678  -7.256  -14.576 1.00 21.38 ? 27  ASP A OD1 1 
ATOM   101  O  OD2 . ASP A 1 50  ? -3.518  -7.424  -14.368 1.00 19.77 ? 27  ASP A OD2 1 
ATOM   102  N  N   . ALA A 1 51  ? -6.077  -3.493  -10.972 1.00 15.20 ? 28  ALA A N   1 
ATOM   103  C  CA  . ALA A 1 51  ? -6.540  -2.908  -9.720  1.00 15.96 ? 28  ALA A CA  1 
ATOM   104  C  C   . ALA A 1 51  ? -7.255  -1.625  -10.126 1.00 15.96 ? 28  ALA A C   1 
ATOM   105  O  O   . ALA A 1 51  ? -6.824  -0.960  -11.063 1.00 15.54 ? 28  ALA A O   1 
ATOM   106  C  CB  . ALA A 1 51  ? -5.362  -2.608  -8.796  1.00 15.46 ? 28  ALA A CB  1 
ATOM   107  N  N   . VAL A 1 52  ? -8.354  -1.300  -9.454  1.00 16.77 ? 29  VAL A N   1 
ATOM   108  C  CA  . VAL A 1 52  ? -9.199  -0.164  -9.848  1.00 17.27 ? 29  VAL A CA  1 
ATOM   109  C  C   . VAL A 1 52  ? -9.481  0.761   -8.651  1.00 17.54 ? 29  VAL A C   1 
ATOM   110  O  O   . VAL A 1 52  ? -9.483  0.320   -7.491  1.00 16.11 ? 29  VAL A O   1 
ATOM   111  C  CB  . VAL A 1 52  ? -10.554 -0.625  -10.450 1.00 17.84 ? 29  VAL A CB  1 
ATOM   112  C  CG1 . VAL A 1 52  ? -10.361 -1.312  -11.811 1.00 18.38 ? 29  VAL A CG1 1 
ATOM   113  C  CG2 . VAL A 1 52  ? -11.303 -1.531  -9.480  1.00 17.74 ? 29  VAL A CG2 1 
ATOM   114  N  N   . VAL A 1 53  ? -9.715  2.037   -8.944  1.00 17.05 ? 30  VAL A N   1 
ATOM   115  C  CA  . VAL A 1 53  ? -10.120 3.000   -7.924  1.00 18.60 ? 30  VAL A CA  1 
ATOM   116  C  C   . VAL A 1 53  ? -11.620 2.819   -7.639  1.00 19.02 ? 30  VAL A C   1 
ATOM   117  O  O   . VAL A 1 53  ? -12.422 2.817   -8.569  1.00 18.95 ? 30  VAL A O   1 
ATOM   118  C  CB  . VAL A 1 53  ? -9.816  4.449   -8.362  1.00 18.79 ? 30  VAL A CB  1 
ATOM   119  C  CG1 . VAL A 1 53  ? -10.377 5.461   -7.359  1.00 18.85 ? 30  VAL A CG1 1 
ATOM   120  C  CG2 . VAL A 1 53  ? -8.311  4.629   -8.519  1.00 18.73 ? 30  VAL A CG2 1 
ATOM   121  N  N   . GLU A 1 54  ? -11.984 2.639   -6.366  1.00 19.14 ? 31  GLU A N   1 
ATOM   122  C  CA  . GLU A 1 54  ? -13.400 2.525   -5.969  1.00 19.57 ? 31  GLU A CA  1 
ATOM   123  C  C   . GLU A 1 54  ? -13.764 3.385   -4.774  1.00 19.76 ? 31  GLU A C   1 
ATOM   124  O  O   . GLU A 1 54  ? -12.898 3.848   -4.021  1.00 18.84 ? 31  GLU A O   1 
ATOM   125  C  CB  . GLU A 1 54  ? -13.768 1.064   -5.692  1.00 20.25 ? 31  GLU A CB  1 
ATOM   126  C  CG  . GLU A 1 54  ? -13.754 0.249   -6.973  1.00 20.92 ? 31  GLU A CG  1 
ATOM   127  C  CD  . GLU A 1 54  ? -14.161 -1.200  -6.787  1.00 22.07 ? 31  GLU A CD  1 
ATOM   128  O  OE1 . GLU A 1 54  ? -14.147 -1.722  -5.633  1.00 20.49 ? 31  GLU A OE1 1 
ATOM   129  O  OE2 . GLU A 1 54  ? -14.489 -1.801  -7.830  1.00 22.36 ? 31  GLU A OE2 1 
ATOM   130  N  N   . THR A 1 55  ? -15.069 3.602   -4.617  1.00 20.63 ? 32  THR A N   1 
ATOM   131  C  CA  . THR A 1 55  ? -15.605 4.410   -3.521  1.00 20.81 ? 32  THR A CA  1 
ATOM   132  C  C   . THR A 1 55  ? -16.785 3.738   -2.806  1.00 20.99 ? 32  THR A C   1 
ATOM   133  O  O   . THR A 1 55  ? -17.465 4.362   -1.999  1.00 20.82 ? 32  THR A O   1 
ATOM   134  C  CB  . THR A 1 55  ? -16.040 5.792   -4.041  1.00 20.55 ? 32  THR A CB  1 
ATOM   135  O  OG1 . THR A 1 55  ? -17.113 5.630   -4.972  1.00 20.76 ? 32  THR A OG1 1 
ATOM   136  C  CG2 . THR A 1 55  ? -14.881 6.497   -4.728  1.00 20.63 ? 32  THR A CG2 1 
ATOM   137  N  N   . LEU A 1 56  ? -17.002 2.455   -3.068  1.00 22.10 ? 33  LEU A N   1 
ATOM   138  C  CA  . LEU A 1 56  ? -18.162 1.748   -2.520  1.00 21.78 ? 33  LEU A CA  1 
ATOM   139  C  C   . LEU A 1 56  ? -18.206 1.754   -0.990  1.00 20.59 ? 33  LEU A C   1 
ATOM   140  O  O   . LEU A 1 56  ? -19.259 2.009   -0.410  1.00 20.87 ? 33  LEU A O   1 
ATOM   141  C  CB  . LEU A 1 56  ? -18.201 0.305   -3.031  1.00 22.31 ? 33  LEU A CB  1 
ATOM   142  C  CG  . LEU A 1 56  ? -19.339 -0.580  -2.496  1.00 23.03 ? 33  LEU A CG  1 
ATOM   143  C  CD1 . LEU A 1 56  ? -20.714 -0.055  -2.904  1.00 23.20 ? 33  LEU A CD1 1 
ATOM   144  C  CD2 . LEU A 1 56  ? -19.127 -2.008  -2.979  1.00 22.97 ? 33  LEU A CD2 1 
ATOM   145  N  N   . TYR A 1 57  ? -17.080 1.451   -0.341  1.00 19.30 ? 34  TYR A N   1 
ATOM   146  C  CA  . TYR A 1 57  ? -17.026 1.403   1.131   1.00 17.94 ? 34  TYR A CA  1 
ATOM   147  C  C   . TYR A 1 57  ? -16.565 2.738   1.672   1.00 16.92 ? 34  TYR A C   1 
ATOM   148  O  O   . TYR A 1 57  ? -15.533 3.255   1.234   1.00 17.53 ? 34  TYR A O   1 
ATOM   149  C  CB  . TYR A 1 57  ? -16.147 0.249   1.636   1.00 17.55 ? 34  TYR A CB  1 
ATOM   150  C  CG  . TYR A 1 57  ? -16.734 -1.082  1.244   1.00 17.28 ? 34  TYR A CG  1 
ATOM   151  C  CD1 . TYR A 1 57  ? -17.931 -1.518  1.796   1.00 17.59 ? 34  TYR A CD1 1 
ATOM   152  C  CD2 . TYR A 1 57  ? -16.131 -1.875  0.259   1.00 17.67 ? 34  TYR A CD2 1 
ATOM   153  C  CE1 . TYR A 1 57  ? -18.501 -2.730  1.418   1.00 17.64 ? 34  TYR A CE1 1 
ATOM   154  C  CE2 . TYR A 1 57  ? -16.690 -3.075  -0.141  1.00 17.13 ? 34  TYR A CE2 1 
ATOM   155  C  CZ  . TYR A 1 57  ? -17.876 -3.495  0.434   1.00 17.81 ? 34  TYR A CZ  1 
ATOM   156  O  OH  . TYR A 1 57  ? -18.412 -4.688  0.054   1.00 17.43 ? 34  TYR A OH  1 
ATOM   157  N  N   . PRO A 1 58  ? -17.341 3.316   2.613   1.00 16.05 ? 35  PRO A N   1 
ATOM   158  C  CA  . PRO A 1 58  ? -17.035 4.639   3.121   1.00 15.60 ? 35  PRO A CA  1 
ATOM   159  C  C   . PRO A 1 58  ? -15.919 4.615   4.156   1.00 15.24 ? 35  PRO A C   1 
ATOM   160  O  O   . PRO A 1 58  ? -15.629 3.564   4.741   1.00 14.56 ? 35  PRO A O   1 
ATOM   161  C  CB  . PRO A 1 58  ? -18.366 5.088   3.745   1.00 15.96 ? 35  PRO A CB  1 
ATOM   162  C  CG  . PRO A 1 58  ? -19.000 3.814   4.206   1.00 15.78 ? 35  PRO A CG  1 
ATOM   163  C  CD  . PRO A 1 58  ? -18.580 2.770   3.212   1.00 16.07 ? 35  PRO A CD  1 
ATOM   164  N  N   . GLY A 1 59  ? -15.292 5.772   4.358   1.00 15.01 ? 36  GLY A N   1 
ATOM   165  C  CA  . GLY A 1 59  ? -14.261 5.925   5.381   1.00 15.56 ? 36  GLY A CA  1 
ATOM   166  C  C   . GLY A 1 59  ? -12.868 6.182   4.848   1.00 16.06 ? 36  GLY A C   1 
ATOM   167  O  O   . GLY A 1 59  ? -11.957 6.468   5.627   1.00 16.45 ? 36  GLY A O   1 
ATOM   168  N  N   . TYR A 1 60  ? -12.711 6.122   3.523   1.00 15.95 ? 37  TYR A N   1 
ATOM   169  C  CA  . TYR A 1 60  ? -11.409 6.364   2.878   1.00 15.72 ? 37  TYR A CA  1 
ATOM   170  C  C   . TYR A 1 60  ? -11.044 7.855   2.957   1.00 15.89 ? 37  TYR A C   1 
ATOM   171  O  O   . TYR A 1 60  ? -11.915 8.694   3.122   1.00 15.11 ? 37  TYR A O   1 
ATOM   172  C  CB  . TYR A 1 60  ? -11.422 5.905   1.411   1.00 14.79 ? 37  TYR A CB  1 
ATOM   173  C  CG  . TYR A 1 60  ? -12.575 6.466   0.609   1.00 14.41 ? 37  TYR A CG  1 
ATOM   174  C  CD1 . TYR A 1 60  ? -12.508 7.754   0.039   1.00 14.46 ? 37  TYR A CD1 1 
ATOM   175  C  CD2 . TYR A 1 60  ? -13.749 5.744   0.461   1.00 14.14 ? 37  TYR A CD2 1 
ATOM   176  C  CE1 . TYR A 1 60  ? -13.566 8.279   -0.668  1.00 13.78 ? 37  TYR A CE1 1 
ATOM   177  C  CE2 . TYR A 1 60  ? -14.825 6.264   -0.226  1.00 14.09 ? 37  TYR A CE2 1 
ATOM   178  C  CZ  . TYR A 1 60  ? -14.723 7.528   -0.801  1.00 13.87 ? 37  TYR A CZ  1 
ATOM   179  O  OH  . TYR A 1 60  ? -15.780 8.035   -1.499  1.00 13.35 ? 37  TYR A OH  1 
ATOM   180  N  N   . THR A 1 61  ? -9.747  8.154   2.860   1.00 16.44 ? 38  THR A N   1 
ATOM   181  C  CA  . THR A 1 61  ? -9.261  9.516   2.683   1.00 16.67 ? 38  THR A CA  1 
ATOM   182  C  C   . THR A 1 61  ? -9.127  9.811   1.179   1.00 16.95 ? 38  THR A C   1 
ATOM   183  O  O   . THR A 1 61  ? -9.091  8.892   0.333   1.00 17.28 ? 38  THR A O   1 
ATOM   184  C  CB  . THR A 1 61  ? -7.902  9.728   3.397   1.00 17.24 ? 38  THR A CB  1 
ATOM   185  O  OG1 . THR A 1 61  ? -6.893  8.918   2.786   1.00 18.17 ? 38  THR A OG1 1 
ATOM   186  C  CG2 . THR A 1 61  ? -7.989  9.324   4.846   1.00 17.74 ? 38  THR A CG2 1 
ATOM   187  N  N   . GLY A 1 62  ? -9.054  11.088  0.839   1.00 16.67 ? 39  GLY A N   1 
ATOM   188  C  CA  . GLY A 1 62  ? -8.948  11.489  -0.547  1.00 16.88 ? 39  GLY A CA  1 
ATOM   189  C  C   . GLY A 1 62  ? -10.201 11.138  -1.313  1.00 17.22 ? 39  GLY A C   1 
ATOM   190  O  O   . GLY A 1 62  ? -11.308 11.181  -0.773  1.00 17.90 ? 39  GLY A O   1 
ATOM   191  N  N   . SER A 1 63  ? -10.015 10.769  -2.571  1.00 17.50 ? 40  SER A N   1 
ATOM   192  C  CA  . SER A 1 63  ? -11.116 10.554  -3.508  1.00 18.08 ? 40  SER A CA  1 
ATOM   193  C  C   . SER A 1 63  ? -11.566 9.092   -3.594  1.00 17.15 ? 40  SER A C   1 
ATOM   194  O  O   . SER A 1 63  ? -12.551 8.794   -4.260  1.00 17.42 ? 40  SER A O   1 
ATOM   195  C  CB  . SER A 1 63  ? -10.709 11.074  -4.890  1.00 18.22 ? 40  SER A CB  1 
ATOM   196  O  OG  . SER A 1 63  ? -9.428  10.553  -5.242  1.00 19.69 ? 40  SER A OG  1 
ATOM   197  N  N   . GLY A 1 64  ? -10.881 8.177   -2.908  1.00 16.09 ? 41  GLY A N   1 
ATOM   198  C  CA  . GLY A 1 64  ? -11.294 6.768   -2.962  1.00 15.58 ? 41  GLY A CA  1 
ATOM   199  C  C   . GLY A 1 64  ? -10.286 5.830   -2.328  1.00 15.29 ? 41  GLY A C   1 
ATOM   200  O  O   . GLY A 1 64  ? -9.585  6.208   -1.384  1.00 14.24 ? 41  GLY A O   1 
ATOM   201  N  N   . TYR A 1 65  ? -10.217 4.613   -2.863  1.00 14.86 ? 42  TYR A N   1 
ATOM   202  C  CA  . TYR A 1 65  ? -9.223  3.619   -2.457  1.00 14.94 ? 42  TYR A CA  1 
ATOM   203  C  C   . TYR A 1 65  ? -8.994  2.713   -3.659  1.00 15.30 ? 42  TYR A C   1 
ATOM   204  O  O   . TYR A 1 65  ? -9.698  2.829   -4.655  1.00 15.51 ? 42  TYR A O   1 
ATOM   205  C  CB  . TYR A 1 65  ? -9.703  2.801   -1.250  1.00 14.50 ? 42  TYR A CB  1 
ATOM   206  C  CG  . TYR A 1 65  ? -11.062 2.144   -1.454  1.00 14.03 ? 42  TYR A CG  1 
ATOM   207  C  CD1 . TYR A 1 65  ? -11.186 0.907   -2.090  1.00 13.90 ? 42  TYR A CD1 1 
ATOM   208  C  CD2 . TYR A 1 65  ? -12.217 2.766   -1.018  1.00 13.70 ? 42  TYR A CD2 1 
ATOM   209  C  CE1 . TYR A 1 65  ? -12.428 0.322   -2.281  1.00 13.48 ? 42  TYR A CE1 1 
ATOM   210  C  CE2 . TYR A 1 65  ? -13.458 2.184   -1.201  1.00 13.47 ? 42  TYR A CE2 1 
ATOM   211  C  CZ  . TYR A 1 65  ? -13.561 0.971   -1.830  1.00 13.28 ? 42  TYR A CZ  1 
ATOM   212  O  OH  . TYR A 1 65  ? -14.817 0.433   -2.003  1.00 12.93 ? 42  TYR A OH  1 
ATOM   213  N  N   . VAL A 1 66  ? -8.020  1.812   -3.548  1.00 15.47 ? 43  VAL A N   1 
ATOM   214  C  CA  . VAL A 1 66  ? -7.690  0.868   -4.617  1.00 14.62 ? 43  VAL A CA  1 
ATOM   215  C  C   . VAL A 1 66  ? -8.124  -0.537  -4.249  1.00 14.67 ? 43  VAL A C   1 
ATOM   216  O  O   . VAL A 1 66  ? -7.820  -1.055  -3.155  1.00 14.00 ? 43  VAL A O   1 
ATOM   217  C  CB  . VAL A 1 66  ? -6.181  0.880   -4.960  1.00 14.96 ? 43  VAL A CB  1 
ATOM   218  C  CG1 . VAL A 1 66  ? -5.835  -0.222  -5.961  1.00 15.13 ? 43  VAL A CG1 1 
ATOM   219  C  CG2 . VAL A 1 66  ? -5.791  2.253   -5.514  1.00 15.38 ? 43  VAL A CG2 1 
ATOM   220  N  N   . ASN A 1 67  ? -8.851  -1.135  -5.190  1.00 14.02 ? 44  ASN A N   1 
ATOM   221  C  CA  . ASN A 1 67  ? -9.288  -2.475  -5.089  1.00 14.28 ? 44  ASN A CA  1 
ATOM   222  C  C   . ASN A 1 67  ? -8.419  -3.300  -6.032  1.00 14.48 ? 44  ASN A C   1 
ATOM   223  O  O   . ASN A 1 67  ? -8.383  -3.031  -7.236  1.00 13.89 ? 44  ASN A O   1 
ATOM   224  C  CB  . ASN A 1 67  ? -10.775 -2.574  -5.455  1.00 14.08 ? 44  ASN A CB  1 
ATOM   225  C  CG  . ASN A 1 67  ? -11.298 -3.974  -5.319  1.00 13.49 ? 44  ASN A CG  1 
ATOM   226  O  OD1 . ASN A 1 67  ? -10.519 -4.909  -5.244  1.00 13.82 ? 44  ASN A OD1 1 
ATOM   227  N  ND2 . ASN A 1 67  ? -12.610 -4.136  -5.296  1.00 13.72 ? 44  ASN A ND2 1 
ATOM   228  N  N   . PHE A 1 68  ? -7.702  -4.273  -5.466  1.00 14.34 ? 45  PHE A N   1 
ATOM   229  C  CA  . PHE A 1 68  ? -6.889  -5.198  -6.258  1.00 14.51 ? 45  PHE A CA  1 
ATOM   230  C  C   . PHE A 1 68  ? -7.851  -6.216  -6.856  1.00 15.20 ? 45  PHE A C   1 
ATOM   231  O  O   . PHE A 1 68  ? -8.693  -6.755  -6.152  1.00 15.04 ? 45  PHE A O   1 
ATOM   232  C  CB  . PHE A 1 68  ? -5.865  -5.977  -5.424  1.00 13.73 ? 45  PHE A CB  1 
ATOM   233  C  CG  . PHE A 1 68  ? -4.819  -5.138  -4.731  1.00 13.58 ? 45  PHE A CG  1 
ATOM   234  C  CD1 . PHE A 1 68  ? -3.580  -4.927  -5.310  1.00 13.68 ? 45  PHE A CD1 1 
ATOM   235  C  CD2 . PHE A 1 68  ? -5.025  -4.678  -3.437  1.00 13.10 ? 45  PHE A CD2 1 
ATOM   236  C  CE1 . PHE A 1 68  ? -2.577  -4.222  -4.640  1.00 13.52 ? 45  PHE A CE1 1 
ATOM   237  C  CE2 . PHE A 1 68  ? -4.039  -3.970  -2.768  1.00 13.32 ? 45  PHE A CE2 1 
ATOM   238  C  CZ  . PHE A 1 68  ? -2.817  -3.733  -3.374  1.00 13.51 ? 45  PHE A CZ  1 
ATOM   239  N  N   . ASN A 1 69  ? -7.715  -6.502  -8.136  1.00 16.74 ? 46  ASN A N   1 
ATOM   240  C  CA  . ASN A 1 69  ? -8.653  -7.421  -8.795  1.00 17.82 ? 46  ASN A CA  1 
ATOM   241  C  C   . ASN A 1 69  ? -8.161  -8.847  -8.942  1.00 17.05 ? 46  ASN A C   1 
ATOM   242  O  O   . ASN A 1 69  ? -8.978  -9.782  -8.908  1.00 17.47 ? 46  ASN A O   1 
ATOM   243  C  CB  . ASN A 1 69  ? -9.067  -6.834  -10.144 1.00 18.84 ? 46  ASN A CB  1 
ATOM   244  C  CG  . ASN A 1 69  ? -9.985  -5.649  -9.973  1.00 20.49 ? 46  ASN A CG  1 
ATOM   245  O  OD1 . ASN A 1 69  ? -10.921 -5.684  -9.148  1.00 23.10 ? 46  ASN A OD1 1 
ATOM   246  N  ND2 . ASN A 1 69  ? -9.726  -4.588  -10.719 1.00 21.08 ? 46  ASN A ND2 1 
ATOM   247  N  N   . ALA A 1 70  ? -6.844  -9.011  -9.099  1.00 16.69 ? 47  ALA A N   1 
ATOM   248  C  CA  . ALA A 1 70  ? -6.241  -10.323 -9.320  1.00 16.29 ? 47  ALA A CA  1 
ATOM   249  C  C   . ALA A 1 70  ? -5.598  -10.897 -8.055  1.00 16.26 ? 47  ALA A C   1 
ATOM   250  O  O   . ALA A 1 70  ? -4.946  -10.176 -7.279  1.00 15.55 ? 47  ALA A O   1 
ATOM   251  C  CB  . ALA A 1 70  ? -5.210  -10.248 -10.433 1.00 17.03 ? 47  ALA A CB  1 
ATOM   252  N  N   . TYR A 1 71  ? -5.745  -12.208 -7.882  1.00 15.96 ? 48  TYR A N   1 
ATOM   253  C  CA  . TYR A 1 71  ? -5.116  -12.901 -6.771  1.00 16.65 ? 48  TYR A CA  1 
ATOM   254  C  C   . TYR A 1 71  ? -3.573  -12.814 -6.824  1.00 16.90 ? 48  TYR A C   1 
ATOM   255  O  O   . TYR A 1 71  ? -2.938  -12.652 -5.786  1.00 17.22 ? 48  TYR A O   1 
ATOM   256  C  CB  . TYR A 1 71  ? -5.637  -14.344 -6.660  1.00 16.43 ? 48  TYR A CB  1 
ATOM   257  C  CG  . TYR A 1 71  ? -6.916  -14.412 -5.848  1.00 16.41 ? 48  TYR A CG  1 
ATOM   258  C  CD1 . TYR A 1 71  ? -8.130  -14.006 -6.392  1.00 17.09 ? 48  TYR A CD1 1 
ATOM   259  C  CD2 . TYR A 1 71  ? -6.910  -14.843 -4.530  1.00 16.39 ? 48  TYR A CD2 1 
ATOM   260  C  CE1 . TYR A 1 71  ? -9.294  -14.040 -5.652  1.00 16.61 ? 48  TYR A CE1 1 
ATOM   261  C  CE2 . TYR A 1 71  ? -8.068  -14.869 -3.781  1.00 16.12 ? 48  TYR A CE2 1 
ATOM   262  C  CZ  . TYR A 1 71  ? -9.252  -14.474 -4.351  1.00 16.07 ? 48  TYR A CZ  1 
ATOM   263  O  OH  . TYR A 1 71  ? -10.409 -14.505 -3.629  1.00 16.03 ? 48  TYR A OH  1 
ATOM   264  N  N   . THR A 1 72  ? -2.990  -12.882 -8.024  1.00 17.11 ? 49  THR A N   1 
ATOM   265  C  CA  . THR A 1 72  ? -1.559  -12.622 -8.222  1.00 18.33 ? 49  THR A CA  1 
ATOM   266  C  C   . THR A 1 72  ? -1.351  -11.533 -9.282  1.00 18.36 ? 49  THR A C   1 
ATOM   267  O  O   . THR A 1 72  ? -2.134  -11.424 -10.239 1.00 17.94 ? 49  THR A O   1 
ATOM   268  C  CB  . THR A 1 72  ? -0.761  -13.888 -8.636  1.00 19.17 ? 49  THR A CB  1 
ATOM   269  O  OG1 . THR A 1 72  ? -1.318  -14.465 -9.828  1.00 21.21 ? 49  THR A OG1 1 
ATOM   270  C  CG2 . THR A 1 72  ? -0.835  -14.910 -7.600  1.00 19.64 ? 49  THR A CG2 1 
ATOM   271  N  N   . ASN A 1 73  ? -0.302  -10.728 -9.074  1.00 17.86 ? 50  ASN A N   1 
ATOM   272  C  CA  . ASN A 1 73  ? 0.175   -9.692  -10.006 1.00 17.93 ? 50  ASN A CA  1 
ATOM   273  C  C   . ASN A 1 73  ? -0.722  -8.477  -10.217 1.00 17.15 ? 50  ASN A C   1 
ATOM   274  O  O   . ASN A 1 73  ? -0.587  -7.764  -11.219 1.00 17.12 ? 50  ASN A O   1 
ATOM   275  C  CB  . ASN A 1 73  ? 0.602   -10.307 -11.356 1.00 19.39 ? 50  ASN A CB  1 
ATOM   276  C  CG  . ASN A 1 73  ? 1.838   -11.180 -11.228 1.00 21.34 ? 50  ASN A CG  1 
ATOM   277  O  OD1 . ASN A 1 73  ? 2.720   -10.918 -10.403 1.00 22.54 ? 50  ASN A OD1 1 
ATOM   278  N  ND2 . ASN A 1 73  ? 1.925   -12.205 -12.066 1.00 22.22 ? 50  ASN A ND2 1 
ATOM   279  N  N   . SER A 1 74  ? -1.616  -8.221  -9.260  1.00 16.87 ? 51  SER A N   1 
ATOM   280  C  CA  . SER A 1 74  ? -2.210  -6.918  -9.118  1.00 15.42 ? 51  SER A CA  1 
ATOM   281  C  C   . SER A 1 74  ? -1.218  -6.054  -8.356  1.00 14.63 ? 51  SER A C   1 
ATOM   282  O  O   . SER A 1 74  ? -0.566  -6.535  -7.410  1.00 14.40 ? 51  SER A O   1 
ATOM   283  C  CB  . SER A 1 74  ? -3.521  -6.973  -8.347  1.00 16.03 ? 51  SER A CB  1 
ATOM   284  O  OG  . SER A 1 74  ? -4.537  -7.570  -9.112  1.00 17.34 ? 51  SER A OG  1 
ATOM   285  N  N   . ALA A 1 75  ? -1.133  -4.779  -8.720  1.00 13.62 ? 52  ALA A N   1 
ATOM   286  C  CA  . ALA A 1 75  ? -0.099  -3.911  -8.174  1.00 14.25 ? 52  ALA A CA  1 
ATOM   287  C  C   . ALA A 1 75  ? -0.559  -2.478  -8.045  1.00 14.64 ? 52  ALA A C   1 
ATOM   288  O  O   . ALA A 1 75  ? -1.378  -1.995  -8.843  1.00 15.65 ? 52  ALA A O   1 
ATOM   289  C  CB  . ALA A 1 75  ? 1.176   -3.976  -9.032  1.00 14.21 ? 52  ALA A CB  1 
ATOM   290  N  N   . ILE A 1 76  ? -0.049  -1.825  -7.004  1.00 14.47 ? 53  ILE A N   1 
ATOM   291  C  CA  . ILE A 1 76  ? -0.082  -0.386  -6.877  1.00 14.57 ? 53  ILE A CA  1 
ATOM   292  C  C   . ILE A 1 76  ? 1.365   0.068   -6.780  1.00 14.98 ? 53  ILE A C   1 
ATOM   293  O  O   . ILE A 1 76  ? 2.132   -0.481  -5.995  1.00 14.18 ? 53  ILE A O   1 
ATOM   294  C  CB  . ILE A 1 76  ? -0.797  0.082   -5.611  1.00 14.30 ? 53  ILE A CB  1 
ATOM   295  C  CG1 . ILE A 1 76  ? -2.210  -0.503  -5.544  1.00 14.25 ? 53  ILE A CG1 1 
ATOM   296  C  CG2 . ILE A 1 76  ? -0.835  1.608   -5.574  1.00 14.24 ? 53  ILE A CG2 1 
ATOM   297  C  CD1 . ILE A 1 76  ? -2.930  -0.154  -4.262  1.00 14.39 ? 53  ILE A CD1 1 
ATOM   298  N  N   . GLU A 1 77  ? 1.723   1.047   -7.597  1.00 15.68 ? 54  GLU A N   1 
ATOM   299  C  CA  . GLU A 1 77  ? 3.053   1.619   -7.568  1.00 17.30 ? 54  GLU A CA  1 
ATOM   300  C  C   . GLU A 1 77  ? 2.963   3.105   -7.376  1.00 16.73 ? 54  GLU A C   1 
ATOM   301  O  O   . GLU A 1 77  ? 2.343   3.809   -8.173  1.00 16.91 ? 54  GLU A O   1 
ATOM   302  C  CB  . GLU A 1 77  ? 3.839   1.333   -8.842  1.00 19.02 ? 54  GLU A CB  1 
ATOM   303  C  CG  . GLU A 1 77  ? 5.138   2.124   -8.872  1.00 21.95 ? 54  GLU A CG  1 
ATOM   304  C  CD  . GLU A 1 77  ? 6.175   1.587   -9.845  1.00 24.24 ? 54  GLU A CD  1 
ATOM   305  O  OE1 . GLU A 1 77  ? 6.024   0.462   -10.357 1.00 26.91 ? 54  GLU A OE1 1 
ATOM   306  O  OE2 . GLU A 1 77  ? 7.175   2.292   -10.058 1.00 26.32 ? 54  GLU A OE2 1 
ATOM   307  N  N   . TRP A 1 78  ? 3.577   3.561   -6.295  1.00 16.89 ? 55  TRP A N   1 
ATOM   308  C  CA  . TRP A 1 78  ? 3.749   4.969   -6.030  1.00 17.45 ? 55  TRP A CA  1 
ATOM   309  C  C   . TRP A 1 78  ? 5.020   5.377   -6.748  1.00 18.85 ? 55  TRP A C   1 
ATOM   310  O  O   . TRP A 1 78  ? 6.080   4.800   -6.529  1.00 18.54 ? 55  TRP A O   1 
ATOM   311  C  CB  . TRP A 1 78  ? 3.864   5.240   -4.528  1.00 16.58 ? 55  TRP A CB  1 
ATOM   312  C  CG  . TRP A 1 78  ? 2.555   5.178   -3.803  1.00 15.80 ? 55  TRP A CG  1 
ATOM   313  C  CD1 . TRP A 1 78  ? 1.698   6.214   -3.577  1.00 15.70 ? 55  TRP A CD1 1 
ATOM   314  C  CD2 . TRP A 1 78  ? 1.943   4.016   -3.224  1.00 15.44 ? 55  TRP A CD2 1 
ATOM   315  N  NE1 . TRP A 1 78  ? 0.593   5.775   -2.878  1.00 15.64 ? 55  TRP A NE1 1 
ATOM   316  C  CE2 . TRP A 1 78  ? 0.721   4.434   -2.637  1.00 15.48 ? 55  TRP A CE2 1 
ATOM   317  C  CE3 . TRP A 1 78  ? 2.319   2.671   -3.114  1.00 14.89 ? 55  TRP A CE3 1 
ATOM   318  C  CZ2 . TRP A 1 78  ? -0.133  3.551   -1.962  1.00 15.33 ? 55  TRP A CZ2 1 
ATOM   319  C  CZ3 . TRP A 1 78  ? 1.472   1.791   -2.438  1.00 14.90 ? 55  TRP A CZ3 1 
ATOM   320  C  CH2 . TRP A 1 78  ? 0.251   2.236   -1.882  1.00 15.10 ? 55  TRP A CH2 1 
ATOM   321  N  N   . ASN A 1 79  ? 4.897   6.382   -7.604  1.00 20.60 ? 56  ASN A N   1 
ATOM   322  C  CA  . ASN A 1 79  ? 5.973   6.780   -8.490  1.00 23.12 ? 56  ASN A CA  1 
ATOM   323  C  C   . ASN A 1 79  ? 6.819   7.921   -7.925  1.00 22.53 ? 56  ASN A C   1 
ATOM   324  O  O   . ASN A 1 79  ? 7.917   8.151   -8.399  1.00 23.49 ? 56  ASN A O   1 
ATOM   325  C  CB  . ASN A 1 79  ? 5.386   7.164   -9.859  1.00 25.59 ? 56  ASN A CB  1 
ATOM   326  C  CG  . ASN A 1 79  ? 4.672   5.992   -10.535 1.00 28.39 ? 56  ASN A CG  1 
ATOM   327  O  OD1 . ASN A 1 79  ? 5.282   4.936   -10.775 1.00 31.40 ? 56  ASN A OD1 1 
ATOM   328  N  ND2 . ASN A 1 79  ? 3.376   6.164   -10.833 1.00 28.02 ? 56  ASN A ND2 1 
ATOM   329  N  N   . ALA A 1 80  ? 6.328   8.598   -6.890  1.00 22.32 ? 57  ALA A N   1 
ATOM   330  C  CA  . ALA A 1 80  ? 6.941   9.827   -6.410  1.00 21.78 ? 57  ALA A CA  1 
ATOM   331  C  C   . ALA A 1 80  ? 6.873   9.973   -4.892  1.00 21.02 ? 57  ALA A C   1 
ATOM   332  O  O   . ALA A 1 80  ? 6.366   10.965  -4.385  1.00 22.49 ? 57  ALA A O   1 
ATOM   333  C  CB  . ALA A 1 80  ? 6.278   11.023  -7.091  1.00 22.72 ? 57  ALA A CB  1 
ATOM   334  N  N   . ILE A 1 81  ? 7.408   8.995   -4.168  1.00 20.20 ? 58  ILE A N   1 
ATOM   335  C  CA  . ILE A 1 81  ? 7.592   9.125   -2.725  1.00 19.40 ? 58  ILE A CA  1 
ATOM   336  C  C   . ILE A 1 81  ? 8.867   9.932   -2.456  1.00 19.52 ? 58  ILE A C   1 
ATOM   337  O  O   . ILE A 1 81  ? 9.948   9.533   -2.863  1.00 21.68 ? 58  ILE A O   1 
ATOM   338  C  CB  . ILE A 1 81  ? 7.682   7.745   -2.044  1.00 19.19 ? 58  ILE A CB  1 
ATOM   339  C  CG1 . ILE A 1 81  ? 6.313   7.059   -2.100  1.00 19.10 ? 58  ILE A CG1 1 
ATOM   340  C  CG2 . ILE A 1 81  ? 8.167   7.884   -0.606  1.00 18.88 ? 58  ILE A CG2 1 
ATOM   341  C  CD1 . ILE A 1 81  ? 6.385   5.575   -1.879  1.00 19.63 ? 58  ILE A CD1 1 
ATOM   342  N  N   . ASN A 1 82  ? 8.737   11.057  -1.756  1.00 19.12 ? 59  ASN A N   1 
ATOM   343  C  CA  . ASN A 1 82  ? 9.816   12.025  -1.671  1.00 19.71 ? 59  ASN A CA  1 
ATOM   344  C  C   . ASN A 1 82  ? 10.284  12.153  -0.213  1.00 19.14 ? 59  ASN A C   1 
ATOM   345  O  O   . ASN A 1 82  ? 9.509   12.541  0.648   1.00 18.87 ? 59  ASN A O   1 
ATOM   346  C  CB  . ASN A 1 82  ? 9.328   13.360  -2.254  1.00 20.04 ? 59  ASN A CB  1 
ATOM   347  C  CG  . ASN A 1 82  ? 10.453  14.337  -2.527  1.00 21.56 ? 59  ASN A CG  1 
ATOM   348  O  OD1 . ASN A 1 82  ? 11.426  14.435  -1.771  1.00 20.97 ? 59  ASN A OD1 1 
ATOM   349  N  ND2 . ASN A 1 82  ? 10.317  15.094  -3.623  1.00 22.78 ? 59  ASN A ND2 1 
ATOM   350  N  N   . ASN A 1 83  ? 11.545  11.806  0.052   1.00 18.62 ? 60  ASN A N   1 
ATOM   351  C  CA  . ASN A 1 83  ? 12.081  11.797  1.411   1.00 19.81 ? 60  ASN A CA  1 
ATOM   352  C  C   . ASN A 1 83  ? 13.180  12.836  1.596   1.00 20.28 ? 60  ASN A C   1 
ATOM   353  O  O   . ASN A 1 83  ? 13.930  13.120  0.665   1.00 21.14 ? 60  ASN A O   1 
ATOM   354  C  CB  . ASN A 1 83  ? 12.651  10.407  1.778   1.00 19.75 ? 60  ASN A CB  1 
ATOM   355  C  CG  . ASN A 1 83  ? 11.621  9.298   1.681   1.00 19.36 ? 60  ASN A CG  1 
ATOM   356  O  OD1 . ASN A 1 83  ? 10.462  9.490   2.017   1.00 19.75 ? 60  ASN A OD1 1 
ATOM   357  N  ND2 . ASN A 1 83  ? 12.044  8.134   1.213   1.00 18.78 ? 60  ASN A ND2 1 
ATOM   358  N  N   . MET A 1 84  ? 13.281  13.364  2.812   1.00 20.33 ? 61  MET A N   1 
ATOM   359  C  CA  . MET A 1 84  ? 14.307  14.347  3.167   1.00 20.95 ? 61  MET A CA  1 
ATOM   360  C  C   . MET A 1 84  ? 15.679  13.721  3.332   1.00 19.09 ? 61  MET A C   1 
ATOM   361  O  O   . MET A 1 84  ? 16.683  14.372  3.098   1.00 17.30 ? 61  MET A O   1 
ATOM   362  C  CB  . MET A 1 84  ? 13.943  15.024  4.483   1.00 23.46 ? 61  MET A CB  1 
ATOM   363  C  CG  . MET A 1 84  ? 12.731  15.929  4.423   1.00 25.76 ? 61  MET A CG  1 
ATOM   364  S  SD  . MET A 1 84  ? 13.078  17.462  3.544   1.00 32.06 ? 61  MET A SD  1 
ATOM   365  C  CE  . MET A 1 84  ? 14.456  18.094  4.484   1.00 28.25 ? 61  MET A CE  1 
ATOM   366  N  N   . THR A 1 85  ? 15.710  12.467  3.786   1.00 18.90 ? 62  THR A N   1 
ATOM   367  C  CA  . THR A 1 85  ? 16.957  11.768  4.093   1.00 18.19 ? 62  THR A CA  1 
ATOM   368  C  C   . THR A 1 85  ? 16.916  10.292  3.680   1.00 17.01 ? 62  THR A C   1 
ATOM   369  O  O   . THR A 1 85  ? 15.839  9.710   3.508   1.00 16.64 ? 62  THR A O   1 
ATOM   370  C  CB  . THR A 1 85  ? 17.227  11.793  5.606   1.00 18.37 ? 62  THR A CB  1 
ATOM   371  O  OG1 . THR A 1 85  ? 16.198  11.052  6.277   1.00 17.60 ? 62  THR A OG1 1 
ATOM   372  C  CG2 . THR A 1 85  ? 17.272  13.232  6.142   1.00 18.11 ? 62  THR A CG2 1 
ATOM   373  N  N   . THR A 1 86  ? 18.099  9.705   3.543   1.00 16.28 ? 63  THR A N   1 
ATOM   374  C  CA  . THR A 1 86  ? 18.253  8.277   3.319   1.00 16.43 ? 63  THR A CA  1 
ATOM   375  C  C   . THR A 1 86  ? 18.223  7.578   4.682   1.00 16.09 ? 63  THR A C   1 
ATOM   376  O  O   . THR A 1 86  ? 18.867  8.029   5.621   1.00 16.09 ? 63  THR A O   1 
ATOM   377  C  CB  . THR A 1 86  ? 19.576  7.951   2.608   1.00 16.26 ? 63  THR A CB  1 
ATOM   378  O  OG1 . THR A 1 86  ? 19.537  8.473   1.276   1.00 16.28 ? 63  THR A OG1 1 
ATOM   379  C  CG2 . THR A 1 86  ? 19.820  6.415   2.550   1.00 16.68 ? 63  THR A CG2 1 
ATOM   380  N  N   . GLY A 1 87  ? 17.467  6.491   4.783   1.00 15.65 ? 64  GLY A N   1 
ATOM   381  C  CA  . GLY A 1 87  ? 17.433  5.688   6.002   1.00 15.18 ? 64  GLY A CA  1 
ATOM   382  C  C   . GLY A 1 87  ? 16.146  4.896   6.132   1.00 15.57 ? 64  GLY A C   1 
ATOM   383  O  O   . GLY A 1 87  ? 15.340  4.822   5.186   1.00 15.83 ? 64  GLY A O   1 
ATOM   384  N  N   . THR A 1 88  ? 15.955  4.307   7.311   1.00 14.90 ? 65  THR A N   1 
ATOM   385  C  CA  . THR A 1 88  ? 14.798  3.501   7.598   1.00 14.96 ? 65  THR A CA  1 
ATOM   386  C  C   . THR A 1 88  ? 13.571  4.384   7.725   1.00 14.98 ? 65  THR A C   1 
ATOM   387  O  O   . THR A 1 88  ? 13.600  5.401   8.428   1.00 15.45 ? 65  THR A O   1 
ATOM   388  C  CB  . THR A 1 88  ? 14.995  2.661   8.888   1.00 14.69 ? 65  THR A CB  1 
ATOM   389  O  OG1 . THR A 1 88  ? 16.186  1.890   8.747   1.00 14.32 ? 65  THR A OG1 1 
ATOM   390  C  CG2 . THR A 1 88  ? 13.804  1.719   9.118   1.00 14.53 ? 65  THR A CG2 1 
ATOM   391  N  N   . LYS A 1 89  ? 12.510  3.981   7.032   1.00 14.59 ? 66  LYS A N   1 
ATOM   392  C  CA  . LYS A 1 89  ? 11.240  4.700   7.015   1.00 15.17 ? 66  LYS A CA  1 
ATOM   393  C  C   . LYS A 1 89  ? 10.120  3.820   7.516   1.00 15.28 ? 66  LYS A C   1 
ATOM   394  O  O   . LYS A 1 89  ? 10.073  2.625   7.211   1.00 16.37 ? 66  LYS A O   1 
ATOM   395  C  CB  . LYS A 1 89  ? 10.860  5.135   5.584   1.00 14.82 ? 66  LYS A CB  1 
ATOM   396  C  CG  . LYS A 1 89  ? 11.921  5.890   4.839   1.00 14.97 ? 66  LYS A CG  1 
ATOM   397  C  CD  . LYS A 1 89  ? 12.333  7.188   5.524   1.00 15.36 ? 66  LYS A CD  1 
ATOM   398  C  CE  . LYS A 1 89  ? 13.487  7.831   4.771   1.00 15.33 ? 66  LYS A CE  1 
ATOM   399  N  NZ  . LYS A 1 89  ? 14.147  8.899   5.563   1.00 15.67 ? 66  LYS A NZ  1 
ATOM   400  N  N   . ASN A 1 90  ? 9.214   4.420   8.270   1.00 16.32 ? 67  ASN A N   1 
ATOM   401  C  CA  . ASN A 1 90  ? 7.936   3.801   8.602   1.00 17.06 ? 67  ASN A CA  1 
ATOM   402  C  C   . ASN A 1 90  ? 6.976   4.080   7.465   1.00 16.91 ? 67  ASN A C   1 
ATOM   403  O  O   . ASN A 1 90  ? 6.693   5.249   7.162   1.00 18.82 ? 67  ASN A O   1 
ATOM   404  C  CB  . ASN A 1 90  ? 7.347   4.388   9.884   1.00 18.26 ? 67  ASN A CB  1 
ATOM   405  C  CG  . ASN A 1 90  ? 8.250   4.218   11.089  1.00 19.41 ? 67  ASN A CG  1 
ATOM   406  O  OD1 . ASN A 1 90  ? 8.383   5.127   11.896  1.00 23.90 ? 67  ASN A OD1 1 
ATOM   407  N  ND2 . ASN A 1 90  ? 8.861   3.066   11.223  1.00 19.85 ? 67  ASN A ND2 1 
ATOM   408  N  N   . VAL A 1 91  ? 6.528   3.021   6.804   1.00 16.16 ? 68  VAL A N   1 
ATOM   409  C  CA  . VAL A 1 91  ? 5.458   3.096   5.820   1.00 15.71 ? 68  VAL A CA  1 
ATOM   410  C  C   . VAL A 1 91  ? 4.200   2.503   6.450   1.00 15.75 ? 68  VAL A C   1 
ATOM   411  O  O   . VAL A 1 91  ? 4.132   1.303   6.729   1.00 15.76 ? 68  VAL A O   1 
ATOM   412  C  CB  . VAL A 1 91  ? 5.834   2.350   4.521   1.00 15.45 ? 68  VAL A CB  1 
ATOM   413  C  CG1 . VAL A 1 91  ? 4.725   2.490   3.474   1.00 15.00 ? 68  VAL A CG1 1 
ATOM   414  C  CG2 . VAL A 1 91  ? 7.164   2.873   3.986   1.00 14.87 ? 68  VAL A CG2 1 
ATOM   415  N  N   . LYS A 1 92  ? 3.245   3.370   6.758   1.00 16.10 ? 69  LYS A N   1 
ATOM   416  C  CA  . LYS A 1 92  ? 2.023   2.951   7.407   1.00 16.31 ? 69  LYS A CA  1 
ATOM   417  C  C   . LYS A 1 92  ? 0.902   2.888   6.378   1.00 14.89 ? 69  LYS A C   1 
ATOM   418  O  O   . LYS A 1 92  ? 0.516   3.915   5.837   1.00 14.66 ? 69  LYS A O   1 
ATOM   419  C  CB  . LYS A 1 92  ? 1.681   3.898   8.572   1.00 17.45 ? 69  LYS A CB  1 
ATOM   420  C  CG  . LYS A 1 92  ? 0.324   3.632   9.200   1.00 19.09 ? 69  LYS A CG  1 
ATOM   421  C  CD  . LYS A 1 92  ? 0.239   4.006   10.678  1.00 21.09 ? 69  LYS A CD  1 
ATOM   422  C  CE  . LYS A 1 92  ? 0.465   5.470   10.957  1.00 22.46 ? 69  LYS A CE  1 
ATOM   423  N  NZ  . LYS A 1 92  ? -0.243  6.319   9.970   1.00 23.38 ? 69  LYS A NZ  1 
ATOM   424  N  N   . PHE A 1 93  ? 0.397   1.683   6.123   1.00 13.62 ? 70  PHE A N   1 
ATOM   425  C  CA  . PHE A 1 93  ? -0.706  1.458   5.181   1.00 13.80 ? 70  PHE A CA  1 
ATOM   426  C  C   . PHE A 1 93  ? -2.052  1.581   5.890   1.00 13.65 ? 70  PHE A C   1 
ATOM   427  O  O   . PHE A 1 93  ? -2.253  0.981   6.932   1.00 13.93 ? 70  PHE A O   1 
ATOM   428  C  CB  . PHE A 1 93  ? -0.639  0.056   4.563   1.00 13.86 ? 70  PHE A CB  1 
ATOM   429  C  CG  . PHE A 1 93  ? 0.620   -0.226  3.795   1.00 14.23 ? 70  PHE A CG  1 
ATOM   430  C  CD1 . PHE A 1 93  ? 1.712   -0.801  4.416   1.00 14.76 ? 70  PHE A CD1 1 
ATOM   431  C  CD2 . PHE A 1 93  ? 0.694   0.040   2.439   1.00 14.73 ? 70  PHE A CD2 1 
ATOM   432  C  CE1 . PHE A 1 93  ? 2.870   -1.073  3.707   1.00 15.11 ? 70  PHE A CE1 1 
ATOM   433  C  CE2 . PHE A 1 93  ? 1.852   -0.230  1.722   1.00 14.92 ? 70  PHE A CE2 1 
ATOM   434  C  CZ  . PHE A 1 93  ? 2.941   -0.781  2.358   1.00 14.93 ? 70  PHE A CZ  1 
ATOM   435  N  N   . ARG A 1 94  ? -2.956  2.384   5.348   1.00 13.43 ? 71  ARG A N   1 
ATOM   436  C  CA  . ARG A 1 94  ? -4.334  2.375   5.810   1.00 13.71 ? 71  ARG A CA  1 
ATOM   437  C  C   . ARG A 1 94  ? -5.140  1.547   4.812   1.00 13.19 ? 71  ARG A C   1 
ATOM   438  O  O   . ARG A 1 94  ? -5.128  1.843   3.609   1.00 13.12 ? 71  ARG A O   1 
ATOM   439  C  CB  . ARG A 1 94  ? -4.884  3.785   5.937   1.00 13.59 ? 71  ARG A CB  1 
ATOM   440  C  CG  . ARG A 1 94  ? -6.277  3.836   6.565   1.00 13.62 ? 71  ARG A CG  1 
ATOM   441  C  CD  . ARG A 1 94  ? -6.630  5.269   6.928   1.00 13.29 ? 71  ARG A CD  1 
ATOM   442  N  NE  . ARG A 1 94  ? -7.837  5.381   7.734   1.00 13.28 ? 71  ARG A NE  1 
ATOM   443  C  CZ  . ARG A 1 94  ? -9.073  5.579   7.274   1.00 13.25 ? 71  ARG A CZ  1 
ATOM   444  N  NH1 . ARG A 1 94  ? -9.326  5.664   5.975   1.00 13.26 ? 71  ARG A NH1 1 
ATOM   445  N  NH2 . ARG A 1 94  ? -10.078 5.677   8.134   1.00 13.23 ? 71  ARG A NH2 1 
ATOM   446  N  N   . TYR A 1 95  ? -5.810  0.510   5.322   1.00 13.26 ? 72  TYR A N   1 
ATOM   447  C  CA  . TYR A 1 95  ? -6.473  -0.493  4.490   1.00 13.72 ? 72  TYR A CA  1 
ATOM   448  C  C   . TYR A 1 95  ? -7.692  -1.152  5.155   1.00 14.14 ? 72  TYR A C   1 
ATOM   449  O  O   . TYR A 1 95  ? -7.870  -1.061  6.375   1.00 14.75 ? 72  TYR A O   1 
ATOM   450  C  CB  . TYR A 1 95  ? -5.466  -1.567  4.125   1.00 13.71 ? 72  TYR A CB  1 
ATOM   451  C  CG  . TYR A 1 95  ? -5.137  -2.519  5.258   1.00 13.96 ? 72  TYR A CG  1 
ATOM   452  C  CD1 . TYR A 1 95  ? -4.165  -2.210  6.212   1.00 14.04 ? 72  TYR A CD1 1 
ATOM   453  C  CD2 . TYR A 1 95  ? -5.796  -3.736  5.365   1.00 14.12 ? 72  TYR A CD2 1 
ATOM   454  C  CE1 . TYR A 1 95  ? -3.859  -3.099  7.229   1.00 14.03 ? 72  TYR A CE1 1 
ATOM   455  C  CE2 . TYR A 1 95  ? -5.492  -4.627  6.368   1.00 14.23 ? 72  TYR A CE2 1 
ATOM   456  C  CZ  . TYR A 1 95  ? -4.523  -4.301  7.293   1.00 14.23 ? 72  TYR A CZ  1 
ATOM   457  O  OH  . TYR A 1 95  ? -4.251  -5.195  8.290   1.00 15.04 ? 72  TYR A OH  1 
ATOM   458  N  N   . ALA A 1 96  ? -8.512  -1.813  4.335   1.00 14.14 ? 73  ALA A N   1 
ATOM   459  C  CA  . ALA A 1 96  ? -9.646  -2.599  4.808   1.00 14.62 ? 73  ALA A CA  1 
ATOM   460  C  C   . ALA A 1 96  ? -9.589  -4.036  4.278   1.00 14.78 ? 73  ALA A C   1 
ATOM   461  O  O   . ALA A 1 96  ? -9.199  -4.297  3.134   1.00 15.42 ? 73  ALA A O   1 
ATOM   462  C  CB  . ALA A 1 96  ? -10.964 -1.940  4.421   1.00 14.87 ? 73  ALA A CB  1 
ATOM   463  N  N   . LEU A 1 97  ? -9.975  -4.970  5.130   1.00 15.02 ? 74  LEU A N   1 
ATOM   464  C  CA  . LEU A 1 97  ? -9.930  -6.383  4.800   1.00 15.34 ? 74  LEU A CA  1 
ATOM   465  C  C   . LEU A 1 97  ? -10.931 -7.089  5.699   1.00 15.56 ? 74  LEU A C   1 
ATOM   466  O  O   . LEU A 1 97  ? -10.719 -7.202  6.898   1.00 14.71 ? 74  LEU A O   1 
ATOM   467  C  CB  . LEU A 1 97  ? -8.506  -6.924  4.979   1.00 15.54 ? 74  LEU A CB  1 
ATOM   468  C  CG  . LEU A 1 97  ? -8.224  -8.409  4.711   1.00 15.76 ? 74  LEU A CG  1 
ATOM   469  C  CD1 . LEU A 1 97  ? -8.788  -8.872  3.377   1.00 15.62 ? 74  LEU A CD1 1 
ATOM   470  C  CD2 . LEU A 1 97  ? -6.733  -8.708  4.794   1.00 15.63 ? 74  LEU A CD2 1 
ATOM   471  N  N   . GLU A 1 98  ? -12.045 -7.528  5.113   1.00 16.61 ? 75  GLU A N   1 
ATOM   472  C  CA  . GLU A 1 98  ? -13.149 -8.078  5.897   1.00 17.95 ? 75  GLU A CA  1 
ATOM   473  C  C   . GLU A 1 98  ? -12.700 -9.276  6.731   1.00 17.32 ? 75  GLU A C   1 
ATOM   474  O  O   . GLU A 1 98  ? -12.864 -9.303  7.945   1.00 16.84 ? 75  GLU A O   1 
ATOM   475  C  CB  . GLU A 1 98  ? -14.311 -8.474  4.986   1.00 19.34 ? 75  GLU A CB  1 
ATOM   476  C  CG  . GLU A 1 98  ? -15.453 -9.154  5.726   1.00 20.91 ? 75  GLU A CG  1 
ATOM   477  C  CD  . GLU A 1 98  ? -16.597 -9.444  4.797   1.00 22.32 ? 75  GLU A CD  1 
ATOM   478  O  OE1 . GLU A 1 98  ? -16.582 -10.497 4.127   1.00 24.47 ? 75  GLU A OE1 1 
ATOM   479  O  OE2 . GLU A 1 98  ? -17.483 -8.593  4.704   1.00 23.68 ? 75  GLU A OE2 1 
ATOM   480  N  N   . SER A 1 99  ? -12.122 -10.268 6.082   1.00 18.16 ? 76  SER A N   1 
ATOM   481  C  CA  . SER A 1 99  ? -11.662 -11.451 6.804   1.00 18.45 ? 76  SER A CA  1 
ATOM   482  C  C   . SER A 1 99  ? -10.473 -12.091 6.102   1.00 18.28 ? 76  SER A C   1 
ATOM   483  O  O   . SER A 1 99  ? -10.266 -11.929 4.894   1.00 19.79 ? 76  SER A O   1 
ATOM   484  C  CB  . SER A 1 99  ? -12.809 -12.453 6.958   1.00 18.90 ? 76  SER A CB  1 
ATOM   485  O  OG  . SER A 1 99  ? -13.130 -13.006 5.708   1.00 20.55 ? 76  SER A OG  1 
ATOM   486  N  N   . GLY A 1 100 ? -9.682  -12.808 6.876   1.00 18.71 ? 77  GLY A N   1 
ATOM   487  C  CA  . GLY A 1 100 ? -8.536  -13.523 6.356   1.00 18.83 ? 77  GLY A CA  1 
ATOM   488  C  C   . GLY A 1 100 ? -7.319  -12.633 6.286   1.00 18.78 ? 77  GLY A C   1 
ATOM   489  O  O   . GLY A 1 100 ? -7.383  -11.418 6.549   1.00 20.78 ? 77  GLY A O   1 
ATOM   490  N  N   . THR A 1 101 ? -6.212  -13.243 5.898   1.00 17.70 ? 78  THR A N   1 
ATOM   491  C  CA  . THR A 1 101 ? -4.938  -12.559 5.749   1.00 17.11 ? 78  THR A CA  1 
ATOM   492  C  C   . THR A 1 101 ? -4.519  -12.564 4.297   1.00 16.59 ? 78  THR A C   1 
ATOM   493  O  O   . THR A 1 101 ? -4.579  -13.589 3.622   1.00 15.47 ? 78  THR A O   1 
ATOM   494  C  CB  . THR A 1 101 ? -3.880  -13.217 6.648   1.00 17.23 ? 78  THR A CB  1 
ATOM   495  O  OG1 . THR A 1 101 ? -4.209  -12.923 8.013   1.00 17.98 ? 78  THR A OG1 1 
ATOM   496  C  CG2 . THR A 1 101 ? -2.473  -12.704 6.359   1.00 17.08 ? 78  THR A CG2 1 
ATOM   497  N  N   . ARG A 1 102 ? -4.117  -11.395 3.809   1.00 17.46 ? 79  ARG A N   1 
ATOM   498  C  CA  . ARG A 1 102 ? -3.675  -11.250 2.423   1.00 17.47 ? 79  ARG A CA  1 
ATOM   499  C  C   . ARG A 1 102 ? -2.218  -10.802 2.347   1.00 16.59 ? 79  ARG A C   1 
ATOM   500  O  O   . ARG A 1 102 ? -1.817  -9.886  3.048   1.00 15.84 ? 79  ARG A O   1 
ATOM   501  C  CB  . ARG A 1 102 ? -4.608  -10.285 1.710   1.00 19.03 ? 79  ARG A CB  1 
ATOM   502  C  CG  . ARG A 1 102 ? -5.667  -11.018 0.918   1.00 20.26 ? 79  ARG A CG  1 
ATOM   503  C  CD  . ARG A 1 102 ? -7.111  -10.931 1.357   1.00 21.13 ? 79  ARG A CD  1 
ATOM   504  N  NE  . ARG A 1 102 ? -7.806  -10.056 0.430   1.00 21.53 ? 79  ARG A NE  1 
ATOM   505  C  CZ  . ARG A 1 102 ? -9.030  -10.213 -0.086  1.00 21.47 ? 79  ARG A CZ  1 
ATOM   506  N  NH1 . ARG A 1 102 ? -9.824  -11.223 0.227   1.00 20.94 ? 79  ARG A NH1 1 
ATOM   507  N  NH2 . ARG A 1 102 ? -9.465  -9.301  -0.952  1.00 20.63 ? 79  ARG A NH2 1 
ATOM   508  N  N   . ASN A 1 103 ? -1.428  -11.467 1.507   1.00 16.61 ? 80  ASN A N   1 
ATOM   509  C  CA  . ASN A 1 103 ? 0.034   -11.297 1.495   1.00 16.92 ? 80  ASN A CA  1 
ATOM   510  C  C   . ASN A 1 103 ? 0.480   -10.564 0.242   1.00 16.84 ? 80  ASN A C   1 
ATOM   511  O  O   . ASN A 1 103 ? 0.007   -10.866 -0.862  1.00 17.15 ? 80  ASN A O   1 
ATOM   512  C  CB  . ASN A 1 103 ? 0.728   -12.650 1.537   1.00 17.65 ? 80  ASN A CB  1 
ATOM   513  C  CG  . ASN A 1 103 ? 0.298   -13.501 2.719   1.00 18.20 ? 80  ASN A CG  1 
ATOM   514  O  OD1 . ASN A 1 103 ? 0.375   -13.087 3.861   1.00 19.61 ? 80  ASN A OD1 1 
ATOM   515  N  ND2 . ASN A 1 103 ? -0.133  -14.707 2.439   1.00 19.32 ? 80  ASN A ND2 1 
ATOM   516  N  N   . LEU A 1 104 ? 1.403   -9.622  0.412   1.00 15.63 ? 81  LEU A N   1 
ATOM   517  C  CA  . LEU A 1 104 ? 1.856   -8.777  -0.668  1.00 15.36 ? 81  LEU A CA  1 
ATOM   518  C  C   . LEU A 1 104 ? 3.379   -8.724  -0.717  1.00 15.40 ? 81  LEU A C   1 
ATOM   519  O  O   . LEU A 1 104 ? 4.026   -8.573  0.327   1.00 16.00 ? 81  LEU A O   1 
ATOM   520  C  CB  . LEU A 1 104 ? 1.319   -7.350  -0.482  1.00 15.22 ? 81  LEU A CB  1 
ATOM   521  C  CG  . LEU A 1 104 ? -0.188  -7.117  -0.375  1.00 15.33 ? 81  LEU A CG  1 
ATOM   522  C  CD1 . LEU A 1 104 ? -0.470  -5.630  -0.241  1.00 15.92 ? 81  LEU A CD1 1 
ATOM   523  C  CD2 . LEU A 1 104 ? -0.949  -7.669  -1.572  1.00 15.43 ? 81  LEU A CD2 1 
ATOM   524  N  N   . ASP A 1 105 ? 3.935   -8.835  -1.926  1.00 14.93 ? 82  ASP A N   1 
ATOM   525  C  CA  . ASP A 1 105 ? 5.332   -8.511  -2.172  1.00 14.44 ? 82  ASP A CA  1 
ATOM   526  C  C   . ASP A 1 105 ? 5.444   -6.981  -2.189  1.00 14.60 ? 82  ASP A C   1 
ATOM   527  O  O   . ASP A 1 105 ? 4.560   -6.293  -2.729  1.00 14.60 ? 82  ASP A O   1 
ATOM   528  C  CB  . ASP A 1 105 ? 5.837   -9.087  -3.504  1.00 14.02 ? 82  ASP A CB  1 
ATOM   529  C  CG  . ASP A 1 105 ? 6.100   -10.588 -3.447  1.00 13.81 ? 82  ASP A CG  1 
ATOM   530  O  OD1 . ASP A 1 105 ? 5.975   -11.211 -2.366  1.00 13.27 ? 82  ASP A OD1 1 
ATOM   531  O  OD2 . ASP A 1 105 ? 6.419   -11.159 -4.503  1.00 13.36 ? 82  ASP A OD2 1 
ATOM   532  N  N   . ILE A 1 106 ? 6.527   -6.473  -1.594  1.00 13.98 ? 83  ILE A N   1 
ATOM   533  C  CA  . ILE A 1 106 ? 6.769   -5.055  -1.488  1.00 14.09 ? 83  ILE A CA  1 
ATOM   534  C  C   . ILE A 1 106 ? 8.141   -4.766  -2.061  1.00 14.33 ? 83  ILE A C   1 
ATOM   535  O  O   . ILE A 1 106 ? 9.128   -5.424  -1.694  1.00 13.02 ? 83  ILE A O   1 
ATOM   536  C  CB  . ILE A 1 106 ? 6.628   -4.545  -0.036  1.00 14.43 ? 83  ILE A CB  1 
ATOM   537  C  CG1 . ILE A 1 106 ? 5.186   -4.813  0.432   1.00 14.53 ? 83  ILE A CG1 1 
ATOM   538  C  CG2 . ILE A 1 106 ? 6.982   -3.058  0.035   1.00 14.53 ? 83  ILE A CG2 1 
ATOM   539  C  CD1 . ILE A 1 106 ? 4.835   -4.314  1.808   1.00 14.81 ? 83  ILE A CD1 1 
ATOM   540  N  N   . TYR A 1 107 ? 8.152   -3.829  -3.020  1.00 14.42 ? 84  TYR A N   1 
ATOM   541  C  CA  . TYR A 1 107 ? 9.340   -3.396  -3.714  1.00 14.85 ? 84  TYR A CA  1 
ATOM   542  C  C   . TYR A 1 107 ? 9.597   -1.928  -3.393  1.00 15.28 ? 84  TYR A C   1 
ATOM   543  O  O   . TYR A 1 107 ? 8.655   -1.150  -3.202  1.00 14.81 ? 84  TYR A O   1 
ATOM   544  C  CB  . TYR A 1 107 ? 9.176   -3.512  -5.236  1.00 15.05 ? 84  TYR A CB  1 
ATOM   545  C  CG  . TYR A 1 107 ? 8.914   -4.901  -5.784  1.00 14.95 ? 84  TYR A CG  1 
ATOM   546  C  CD1 . TYR A 1 107 ? 7.701   -5.546  -5.549  1.00 14.65 ? 84  TYR A CD1 1 
ATOM   547  C  CD2 . TYR A 1 107 ? 9.861   -5.544  -6.589  1.00 15.06 ? 84  TYR A CD2 1 
ATOM   548  C  CE1 . TYR A 1 107 ? 7.446   -6.799  -6.080  1.00 14.87 ? 84  TYR A CE1 1 
ATOM   549  C  CE2 . TYR A 1 107 ? 9.617   -6.799  -7.123  1.00 15.19 ? 84  TYR A CE2 1 
ATOM   550  C  CZ  . TYR A 1 107 ? 8.405   -7.418  -6.862  1.00 15.00 ? 84  TYR A CZ  1 
ATOM   551  O  OH  . TYR A 1 107 ? 8.156   -8.659  -7.371  1.00 15.70 ? 84  TYR A OH  1 
ATOM   552  N  N   . VAL A 1 108 ? 10.882  -1.573  -3.344  1.00 15.02 ? 85  VAL A N   1 
ATOM   553  C  CA  . VAL A 1 108 ? 11.323  -0.209  -3.117  1.00 15.15 ? 85  VAL A CA  1 
ATOM   554  C  C   . VAL A 1 108 ? 12.357  0.045   -4.207  1.00 15.45 ? 85  VAL A C   1 
ATOM   555  O  O   . VAL A 1 108 ? 13.316  -0.711  -4.333  1.00 14.76 ? 85  VAL A O   1 
ATOM   556  C  CB  . VAL A 1 108 ? 11.915  -0.019  -1.705  1.00 15.83 ? 85  VAL A CB  1 
ATOM   557  C  CG1 . VAL A 1 108 ? 12.578  1.350   -1.563  1.00 15.48 ? 85  VAL A CG1 1 
ATOM   558  C  CG2 . VAL A 1 108 ? 10.828  -0.211  -0.637  1.00 16.11 ? 85  VAL A CG2 1 
ATOM   559  N  N   . ASN A 1 109 ? 12.098  1.047   -5.047  1.00 15.55 ? 86  ASN A N   1 
ATOM   560  C  CA  . ASN A 1 109 ? 13.014  1.424   -6.143  1.00 16.24 ? 86  ASN A CA  1 
ATOM   561  C  C   . ASN A 1 109 ? 13.323  0.279   -7.110  1.00 16.57 ? 86  ASN A C   1 
ATOM   562  O  O   . ASN A 1 109 ? 14.461  0.113   -7.566  1.00 16.71 ? 86  ASN A O   1 
ATOM   563  C  CB  . ASN A 1 109 ? 14.280  2.063   -5.561  1.00 16.04 ? 86  ASN A CB  1 
ATOM   564  C  CG  . ASN A 1 109 ? 13.973  3.376   -4.853  1.00 16.18 ? 86  ASN A CG  1 
ATOM   565  O  OD1 . ASN A 1 109 ? 13.207  4.185   -5.374  1.00 16.03 ? 86  ASN A OD1 1 
ATOM   566  N  ND2 . ASN A 1 109 ? 14.578  3.603   -3.682  1.00 15.96 ? 86  ASN A ND2 1 
ATOM   567  N  N   . GLY A 1 110 ? 12.285  -0.494  -7.432  1.00 16.89 ? 87  GLY A N   1 
ATOM   568  C  CA  . GLY A 1 110 ? 12.411  -1.649  -8.328  1.00 17.41 ? 87  GLY A CA  1 
ATOM   569  C  C   . GLY A 1 110 ? 12.902  -2.942  -7.697  1.00 18.42 ? 87  GLY A C   1 
ATOM   570  O  O   . GLY A 1 110 ? 12.830  -3.985  -8.337  1.00 19.63 ? 87  GLY A O   1 
ATOM   571  N  N   . THR A 1 111 ? 13.390  -2.898  -6.453  1.00 18.01 ? 88  THR A N   1 
ATOM   572  C  CA  . THR A 1 111 ? 13.911  -4.103  -5.789  1.00 18.89 ? 88  THR A CA  1 
ATOM   573  C  C   . THR A 1 111 ? 12.945  -4.645  -4.746  1.00 18.06 ? 88  THR A C   1 
ATOM   574  O  O   . THR A 1 111 ? 12.420  -3.892  -3.927  1.00 16.26 ? 88  THR A O   1 
ATOM   575  C  CB  . THR A 1 111 ? 15.258  -3.812  -5.087  1.00 19.32 ? 88  THR A CB  1 
ATOM   576  O  OG1 . THR A 1 111 ? 16.191  -3.370  -6.075  1.00 20.06 ? 88  THR A OG1 1 
ATOM   577  C  CG2 . THR A 1 111 ? 15.802  -5.081  -4.412  1.00 19.69 ? 88  THR A CG2 1 
ATOM   578  N  N   . LYS A 1 112 ? 12.711  -5.954  -4.770  1.00 18.66 ? 89  LYS A N   1 
ATOM   579  C  CA  . LYS A 1 112 ? 11.831  -6.552  -3.789  1.00 19.02 ? 89  LYS A CA  1 
ATOM   580  C  C   . LYS A 1 112 ? 12.541  -6.580  -2.455  1.00 18.78 ? 89  LYS A C   1 
ATOM   581  O  O   . LYS A 1 112 ? 13.633  -7.118  -2.336  1.00 18.77 ? 89  LYS A O   1 
ATOM   582  C  CB  . LYS A 1 112 ? 11.378  -7.959  -4.167  1.00 19.88 ? 89  LYS A CB  1 
ATOM   583  C  CG  . LYS A 1 112 ? 10.535  -8.572  -3.065  1.00 20.14 ? 89  LYS A CG  1 
ATOM   584  C  CD  . LYS A 1 112 ? 9.594   -9.658  -3.510  1.00 21.23 ? 89  LYS A CD  1 
ATOM   585  C  CE  . LYS A 1 112 ? 10.273  -10.727 -4.328  1.00 21.62 ? 89  LYS A CE  1 
ATOM   586  N  NZ  . LYS A 1 112 ? 9.282   -11.794 -4.633  1.00 21.94 ? 89  LYS A NZ  1 
ATOM   587  N  N   . VAL A 1 113 ? 11.902  -5.998  -1.448  1.00 18.31 ? 90  VAL A N   1 
ATOM   588  C  CA  . VAL A 1 113 ? 12.476  -5.948  -0.099  1.00 18.06 ? 90  VAL A CA  1 
ATOM   589  C  C   . VAL A 1 113 ? 11.628  -6.664  0.959   1.00 17.79 ? 90  VAL A C   1 
ATOM   590  O  O   . VAL A 1 113 ? 12.096  -6.905  2.085   1.00 18.33 ? 90  VAL A O   1 
ATOM   591  C  CB  . VAL A 1 113 ? 12.720  -4.489  0.313   1.00 18.11 ? 90  VAL A CB  1 
ATOM   592  C  CG1 . VAL A 1 113 ? 13.791  -3.879  -0.583  1.00 17.84 ? 90  VAL A CG1 1 
ATOM   593  C  CG2 . VAL A 1 113 ? 11.427  -3.688  0.264   1.00 18.11 ? 90  VAL A CG2 1 
ATOM   594  N  N   . LEU A 1 114 ? 10.373  -6.969  0.630   1.00 16.48 ? 91  LEU A N   1 
ATOM   595  C  CA  . LEU A 1 114 ? 9.567   -7.829  1.489   1.00 16.03 ? 91  LEU A CA  1 
ATOM   596  C  C   . LEU A 1 114 ? 8.816   -8.809  0.615   1.00 15.62 ? 91  LEU A C   1 
ATOM   597  O  O   . LEU A 1 114 ? 8.320   -8.452  -0.466  1.00 14.13 ? 91  LEU A O   1 
ATOM   598  C  CB  . LEU A 1 114 ? 8.592   -7.024  2.362   1.00 16.77 ? 91  LEU A CB  1 
ATOM   599  C  CG  . LEU A 1 114 ? 9.217   -5.928  3.231   1.00 16.94 ? 91  LEU A CG  1 
ATOM   600  C  CD1 . LEU A 1 114 ? 8.177   -4.951  3.731   1.00 17.99 ? 91  LEU A CD1 1 
ATOM   601  C  CD2 . LEU A 1 114 ? 9.948   -6.548  4.388   1.00 18.03 ? 91  LEU A CD2 1 
ATOM   602  N  N   . SER A 1 115 ? 8.765   -10.044 1.099   1.00 15.25 ? 92  SER A N   1 
ATOM   603  C  CA  . SER A 1 115 ? 8.170   -11.153 0.392   1.00 15.86 ? 92  SER A CA  1 
ATOM   604  C  C   . SER A 1 115 ? 6.944   -11.592 1.161   1.00 16.15 ? 92  SER A C   1 
ATOM   605  O  O   . SER A 1 115 ? 7.025   -11.891 2.354   1.00 15.32 ? 92  SER A O   1 
ATOM   606  C  CB  . SER A 1 115 ? 9.187   -12.300 0.293   1.00 16.36 ? 92  SER A CB  1 
ATOM   607  O  OG  . SER A 1 115 ? 8.603   -13.456 -0.256  1.00 16.22 ? 92  SER A OG  1 
ATOM   608  N  N   . ASN A 1 116 ? 5.800   -11.622 0.482   1.00 16.50 ? 93  ASN A N   1 
ATOM   609  C  CA  . ASN A 1 116 ? 4.544   -12.045 1.102   1.00 16.57 ? 93  ASN A CA  1 
ATOM   610  C  C   . ASN A 1 116 ? 4.328   -11.473 2.498   1.00 16.43 ? 93  ASN A C   1 
ATOM   611  O  O   . ASN A 1 116 ? 4.071   -12.205 3.459   1.00 15.63 ? 93  ASN A O   1 
ATOM   612  C  CB  . ASN A 1 116 ? 4.475   -13.567 1.133   1.00 17.27 ? 93  ASN A CB  1 
ATOM   613  C  CG  . ASN A 1 116 ? 4.289   -14.167 -0.249  1.00 17.99 ? 93  ASN A CG  1 
ATOM   614  O  OD1 . ASN A 1 116 ? 3.813   -13.506 -1.184  1.00 18.23 ? 93  ASN A OD1 1 
ATOM   615  N  ND2 . ASN A 1 116 ? 4.666   -15.429 -0.386  1.00 17.99 ? 93  ASN A ND2 1 
ATOM   616  N  N   . GLU A 1 117 ? 4.423   -10.150 2.601   1.00 16.45 ? 94  GLU A N   1 
ATOM   617  C  CA  . GLU A 1 117 ? 4.173   -9.471  3.859   1.00 16.52 ? 94  GLU A CA  1 
ATOM   618  C  C   . GLU A 1 117 ? 2.667   -9.592  4.201   1.00 16.20 ? 94  GLU A C   1 
ATOM   619  O  O   . GLU A 1 117 ? 1.830   -9.217  3.388   1.00 14.53 ? 94  GLU A O   1 
ATOM   620  C  CB  . GLU A 1 117 ? 4.576   -8.001  3.731   1.00 17.42 ? 94  GLU A CB  1 
ATOM   621  C  CG  . GLU A 1 117 ? 4.465   -7.203  5.016   1.00 18.01 ? 94  GLU A CG  1 
ATOM   622  C  CD  . GLU A 1 117 ? 5.414   -7.682  6.111   1.00 18.62 ? 94  GLU A CD  1 
ATOM   623  O  OE1 . GLU A 1 117 ? 6.464   -8.300  5.813   1.00 18.90 ? 94  GLU A OE1 1 
ATOM   624  O  OE2 . GLU A 1 117 ? 5.101   -7.439  7.283   1.00 18.90 ? 94  GLU A OE2 1 
ATOM   625  N  N   . PRO A 1 118 ? 2.327   -10.131 5.402   1.00 16.63 ? 95  PRO A N   1 
ATOM   626  C  CA  . PRO A 1 118 ? 0.916   -10.306 5.782   1.00 16.69 ? 95  PRO A CA  1 
ATOM   627  C  C   . PRO A 1 118 ? 0.166   -9.019  6.165   1.00 16.71 ? 95  PRO A C   1 
ATOM   628  O  O   . PRO A 1 118 ? 0.650   -8.207  6.980   1.00 16.84 ? 95  PRO A O   1 
ATOM   629  C  CB  . PRO A 1 118 ? 0.993   -11.235 7.004   1.00 16.80 ? 95  PRO A CB  1 
ATOM   630  C  CG  . PRO A 1 118 ? 2.330   -10.925 7.619   1.00 16.70 ? 95  PRO A CG  1 
ATOM   631  C  CD  . PRO A 1 118 ? 3.240   -10.658 6.443   1.00 16.67 ? 95  PRO A CD  1 
ATOM   632  N  N   . PHE A 1 119 ? -1.016  -8.866  5.574   1.00 16.12 ? 96  PHE A N   1 
ATOM   633  C  CA  . PHE A 1 119 ? -1.987  -7.856  5.944   1.00 16.33 ? 96  PHE A CA  1 
ATOM   634  C  C   . PHE A 1 119 ? -3.158  -8.595  6.577   1.00 16.39 ? 96  PHE A C   1 
ATOM   635  O  O   . PHE A 1 119 ? -3.860  -9.341  5.905   1.00 16.45 ? 96  PHE A O   1 
ATOM   636  C  CB  . PHE A 1 119 ? -2.442  -7.061  4.709   1.00 16.34 ? 96  PHE A CB  1 
ATOM   637  C  CG  . PHE A 1 119 ? -1.442  -6.041  4.243   1.00 16.64 ? 96  PHE A CG  1 
ATOM   638  C  CD1 . PHE A 1 119 ? -0.240  -6.437  3.647   1.00 16.97 ? 96  PHE A CD1 1 
ATOM   639  C  CD2 . PHE A 1 119 ? -1.690  -4.676  4.398   1.00 16.76 ? 96  PHE A CD2 1 
ATOM   640  C  CE1 . PHE A 1 119 ? 0.692   -5.492  3.223   1.00 16.58 ? 96  PHE A CE1 1 
ATOM   641  C  CE2 . PHE A 1 119 ? -0.760  -3.730  3.982   1.00 16.64 ? 96  PHE A CE2 1 
ATOM   642  C  CZ  . PHE A 1 119 ? 0.424   -4.139  3.389   1.00 16.74 ? 96  PHE A CZ  1 
ATOM   643  N  N   . THR A 1 120 ? -3.341  -8.404  7.878   1.00 16.57 ? 97  THR A N   1 
ATOM   644  C  CA  . THR A 1 120 ? -4.363  -9.113  8.628   1.00 17.18 ? 97  THR A CA  1 
ATOM   645  C  C   . THR A 1 120 ? -5.714  -8.384  8.576   1.00 17.62 ? 97  THR A C   1 
ATOM   646  O  O   . THR A 1 120 ? -5.796  -7.183  8.244   1.00 18.12 ? 97  THR A O   1 
ATOM   647  C  CB  . THR A 1 120 ? -3.937  -9.319  10.086  1.00 17.22 ? 97  THR A CB  1 
ATOM   648  O  OG1 . THR A 1 120 ? -3.750  -8.041  10.693  1.00 17.47 ? 97  THR A OG1 1 
ATOM   649  C  CG2 . THR A 1 120 ? -2.636  -10.106 10.147  1.00 17.64 ? 97  THR A CG2 1 
ATOM   650  N  N   . GLU A 1 121 ? -6.762  -9.133  8.885   1.00 17.25 ? 98  GLU A N   1 
ATOM   651  C  CA  . GLU A 1 121 ? -8.132  -8.662  8.710   1.00 17.98 ? 98  GLU A CA  1 
ATOM   652  C  C   . GLU A 1 121 ? -8.446  -7.495  9.638   1.00 17.64 ? 98  GLU A C   1 
ATOM   653  O  O   . GLU A 1 121 ? -7.980  -7.445  10.778  1.00 18.41 ? 98  GLU A O   1 
ATOM   654  C  CB  . GLU A 1 121 ? -9.138  -9.796  8.941   1.00 18.37 ? 98  GLU A CB  1 
ATOM   655  C  CG  . GLU A 1 121 ? -9.129  -10.371 10.356  1.00 19.54 ? 98  GLU A CG  1 
ATOM   656  C  CD  . GLU A 1 121 ? -10.209 -11.420 10.584  1.00 20.57 ? 98  GLU A CD  1 
ATOM   657  O  OE1 . GLU A 1 121 ? -10.387 -12.327 9.742   1.00 20.62 ? 98  GLU A OE1 1 
ATOM   658  O  OE2 . GLU A 1 121 ? -10.902 -11.323 11.611  1.00 22.38 ? 98  GLU A OE2 1 
ATOM   659  N  N   . THR A 1 122 ? -9.230  -6.553  9.130   1.00 16.59 ? 99  THR A N   1 
ATOM   660  C  CA  . THR A 1 122 ? -9.782  -5.486  9.947   1.00 16.46 ? 99  THR A CA  1 
ATOM   661  C  C   . THR A 1 122 ? -11.220 -5.806  10.425  1.00 16.64 ? 99  THR A C   1 
ATOM   662  O  O   . THR A 1 122 ? -11.729 -5.138  11.309  1.00 17.90 ? 99  THR A O   1 
ATOM   663  C  CB  . THR A 1 122 ? -9.770  -4.156  9.159   1.00 16.25 ? 99  THR A CB  1 
ATOM   664  O  OG1 . THR A 1 122 ? -10.718 -4.230  8.089   1.00 15.12 ? 99  THR A OG1 1 
ATOM   665  C  CG2 . THR A 1 122 ? -8.364  -3.859  8.605   1.00 15.43 ? 99  THR A CG2 1 
ATOM   666  N  N   . GLY A 1 123 ? -11.879 -6.799  9.831   1.00 16.97 ? 100 GLY A N   1 
ATOM   667  C  CA  . GLY A 1 123 ? -13.223 -7.236  10.286  1.00 16.99 ? 100 GLY A CA  1 
ATOM   668  C  C   . GLY A 1 123 ? -14.372 -6.841  9.381   1.00 16.64 ? 100 GLY A C   1 
ATOM   669  O  O   . GLY A 1 123 ? -15.404 -7.483  9.360   1.00 16.05 ? 100 GLY A O   1 
ATOM   670  N  N   . SER A 1 124 ? -14.188 -5.776  8.604   1.00 16.79 ? 101 SER A N   1 
ATOM   671  C  CA  . SER A 1 124 ? -15.231 -5.286  7.736   1.00 16.12 ? 101 SER A CA  1 
ATOM   672  C  C   . SER A 1 124 ? -14.570 -4.485  6.634   1.00 15.89 ? 101 SER A C   1 
ATOM   673  O  O   . SER A 1 124 ? -13.475 -3.946  6.832   1.00 15.93 ? 101 SER A O   1 
ATOM   674  C  CB  . SER A 1 124 ? -16.219 -4.439  8.553   1.00 16.57 ? 101 SER A CB  1 
ATOM   675  O  OG  . SER A 1 124 ? -16.664 -3.298  7.840   1.00 17.15 ? 101 SER A OG  1 
ATOM   676  N  N   . TRP A 1 125 ? -15.218 -4.421  5.475   1.00 15.59 ? 102 TRP A N   1 
ATOM   677  C  CA  . TRP A 1 125 ? -14.724 -3.617  4.354   1.00 15.77 ? 102 TRP A CA  1 
ATOM   678  C  C   . TRP A 1 125 ? -14.806 -2.112  4.614   1.00 15.90 ? 102 TRP A C   1 
ATOM   679  O  O   . TRP A 1 125 ? -14.192 -1.339  3.879   1.00 16.11 ? 102 TRP A O   1 
ATOM   680  C  CB  . TRP A 1 125 ? -15.435 -3.972  3.036   1.00 15.49 ? 102 TRP A CB  1 
ATOM   681  C  CG  . TRP A 1 125 ? -15.164 -5.384  2.561   1.00 14.93 ? 102 TRP A CG  1 
ATOM   682  C  CD1 . TRP A 1 125 ? -16.079 -6.381  2.414   1.00 14.89 ? 102 TRP A CD1 1 
ATOM   683  C  CD2 . TRP A 1 125 ? -13.893 -5.949  2.179   1.00 14.77 ? 102 TRP A CD2 1 
ATOM   684  N  NE1 . TRP A 1 125 ? -15.469 -7.522  1.956   1.00 14.65 ? 102 TRP A NE1 1 
ATOM   685  C  CE2 . TRP A 1 125 ? -14.127 -7.292  1.818   1.00 14.58 ? 102 TRP A CE2 1 
ATOM   686  C  CE3 . TRP A 1 125 ? -12.583 -5.449  2.110   1.00 14.74 ? 102 TRP A CE3 1 
ATOM   687  C  CZ2 . TRP A 1 125 ? -13.100 -8.150  1.398   1.00 14.20 ? 102 TRP A CZ2 1 
ATOM   688  C  CZ3 . TRP A 1 125 ? -11.567 -6.296  1.681   1.00 14.42 ? 102 TRP A CZ3 1 
ATOM   689  C  CH2 . TRP A 1 125 ? -11.831 -7.640  1.349   1.00 14.52 ? 102 TRP A CH2 1 
ATOM   690  N  N   . SER A 1 126 ? -15.558 -1.686  5.641   1.00 15.98 ? 103 SER A N   1 
ATOM   691  C  CA  . SER A 1 126 ? -15.531 -0.281  6.065   1.00 15.45 ? 103 SER A CA  1 
ATOM   692  C  C   . SER A 1 126 ? -14.846 -0.070  7.427   1.00 15.18 ? 103 SER A C   1 
ATOM   693  O  O   . SER A 1 126 ? -15.006 0.983   8.034   1.00 14.20 ? 103 SER A O   1 
ATOM   694  C  CB  . SER A 1 126 ? -16.939 0.344   6.032   1.00 15.59 ? 103 SER A CB  1 
ATOM   695  O  OG  . SER A 1 126 ? -17.732 -0.090  7.105   1.00 15.49 ? 103 SER A OG  1 
ATOM   696  N  N   . THR A 1 127 ? -14.090 -1.072  7.903   1.00 15.12 ? 104 THR A N   1 
ATOM   697  C  CA  . THR A 1 127 ? -13.144 -0.857  9.000   1.00 14.83 ? 104 THR A CA  1 
ATOM   698  C  C   . THR A 1 127 ? -11.758 -0.671  8.396   1.00 14.46 ? 104 THR A C   1 
ATOM   699  O  O   . THR A 1 127 ? -11.203 -1.593  7.769   1.00 14.16 ? 104 THR A O   1 
ATOM   700  C  CB  . THR A 1 127 ? -13.077 -2.019  9.997   1.00 14.97 ? 104 THR A CB  1 
ATOM   701  O  OG1 . THR A 1 127 ? -14.369 -2.254  10.560  1.00 14.90 ? 104 THR A OG1 1 
ATOM   702  C  CG2 . THR A 1 127 ? -12.067 -1.695  11.113  1.00 15.09 ? 104 THR A CG2 1 
ATOM   703  N  N   . TRP A 1 128 ? -11.224 0.533   8.569   1.00 13.92 ? 105 TRP A N   1 
ATOM   704  C  CA  . TRP A 1 128 ? -9.930  0.905   7.994   1.00 13.81 ? 105 TRP A CA  1 
ATOM   705  C  C   . TRP A 1 128 ? -8.894  0.813   9.072   1.00 13.78 ? 105 TRP A C   1 
ATOM   706  O  O   . TRP A 1 128 ? -8.922  1.570   10.027  1.00 14.18 ? 105 TRP A O   1 
ATOM   707  C  CB  . TRP A 1 128 ? -9.978  2.316   7.399   1.00 13.56 ? 105 TRP A CB  1 
ATOM   708  C  CG  . TRP A 1 128 ? -10.940 2.378   6.286   1.00 13.48 ? 105 TRP A CG  1 
ATOM   709  C  CD1 . TRP A 1 128 ? -12.257 2.721   6.368   1.00 13.74 ? 105 TRP A CD1 1 
ATOM   710  C  CD2 . TRP A 1 128 ? -10.696 2.035   4.914   1.00 13.34 ? 105 TRP A CD2 1 
ATOM   711  N  NE1 . TRP A 1 128 ? -12.851 2.634   5.132   1.00 13.53 ? 105 TRP A NE1 1 
ATOM   712  C  CE2 . TRP A 1 128 ? -11.921 2.200   4.222   1.00 13.73 ? 105 TRP A CE2 1 
ATOM   713  C  CE3 . TRP A 1 128 ? -9.578  1.581   4.209   1.00 13.31 ? 105 TRP A CE3 1 
ATOM   714  C  CZ2 . TRP A 1 128 ? -12.047 1.955   2.842   1.00 13.39 ? 105 TRP A CZ2 1 
ATOM   715  C  CZ3 . TRP A 1 128 ? -9.707  1.324   2.844   1.00 13.39 ? 105 TRP A CZ3 1 
ATOM   716  C  CH2 . TRP A 1 128 ? -10.936 1.520   2.175   1.00 13.33 ? 105 TRP A CH2 1 
ATOM   717  N  N   . GLY A 1 129 ? -8.006  -0.157  8.938   1.00 14.49 ? 106 GLY A N   1 
ATOM   718  C  CA  . GLY A 1 129 ? -6.959  -0.404  9.923   1.00 14.81 ? 106 GLY A CA  1 
ATOM   719  C  C   . GLY A 1 129 ? -5.640  0.139   9.409   1.00 15.44 ? 106 GLY A C   1 
ATOM   720  O  O   . GLY A 1 129 ? -5.565  0.696   8.309   1.00 15.46 ? 106 GLY A O   1 
ATOM   721  N  N   . GLU A 1 130 ? -4.606  -0.013  10.219  1.00 16.48 ? 107 GLU A N   1 
ATOM   722  C  CA  . GLU A 1 130 ? -3.274  0.481   9.893   1.00 17.95 ? 107 GLU A CA  1 
ATOM   723  C  C   . GLU A 1 130 ? -2.255  -0.640  10.098  1.00 18.17 ? 107 GLU A C   1 
ATOM   724  O  O   . GLU A 1 130 ? -2.377  -1.459  11.018  1.00 18.13 ? 107 GLU A O   1 
ATOM   725  C  CB  . GLU A 1 130 ? -2.945  1.737   10.716  1.00 19.18 ? 107 GLU A CB  1 
ATOM   726  C  CG  . GLU A 1 130 ? -3.894  2.892   10.375  1.00 20.69 ? 107 GLU A CG  1 
ATOM   727  C  CD  . GLU A 1 130 ? -3.634  4.188   11.139  1.00 21.75 ? 107 GLU A CD  1 
ATOM   728  O  OE1 . GLU A 1 130 ? -3.083  4.142   12.251  1.00 23.92 ? 107 GLU A OE1 1 
ATOM   729  O  OE2 . GLU A 1 130 ? -3.992  5.271   10.617  1.00 21.86 ? 107 GLU A OE2 1 
ATOM   730  N  N   . LYS A 1 131 ? -1.292  -0.709  9.188   1.00 17.85 ? 108 LYS A N   1 
ATOM   731  C  CA  . LYS A 1 131 ? -0.172  -1.630  9.301   1.00 17.63 ? 108 LYS A CA  1 
ATOM   732  C  C   . LYS A 1 131 ? 1.078   -0.847  8.937   1.00 17.03 ? 108 LYS A C   1 
ATOM   733  O  O   . LYS A 1 131 ? 1.122   -0.179  7.892   1.00 16.85 ? 108 LYS A O   1 
ATOM   734  C  CB  . LYS A 1 131 ? -0.345  -2.827  8.363   1.00 17.94 ? 108 LYS A CB  1 
ATOM   735  C  CG  . LYS A 1 131 ? 0.907   -3.695  8.252   1.00 18.54 ? 108 LYS A CG  1 
ATOM   736  C  CD  . LYS A 1 131 ? 0.764   -4.787  7.218   1.00 18.16 ? 108 LYS A CD  1 
ATOM   737  C  CE  . LYS A 1 131 ? 2.115   -5.352  6.826   1.00 17.91 ? 108 LYS A CE  1 
ATOM   738  N  NZ  . LYS A 1 131 ? 2.653   -6.285  7.866   1.00 18.29 ? 108 LYS A NZ  1 
ATOM   739  N  N   . THR A 1 132 ? 2.083   -0.925  9.794   1.00 16.21 ? 109 THR A N   1 
ATOM   740  C  CA  . THR A 1 132 ? 3.328   -0.196  9.595   1.00 16.57 ? 109 THR A CA  1 
ATOM   741  C  C   . THR A 1 132 ? 4.462   -1.151  9.343   1.00 16.72 ? 109 THR A C   1 
ATOM   742  O  O   . THR A 1 132 ? 4.664   -2.095  10.104  1.00 17.72 ? 109 THR A O   1 
ATOM   743  C  CB  . THR A 1 132 ? 3.648   0.688   10.812  1.00 16.09 ? 109 THR A CB  1 
ATOM   744  O  OG1 . THR A 1 132 ? 2.599   1.635   10.951  1.00 15.04 ? 109 THR A OG1 1 
ATOM   745  C  CG2 . THR A 1 132 ? 5.001   1.429   10.654  1.00 15.87 ? 109 THR A CG2 1 
ATOM   746  N  N   . ILE A 1 133 ? 5.163   -0.942  8.239   1.00 16.85 ? 110 ILE A N   1 
ATOM   747  C  CA  . ILE A 1 133 ? 6.409   -1.648  8.000   1.00 17.16 ? 110 ILE A CA  1 
ATOM   748  C  C   . ILE A 1 133 ? 7.579   -0.675  8.108   1.00 17.46 ? 110 ILE A C   1 
ATOM   749  O  O   . ILE A 1 133 ? 7.389   0.555   7.999   1.00 18.08 ? 110 ILE A O   1 
ATOM   750  C  CB  . ILE A 1 133 ? 6.434   -2.350  6.627   1.00 17.01 ? 110 ILE A CB  1 
ATOM   751  C  CG1 . ILE A 1 133 ? 6.231   -1.335  5.496   1.00 16.73 ? 110 ILE A CG1 1 
ATOM   752  C  CG2 . ILE A 1 133 ? 5.406   -3.480  6.578   1.00 17.28 ? 110 ILE A CG2 1 
ATOM   753  C  CD1 . ILE A 1 133 ? 6.494   -1.901  4.111   1.00 16.75 ? 110 ILE A CD1 1 
ATOM   754  N  N   . GLN A 1 134 ? 8.771   -1.235  8.303   1.00 17.57 ? 111 GLN A N   1 
ATOM   755  C  CA  . GLN A 1 134 ? 10.029  -0.477  8.326   1.00 18.79 ? 111 GLN A CA  1 
ATOM   756  C  C   . GLN A 1 134 ? 10.936  -0.912  7.173   1.00 17.35 ? 111 GLN A C   1 
ATOM   757  O  O   . GLN A 1 134 ? 11.417  -2.054  7.118   1.00 16.59 ? 111 GLN A O   1 
ATOM   758  C  CB  . GLN A 1 134 ? 10.755  -0.645  9.660   1.00 21.36 ? 111 GLN A CB  1 
ATOM   759  C  CG  . GLN A 1 134 ? 9.952   -0.159  10.852  1.00 25.07 ? 111 GLN A CG  1 
ATOM   760  C  CD  . GLN A 1 134 ? 10.819  0.087   12.077  1.00 28.93 ? 111 GLN A CD  1 
ATOM   761  O  OE1 . GLN A 1 134 ? 11.617  -0.768  12.469  1.00 33.74 ? 111 GLN A OE1 1 
ATOM   762  N  NE2 . GLN A 1 134 ? 10.668  1.261   12.689  1.00 30.94 ? 111 GLN A NE2 1 
ATOM   763  N  N   . VAL A 1 135 ? 11.150  0.015   6.250   1.00 16.55 ? 112 VAL A N   1 
ATOM   764  C  CA  . VAL A 1 135 ? 11.915  -0.229  5.044   1.00 17.13 ? 112 VAL A CA  1 
ATOM   765  C  C   . VAL A 1 135 ? 12.906  0.905   4.799   1.00 16.87 ? 112 VAL A C   1 
ATOM   766  O  O   . VAL A 1 135 ? 12.674  2.045   5.206   1.00 16.37 ? 112 VAL A O   1 
ATOM   767  C  CB  . VAL A 1 135 ? 11.006  -0.395  3.805   1.00 17.47 ? 112 VAL A CB  1 
ATOM   768  C  CG1 . VAL A 1 135 ? 10.184  -1.667  3.924   1.00 17.46 ? 112 VAL A CG1 1 
ATOM   769  C  CG2 . VAL A 1 135 ? 10.098  0.821   3.613   1.00 17.75 ? 112 VAL A CG2 1 
ATOM   770  N  N   . ALA A 1 136 ? 14.015  0.552   4.155   1.00 16.96 ? 113 ALA A N   1 
ATOM   771  C  CA  . ALA A 1 136 ? 15.047  1.485   3.773   1.00 17.18 ? 113 ALA A CA  1 
ATOM   772  C  C   . ALA A 1 136 ? 14.593  2.200   2.515   1.00 17.31 ? 113 ALA A C   1 
ATOM   773  O  O   . ALA A 1 136 ? 14.083  1.586   1.566   1.00 18.02 ? 113 ALA A O   1 
ATOM   774  C  CB  . ALA A 1 136 ? 16.363  0.750   3.518   1.00 17.16 ? 113 ALA A CB  1 
ATOM   775  N  N   . MET A 1 137 ? 14.767  3.508   2.517   1.00 17.97 ? 114 MET A N   1 
ATOM   776  C  CA  . MET A 1 137 ? 14.520  4.324   1.349   1.00 17.69 ? 114 MET A CA  1 
ATOM   777  C  C   . MET A 1 137 ? 15.627  5.349   1.283   1.00 17.45 ? 114 MET A C   1 
ATOM   778  O  O   . MET A 1 137 ? 16.277  5.668   2.281   1.00 16.83 ? 114 MET A O   1 
ATOM   779  C  CB  . MET A 1 137 ? 13.170  5.030   1.446   1.00 17.99 ? 114 MET A CB  1 
ATOM   780  C  CG  . MET A 1 137 ? 11.987  4.095   1.652   1.00 19.23 ? 114 MET A CG  1 
ATOM   781  S  SD  . MET A 1 137 ? 10.391  4.874   1.331   1.00 20.51 ? 114 MET A SD  1 
ATOM   782  C  CE  . MET A 1 137 ? 10.349  4.729   -0.448  1.00 20.37 ? 114 MET A CE  1 
ATOM   783  N  N   . ASN A 1 138 ? 15.852  5.849   0.088   1.00 17.91 ? 115 ASN A N   1 
ATOM   784  C  CA  . ASN A 1 138 ? 16.759  6.954   -0.118  1.00 18.65 ? 115 ASN A CA  1 
ATOM   785  C  C   . ASN A 1 138 ? 16.119  8.301   0.074   1.00 17.41 ? 115 ASN A C   1 
ATOM   786  O  O   . ASN A 1 138 ? 14.879  8.455   0.036   1.00 16.83 ? 115 ASN A O   1 
ATOM   787  C  CB  . ASN A 1 138 ? 17.373  6.872   -1.512  1.00 20.36 ? 115 ASN A CB  1 
ATOM   788  C  CG  . ASN A 1 138 ? 18.213  5.631   -1.684  1.00 21.86 ? 115 ASN A CG  1 
ATOM   789  O  OD1 . ASN A 1 138 ? 18.825  5.155   -0.730  1.00 23.94 ? 115 ASN A OD1 1 
ATOM   790  N  ND2 . ASN A 1 138 ? 18.245  5.096   -2.896  1.00 23.92 ? 115 ASN A ND2 1 
ATOM   791  N  N   . SER A 1 139 ? 16.992  9.277   0.297   1.00 15.94 ? 116 SER A N   1 
ATOM   792  C  CA  . SER A 1 139 ? 16.630  10.684  0.201   1.00 15.39 ? 116 SER A CA  1 
ATOM   793  C  C   . SER A 1 139 ? 16.168  10.943  -1.227  1.00 15.08 ? 116 SER A C   1 
ATOM   794  O  O   . SER A 1 139 ? 16.487  10.187  -2.136  1.00 15.27 ? 116 SER A O   1 
ATOM   795  C  CB  . SER A 1 139 ? 17.839  11.584  0.536   1.00 15.16 ? 116 SER A CB  1 
ATOM   796  O  OG  . SER A 1 139 ? 18.816  11.523  -0.489  1.00 14.21 ? 116 SER A OG  1 
ATOM   797  N  N   . GLY A 1 140 ? 15.378  11.988  -1.416  1.00 15.73 ? 117 GLY A N   1 
ATOM   798  C  CA  . GLY A 1 140 ? 14.905  12.341  -2.742  1.00 16.15 ? 117 GLY A CA  1 
ATOM   799  C  C   . GLY A 1 140 ? 13.711  11.493  -3.128  1.00 16.26 ? 117 GLY A C   1 
ATOM   800  O  O   . GLY A 1 140 ? 12.947  11.042  -2.250  1.00 16.80 ? 117 GLY A O   1 
ATOM   801  N  N   . VAL A 1 141 ? 13.559  11.270  -4.435  1.00 15.86 ? 118 VAL A N   1 
ATOM   802  C  CA  . VAL A 1 141 ? 12.375  10.602  -4.991  1.00 15.76 ? 118 VAL A CA  1 
ATOM   803  C  C   . VAL A 1 141 ? 12.588  9.099   -5.148  1.00 15.99 ? 118 VAL A C   1 
ATOM   804  O  O   . VAL A 1 141 ? 13.633  8.645   -5.643  1.00 16.10 ? 118 VAL A O   1 
ATOM   805  C  CB  . VAL A 1 141 ? 11.927  11.244  -6.324  1.00 15.97 ? 118 VAL A CB  1 
ATOM   806  C  CG1 . VAL A 1 141 ? 10.671  10.567  -6.864  1.00 16.01 ? 118 VAL A CG1 1 
ATOM   807  C  CG2 . VAL A 1 141 ? 11.652  12.735  -6.126  1.00 15.64 ? 118 VAL A CG2 1 
ATOM   808  N  N   . ASN A 1 142 ? 11.595  8.346   -4.701  1.00 15.56 ? 119 ASN A N   1 
ATOM   809  C  CA  . ASN A 1 142 ? 11.642  6.883   -4.656  1.00 16.75 ? 119 ASN A CA  1 
ATOM   810  C  C   . ASN A 1 142 ? 10.360  6.304   -5.223  1.00 16.61 ? 119 ASN A C   1 
ATOM   811  O  O   . ASN A 1 142 ? 9.321   6.985   -5.239  1.00 15.52 ? 119 ASN A O   1 
ATOM   812  C  CB  . ASN A 1 142 ? 11.743  6.370   -3.211  1.00 16.73 ? 119 ASN A CB  1 
ATOM   813  C  CG  . ASN A 1 142 ? 12.973  6.869   -2.494  1.00 16.98 ? 119 ASN A CG  1 
ATOM   814  O  OD1 . ASN A 1 142 ? 13.111  8.065   -2.199  1.00 20.16 ? 119 ASN A OD1 1 
ATOM   815  N  ND2 . ASN A 1 142 ? 13.859  5.966   -2.198  1.00 16.66 ? 119 ASN A ND2 1 
ATOM   816  N  N   . THR A 1 143 ? 10.432  5.047   -5.656  1.00 16.78 ? 120 THR A N   1 
ATOM   817  C  CA  . THR A 1 143 ? 9.216   4.301   -5.955  1.00 17.32 ? 120 THR A CA  1 
ATOM   818  C  C   . THR A 1 143 ? 8.964   3.237   -4.883  1.00 16.97 ? 120 THR A C   1 
ATOM   819  O  O   . THR A 1 143 ? 9.891   2.739   -4.223  1.00 15.49 ? 120 THR A O   1 
ATOM   820  C  CB  . THR A 1 143 ? 9.218   3.648   -7.348  1.00 17.40 ? 120 THR A CB  1 
ATOM   821  O  OG1 . THR A 1 143 ? 10.196  2.615   -7.394  1.00 17.35 ? 120 THR A OG1 1 
ATOM   822  C  CG2 . THR A 1 143 ? 9.493   4.683   -8.456  1.00 17.26 ? 120 THR A CG2 1 
ATOM   823  N  N   . LEU A 1 144 ? 7.683   2.920   -4.719  1.00 16.96 ? 121 LEU A N   1 
ATOM   824  C  CA  . LEU A 1 144 ? 7.261   1.823   -3.878  1.00 17.23 ? 121 LEU A CA  1 
ATOM   825  C  C   . LEU A 1 144 ? 6.124   1.125   -4.599  1.00 17.13 ? 121 LEU A C   1 
ATOM   826  O  O   . LEU A 1 144 ? 5.201   1.785   -5.093  1.00 16.19 ? 121 LEU A O   1 
ATOM   827  C  CB  . LEU A 1 144 ? 6.812   2.306   -2.486  1.00 17.68 ? 121 LEU A CB  1 
ATOM   828  C  CG  . LEU A 1 144 ? 6.613   1.140   -1.488  1.00 18.47 ? 121 LEU A CG  1 
ATOM   829  C  CD1 . LEU A 1 144 ? 7.179   1.460   -0.117  1.00 19.83 ? 121 LEU A CD1 1 
ATOM   830  C  CD2 . LEU A 1 144 ? 5.158   0.722   -1.367  1.00 19.02 ? 121 LEU A CD2 1 
ATOM   831  N  N   . ARG A 1 145 ? 6.217   -0.200  -4.679  1.00 16.73 ? 122 ARG A N   1 
ATOM   832  C  CA  . ARG A 1 145 ? 5.226   -1.013  -5.361  1.00 17.48 ? 122 ARG A CA  1 
ATOM   833  C  C   . ARG A 1 145 ? 4.859   -2.187  -4.468  1.00 16.48 ? 122 ARG A C   1 
ATOM   834  O  O   . ARG A 1 145 ? 5.738   -2.865  -3.914  1.00 16.84 ? 122 ARG A O   1 
ATOM   835  C  CB  . ARG A 1 145 ? 5.760   -1.535  -6.699  1.00 19.62 ? 122 ARG A CB  1 
ATOM   836  C  CG  . ARG A 1 145 ? 4.707   -2.255  -7.525  1.00 21.51 ? 122 ARG A CG  1 
ATOM   837  C  CD  . ARG A 1 145 ? 5.143   -2.456  -8.967  1.00 25.01 ? 122 ARG A CD  1 
ATOM   838  N  NE  . ARG A 1 145 ? 6.419   -3.156  -9.068  1.00 27.06 ? 122 ARG A NE  1 
ATOM   839  C  CZ  . ARG A 1 145 ? 6.593   -4.411  -9.494  1.00 31.01 ? 122 ARG A CZ  1 
ATOM   840  N  NH1 . ARG A 1 145 ? 5.561   -5.170  -9.889  1.00 32.97 ? 122 ARG A NH1 1 
ATOM   841  N  NH2 . ARG A 1 145 ? 7.825   -4.920  -9.521  1.00 31.18 ? 122 ARG A NH2 1 
ATOM   842  N  N   . ILE A 1 146 ? 3.554   -2.394  -4.318  1.00 14.64 ? 123 ILE A N   1 
ATOM   843  C  CA  . ILE A 1 146 ? 3.010   -3.528  -3.596  1.00 14.11 ? 123 ILE A CA  1 
ATOM   844  C  C   . ILE A 1 146 ? 2.211   -4.410  -4.569  1.00 13.20 ? 123 ILE A C   1 
ATOM   845  O  O   . ILE A 1 146 ? 1.472   -3.895  -5.391  1.00 12.48 ? 123 ILE A O   1 
ATOM   846  C  CB  . ILE A 1 146 ? 2.158   -3.086  -2.381  1.00 13.94 ? 123 ILE A CB  1 
ATOM   847  C  CG1 . ILE A 1 146 ? 0.911   -2.307  -2.793  1.00 14.12 ? 123 ILE A CG1 1 
ATOM   848  C  CG2 . ILE A 1 146 ? 2.993   -2.240  -1.429  1.00 14.04 ? 123 ILE A CG2 1 
ATOM   849  C  CD1 . ILE A 1 146 ? 0.081   -1.879  -1.595  1.00 14.42 ? 123 ILE A CD1 1 
ATOM   850  N  N   . VAL A 1 147 ? 2.372   -5.734  -4.454  1.00 13.15 ? 124 VAL A N   1 
ATOM   851  C  CA  . VAL A 1 147 ? 1.928   -6.694  -5.489  1.00 13.01 ? 124 VAL A CA  1 
ATOM   852  C  C   . VAL A 1 147 ? 1.291   -7.933  -4.870  1.00 13.46 ? 124 VAL A C   1 
ATOM   853  O  O   . VAL A 1 147 ? 1.833   -8.509  -3.931  1.00 14.05 ? 124 VAL A O   1 
ATOM   854  C  CB  . VAL A 1 147 ? 3.098   -7.162  -6.388  1.00 12.89 ? 124 VAL A CB  1 
ATOM   855  C  CG1 . VAL A 1 147 ? 2.596   -7.926  -7.619  1.00 12.92 ? 124 VAL A CG1 1 
ATOM   856  C  CG2 . VAL A 1 147 ? 3.937   -5.977  -6.833  1.00 13.04 ? 124 VAL A CG2 1 
ATOM   857  N  N   . THR A 1 148 ? 0.140   -8.347  -5.403  1.00 13.23 ? 125 THR A N   1 
ATOM   858  C  CA  . THR A 1 148 ? -0.508  -9.558  -4.936  1.00 13.24 ? 125 THR A CA  1 
ATOM   859  C  C   . THR A 1 148 ? 0.288   -10.798 -5.413  1.00 13.87 ? 125 THR A C   1 
ATOM   860  O  O   . THR A 1 148 ? 0.946   -10.785 -6.465  1.00 13.39 ? 125 THR A O   1 
ATOM   861  C  CB  . THR A 1 148 ? -2.012  -9.599  -5.329  1.00 12.76 ? 125 THR A CB  1 
ATOM   862  O  OG1 . THR A 1 148 ? -2.170  -9.671  -6.746  1.00 12.88 ? 125 THR A OG1 1 
ATOM   863  C  CG2 . THR A 1 148 ? -2.724  -8.369  -4.817  1.00 12.58 ? 125 THR A CG2 1 
ATOM   864  N  N   . THR A 1 149 ? 0.235   -11.854 -4.614  1.00 14.24 ? 126 THR A N   1 
ATOM   865  C  CA  . THR A 1 149 ? 1.042   -13.040 -4.838  1.00 14.65 ? 126 THR A CA  1 
ATOM   866  C  C   . THR A 1 149 ? 0.266   -14.362 -4.683  1.00 15.21 ? 126 THR A C   1 
ATOM   867  O  O   . THR A 1 149 ? 0.875   -15.417 -4.562  1.00 14.79 ? 126 THR A O   1 
ATOM   868  C  CB  . THR A 1 149 ? 2.180   -13.076 -3.816  1.00 14.78 ? 126 THR A CB  1 
ATOM   869  O  OG1 . THR A 1 149 ? 1.620   -13.243 -2.515  1.00 14.51 ? 126 THR A OG1 1 
ATOM   870  C  CG2 . THR A 1 149 ? 3.018   -11.777 -3.856  1.00 14.75 ? 126 THR A CG2 1 
ATOM   871  N  N   . GLY A 1 150 ? -1.067  -14.323 -4.688  1.00 15.52 ? 127 GLY A N   1 
ATOM   872  C  CA  . GLY A 1 150 ? -1.846  -15.552 -4.500  1.00 15.75 ? 127 GLY A CA  1 
ATOM   873  C  C   . GLY A 1 150 ? -3.096  -15.411 -3.676  1.00 15.72 ? 127 GLY A C   1 
ATOM   874  O  O   . GLY A 1 150 ? -4.038  -16.176 -3.865  1.00 15.82 ? 127 GLY A O   1 
ATOM   875  N  N   . THR A 1 151 ? -3.109  -14.439 -2.758  1.00 15.92 ? 128 THR A N   1 
ATOM   876  C  CA  . THR A 1 151 ? -4.260  -14.226 -1.862  1.00 15.03 ? 128 THR A CA  1 
ATOM   877  C  C   . THR A 1 151 ? -4.962  -12.887 -2.141  1.00 15.21 ? 128 THR A C   1 
ATOM   878  O  O   . THR A 1 151 ? -5.740  -12.405 -1.318  1.00 14.74 ? 128 THR A O   1 
ATOM   879  C  CB  . THR A 1 151 ? -3.838  -14.311 -0.385  1.00 14.87 ? 128 THR A CB  1 
ATOM   880  O  OG1 . THR A 1 151 ? -2.625  -13.569 -0.191  1.00 14.75 ? 128 THR A OG1 1 
ATOM   881  C  CG2 . THR A 1 151 ? -3.611  -15.777 0.042   1.00 15.32 ? 128 THR A CG2 1 
ATOM   882  N  N   . GLU A 1 152 ? -4.706  -12.296 -3.309  1.00 15.19 ? 129 GLU A N   1 
ATOM   883  C  CA  . GLU A 1 152 ? -5.336  -11.039 -3.681  1.00 15.13 ? 129 GLU A CA  1 
ATOM   884  C  C   . GLU A 1 152 ? -4.829  -9.971  -2.707  1.00 15.25 ? 129 GLU A C   1 
ATOM   885  O  O   . GLU A 1 152 ? -3.702  -10.083 -2.203  1.00 15.77 ? 129 GLU A O   1 
ATOM   886  C  CB  . GLU A 1 152 ? -6.870  -11.203 -3.675  1.00 15.50 ? 129 GLU A CB  1 
ATOM   887  C  CG  . GLU A 1 152 ? -7.583  -10.644 -4.897  1.00 15.18 ? 129 GLU A CG  1 
ATOM   888  C  CD  . GLU A 1 152 ? -8.472  -9.465  -4.607  1.00 15.89 ? 129 GLU A CD  1 
ATOM   889  O  OE1 . GLU A 1 152 ? -9.536  -9.362  -5.260  1.00 16.42 ? 129 GLU A OE1 1 
ATOM   890  O  OE2 . GLU A 1 152 ? -8.127  -8.612  -3.749  1.00 16.41 ? 129 GLU A OE2 1 
ATOM   891  N  N   . GLY A 1 153 ? -5.615  -8.934  -2.437  1.00 14.71 ? 130 GLY A N   1 
ATOM   892  C  CA  . GLY A 1 153 ? -5.138  -7.886  -1.549  1.00 14.11 ? 130 GLY A CA  1 
ATOM   893  C  C   . GLY A 1 153 ? -6.231  -7.221  -0.752  1.00 13.90 ? 130 GLY A C   1 
ATOM   894  O  O   . GLY A 1 153 ? -7.433  -7.360  -1.080  1.00 12.94 ? 130 GLY A O   1 
ATOM   895  N  N   . PRO A 1 154 ? -5.823  -6.498  0.315   1.00 13.76 ? 131 PRO A N   1 
ATOM   896  C  CA  . PRO A 1 154 ? -6.760  -5.662  1.042   1.00 13.42 ? 131 PRO A CA  1 
ATOM   897  C  C   . PRO A 1 154 ? -7.144  -4.460  0.166   1.00 13.54 ? 131 PRO A C   1 
ATOM   898  O  O   . PRO A 1 154 ? -6.406  -4.134  -0.763  1.00 14.07 ? 131 PRO A O   1 
ATOM   899  C  CB  . PRO A 1 154 ? -5.950  -5.219  2.265   1.00 13.35 ? 131 PRO A CB  1 
ATOM   900  C  CG  . PRO A 1 154 ? -4.535  -5.234  1.825   1.00 13.38 ? 131 PRO A CG  1 
ATOM   901  C  CD  . PRO A 1 154 ? -4.434  -6.323  0.794   1.00 13.69 ? 131 PRO A CD  1 
ATOM   902  N  N   . ASN A 1 155 ? -8.297  -3.836  0.415   1.00 13.25 ? 132 ASN A N   1 
ATOM   903  C  CA  . ASN A 1 155 ? -8.602  -2.542  -0.220  1.00 13.24 ? 132 ASN A CA  1 
ATOM   904  C  C   . ASN A 1 155 ? -7.685  -1.475  0.424   1.00 13.68 ? 132 ASN A C   1 
ATOM   905  O  O   . ASN A 1 155 ? -7.644  -1.323  1.649   1.00 14.17 ? 132 ASN A O   1 
ATOM   906  C  CB  . ASN A 1 155 ? -10.084 -2.158  -0.072  1.00 12.81 ? 132 ASN A CB  1 
ATOM   907  C  CG  . ASN A 1 155 ? -11.021 -3.048  -0.903  1.00 12.73 ? 132 ASN A CG  1 
ATOM   908  O  OD1 . ASN A 1 155 ? -10.587 -3.828  -1.760  1.00 12.43 ? 132 ASN A OD1 1 
ATOM   909  N  ND2 . ASN A 1 155 ? -12.305 -2.927  -0.652  1.00 12.39 ? 132 ASN A ND2 1 
ATOM   910  N  N   . MET A 1 156 ? -6.947  -0.761  -0.413  1.00 13.53 ? 133 MET A N   1 
ATOM   911  C  CA  . MET A 1 156 ? -5.837  0.054   0.026   1.00 13.68 ? 133 MET A CA  1 
ATOM   912  C  C   . MET A 1 156 ? -6.216  1.525   -0.098  1.00 13.28 ? 133 MET A C   1 
ATOM   913  O  O   . MET A 1 156 ? -6.482  2.016   -1.202  1.00 12.82 ? 133 MET A O   1 
ATOM   914  C  CB  . MET A 1 156 ? -4.596  -0.254  -0.828  1.00 14.00 ? 133 MET A CB  1 
ATOM   915  C  CG  . MET A 1 156 ? -3.329  0.423   -0.346  1.00 14.76 ? 133 MET A CG  1 
ATOM   916  S  SD  . MET A 1 156 ? -2.901  -0.029  1.340   1.00 16.37 ? 133 MET A SD  1 
ATOM   917  C  CE  . MET A 1 156 ? -2.612  -1.793  1.159   1.00 16.51 ? 133 MET A CE  1 
ATOM   918  N  N   . ASP A 1 157 ? -6.248  2.212   1.040   1.00 13.24 ? 134 ASP A N   1 
ATOM   919  C  CA  . ASP A 1 157 ? -6.677  3.604   1.083   1.00 13.85 ? 134 ASP A CA  1 
ATOM   920  C  C   . ASP A 1 157 ? -5.513  4.544   0.787   1.00 14.17 ? 134 ASP A C   1 
ATOM   921  O  O   . ASP A 1 157 ? -5.617  5.403   -0.089  1.00 14.66 ? 134 ASP A O   1 
ATOM   922  C  CB  . ASP A 1 157 ? -7.277  3.935   2.448   1.00 13.34 ? 134 ASP A CB  1 
ATOM   923  C  CG  . ASP A 1 157 ? -7.838  5.322   2.505   1.00 13.66 ? 134 ASP A CG  1 
ATOM   924  O  OD1 . ASP A 1 157 ? -8.082  5.931   1.427   1.00 12.67 ? 134 ASP A OD1 1 
ATOM   925  O  OD2 . ASP A 1 157 ? -8.027  5.812   3.636   1.00 13.77 ? 134 ASP A OD2 1 
ATOM   926  N  N   . ASN A 1 158 ? -4.422  4.379   1.527   1.00 14.38 ? 135 ASN A N   1 
ATOM   927  C  CA  . ASN A 1 158 ? -3.283  5.301   1.455   1.00 15.21 ? 135 ASN A CA  1 
ATOM   928  C  C   . ASN A 1 158 ? -2.081  4.751   2.193   1.00 15.46 ? 135 ASN A C   1 
ATOM   929  O  O   . ASN A 1 158 ? -2.184  3.749   2.888   1.00 16.54 ? 135 ASN A O   1 
ATOM   930  C  CB  . ASN A 1 158 ? -3.641  6.690   2.030   1.00 15.31 ? 135 ASN A CB  1 
ATOM   931  C  CG  . ASN A 1 158 ? -3.695  6.713   3.550   1.00 14.88 ? 135 ASN A CG  1 
ATOM   932  O  OD1 . ASN A 1 158 ? -2.828  6.177   4.220   1.00 16.12 ? 135 ASN A OD1 1 
ATOM   933  N  ND2 . ASN A 1 158 ? -4.706  7.340   4.094   1.00 15.13 ? 135 ASN A ND2 1 
ATOM   934  N  N   . ILE A 1 159 ? -0.943  5.417   2.015   1.00 15.77 ? 136 ILE A N   1 
ATOM   935  C  CA  . ILE A 1 159 ? 0.228   5.218   2.858   1.00 15.84 ? 136 ILE A CA  1 
ATOM   936  C  C   . ILE A 1 159 ? 0.725   6.539   3.451   1.00 15.45 ? 136 ILE A C   1 
ATOM   937  O  O   . ILE A 1 159 ? 0.586   7.604   2.848   1.00 15.28 ? 136 ILE A O   1 
ATOM   938  C  CB  . ILE A 1 159 ? 1.391   4.533   2.099   1.00 15.59 ? 136 ILE A CB  1 
ATOM   939  C  CG1 . ILE A 1 159 ? 1.894   5.385   0.940   1.00 16.17 ? 136 ILE A CG1 1 
ATOM   940  C  CG2 . ILE A 1 159 ? 0.950   3.161   1.615   1.00 16.22 ? 136 ILE A CG2 1 
ATOM   941  C  CD1 . ILE A 1 159 ? 3.130   4.815   0.252   1.00 16.55 ? 136 ILE A CD1 1 
ATOM   942  N  N   . THR A 1 160 ? 1.306   6.447   4.635   1.00 15.33 ? 137 THR A N   1 
ATOM   943  C  CA  . THR A 1 160 ? 1.978   7.576   5.275   1.00 15.46 ? 137 THR A CA  1 
ATOM   944  C  C   . THR A 1 160 ? 3.429   7.169   5.521   1.00 15.16 ? 137 THR A C   1 
ATOM   945  O  O   . THR A 1 160 ? 3.695   6.095   6.068   1.00 15.27 ? 137 THR A O   1 
ATOM   946  C  CB  . THR A 1 160 ? 1.273   7.959   6.579   1.00 15.82 ? 137 THR A CB  1 
ATOM   947  O  OG1 . THR A 1 160 ? -0.068  8.347   6.278   1.00 15.68 ? 137 THR A OG1 1 
ATOM   948  C  CG2 . THR A 1 160 ? 1.992   9.131   7.299   1.00 15.83 ? 137 THR A CG2 1 
ATOM   949  N  N   . VAL A 1 161 ? 4.354   8.001   5.059   1.00 15.10 ? 138 VAL A N   1 
ATOM   950  C  CA  . VAL A 1 161 ? 5.780   7.727   5.155   1.00 15.67 ? 138 VAL A CA  1 
ATOM   951  C  C   . VAL A 1 161 ? 6.399   8.708   6.145   1.00 16.61 ? 138 VAL A C   1 
ATOM   952  O  O   . VAL A 1 161 ? 6.286   9.920   5.972   1.00 16.38 ? 138 VAL A O   1 
ATOM   953  C  CB  . VAL A 1 161 ? 6.470   7.841   3.779   1.00 15.00 ? 138 VAL A CB  1 
ATOM   954  C  CG1 . VAL A 1 161 ? 7.958   7.515   3.877   1.00 15.23 ? 138 VAL A CG1 1 
ATOM   955  C  CG2 . VAL A 1 161 ? 5.787   6.941   2.752   1.00 14.71 ? 138 VAL A CG2 1 
ATOM   956  N  N   . THR A 1 162 ? 7.005   8.174   7.202   1.00 18.23 ? 139 THR A N   1 
ATOM   957  C  CA  . THR A 1 162 ? 7.746   8.980   8.179   1.00 19.66 ? 139 THR A CA  1 
ATOM   958  C  C   . THR A 1 162 ? 9.148   8.385   8.375   1.00 20.16 ? 139 THR A C   1 
ATOM   959  O  O   . THR A 1 162 ? 9.359   7.175   8.191   1.00 20.59 ? 139 THR A O   1 
ATOM   960  C  CB  . THR A 1 162 ? 7.027   9.046   9.550   1.00 20.37 ? 139 THR A CB  1 
ATOM   961  O  OG1 . THR A 1 162 ? 6.947   7.729   10.109  1.00 22.67 ? 139 THR A OG1 1 
ATOM   962  C  CG2 . THR A 1 162 ? 5.626   9.585   9.428   1.00 20.50 ? 139 THR A CG2 1 
ATOM   963  N  N   . ALA A 1 163 ? 10.102  9.233   8.746   1.00 20.46 ? 140 ALA A N   1 
ATOM   964  C  CA  . ALA A 1 163 ? 11.441  8.776   9.096   1.00 21.76 ? 140 ALA A CA  1 
ATOM   965  C  C   . ALA A 1 163 ? 11.382  7.983   10.412  1.00 24.14 ? 140 ALA A C   1 
ATOM   966  O  O   . ALA A 1 163 ? 10.700  8.391   11.348  1.00 23.67 ? 140 ALA A O   1 
ATOM   967  C  CB  . ALA A 1 163 ? 12.383  9.968   9.229   1.00 21.74 ? 140 ALA A CB  1 
ATOM   968  N  N   . SER A 1 164 ? 12.075  6.851   10.490  1.00 26.81 ? 141 SER A N   1 
ATOM   969  C  CA  . SER A 1 164 ? 12.012  6.027   11.700  1.00 31.24 ? 141 SER A CA  1 
ATOM   970  C  C   . SER A 1 164 ? 12.759  6.657   12.860  1.00 33.46 ? 141 SER A C   1 
ATOM   971  O  O   . SER A 1 164 ? 13.556  7.580   12.694  1.00 36.24 ? 141 SER A O   1 
ATOM   972  C  CB  . SER A 1 164 ? 12.543  4.622   11.450  1.00 32.15 ? 141 SER A CB  1 
ATOM   973  O  OG  . SER A 1 164 ? 11.614  3.906   10.665  1.00 35.47 ? 141 SER A OG  1 
ATOM   974  O  OXT . SER A 1 164 ? 12.552  6.249   13.999  1.00 35.96 ? 141 SER A OXT 1 
HETATM 975  CA CA  . CA  B 2 .   ? -7.595  7.133   -0.498  1.00 14.74 ? 201 CA  A CA  1 
HETATM 976  CA CA  . CA  C 2 .   ? -10.135 -7.040  -4.379  1.00 16.05 ? 202 CA  A CA  1 
HETATM 977  C  C1  . GOL D 3 .   ? -14.141 -6.084  -1.819  1.00 17.70 ? 203 GOL A C1  1 
HETATM 978  O  O1  . GOL D 3 .   ? -14.063 -4.648  -1.998  1.00 17.74 ? 203 GOL A O1  1 
HETATM 979  C  C2  . GOL D 3 .   ? -13.118 -6.833  -2.708  1.00 18.26 ? 203 GOL A C2  1 
HETATM 980  O  O2  . GOL D 3 .   ? -11.850 -6.157  -2.790  1.00 16.62 ? 203 GOL A O2  1 
HETATM 981  C  C3  . GOL D 3 .   ? -12.883 -8.285  -2.239  1.00 18.23 ? 203 GOL A C3  1 
HETATM 982  O  O3  . GOL D 3 .   ? -11.590 -8.762  -2.675  1.00 18.10 ? 203 GOL A O3  1 
HETATM 983  O  O   . HOH E 4 .   ? 13.442  15.322  -2.441  1.00 20.45 ? 301 HOH A O   1 
HETATM 984  O  O   . HOH E 4 .   ? 9.251   -0.039  -6.654  1.00 2.00  ? 302 HOH A O   1 
HETATM 985  O  O   . HOH E 4 .   ? 20.550  11.185  3.918   1.00 18.92 ? 303 HOH A O   1 
HETATM 986  O  O   . HOH E 4 .   ? 16.033  9.172   -4.723  1.00 12.40 ? 304 HOH A O   1 
HETATM 987  O  O   . HOH E 4 .   ? 5.984   -14.249 -4.120  1.00 30.58 ? 305 HOH A O   1 
HETATM 988  O  O   . HOH E 4 .   ? -8.796  -5.649  -2.796  1.00 5.30  ? 306 HOH A O   1 
HETATM 989  O  O   . HOH E 4 .   ? -1.667  -11.815 -2.576  1.00 11.12 ? 307 HOH A O   1 
HETATM 990  O  O   . HOH E 4 .   ? 8.711   -3.693  9.440   1.00 14.46 ? 308 HOH A O   1 
HETATM 991  O  O   . HOH E 4 .   ? -6.387  -12.048 9.464   1.00 15.76 ? 309 HOH A O   1 
HETATM 992  O  O   . HOH E 4 .   ? 14.987  7.785   7.824   1.00 12.51 ? 310 HOH A O   1 
HETATM 993  O  O   . HOH E 4 .   ? 5.904   -9.799  -6.678  1.00 13.19 ? 311 HOH A O   1 
HETATM 994  O  O   . HOH E 4 .   ? -7.974  -7.846  -13.717 1.00 13.75 ? 312 HOH A O   1 
HETATM 995  O  O   . HOH E 4 .   ? -11.992 -7.385  -6.137  1.00 17.52 ? 313 HOH A O   1 
HETATM 996  O  O   . HOH E 4 .   ? -2.778  3.243   -13.532 1.00 21.24 ? 314 HOH A O   1 
HETATM 997  O  O   . HOH E 4 .   ? 1.777   -2.526  12.229  1.00 18.80 ? 315 HOH A O   1 
HETATM 998  O  O   . HOH E 4 .   ? 1.256   -1.189  -10.966 1.00 12.17 ? 316 HOH A O   1 
HETATM 999  O  O   . HOH E 4 .   ? -9.728  2.817   -11.596 1.00 21.88 ? 317 HOH A O   1 
HETATM 1000 O  O   . HOH E 4 .   ? 4.328   6.555   8.894   1.00 17.77 ? 318 HOH A O   1 
HETATM 1001 O  O   . HOH E 4 .   ? -0.195  -14.558 -1.212  1.00 14.86 ? 319 HOH A O   1 
HETATM 1002 O  O   . HOH E 4 .   ? -16.999 2.393   -6.590  1.00 26.14 ? 320 HOH A O   1 
HETATM 1003 O  O   . HOH E 4 .   ? -7.324  -14.309 -0.210  1.00 17.14 ? 321 HOH A O   1 
HETATM 1004 O  O   . HOH E 4 .   ? -14.819 -1.685  -3.279  1.00 22.21 ? 322 HOH A O   1 
HETATM 1005 O  O   . HOH E 4 .   ? 7.771   10.637  2.117   1.00 21.12 ? 323 HOH A O   1 
HETATM 1006 O  O   . HOH E 4 .   ? 7.930   12.311  4.364   1.00 26.31 ? 324 HOH A O   1 
HETATM 1007 O  O   . HOH E 4 .   ? -7.161  11.624  -4.112  1.00 24.98 ? 325 HOH A O   1 
HETATM 1008 O  O   . HOH E 4 .   ? 9.255   12.336  8.987   1.00 20.63 ? 326 HOH A O   1 
HETATM 1009 O  O   . HOH E 4 .   ? 12.035  16.807  -4.494  1.00 19.79 ? 327 HOH A O   1 
HETATM 1010 O  O   . HOH E 4 .   ? -17.797 -5.788  5.445   1.00 27.69 ? 328 HOH A O   1 
HETATM 1011 O  O   . HOH E 4 .   ? 3.878   8.700   -5.231  1.00 29.19 ? 329 HOH A O   1 
HETATM 1012 O  O   . HOH E 4 .   ? -10.256 -12.281 -8.303  1.00 11.56 ? 330 HOH A O   1 
HETATM 1013 O  O   . HOH E 4 .   ? -1.726  11.597  -2.371  1.00 23.13 ? 331 HOH A O   1 
HETATM 1014 O  O   . HOH E 4 .   ? -11.366 -10.928 -6.312  1.00 17.51 ? 332 HOH A O   1 
HETATM 1015 O  O   . HOH E 4 .   ? -8.865  -12.759 2.650   1.00 14.46 ? 333 HOH A O   1 
HETATM 1016 O  O   . HOH E 4 .   ? -12.859 -1.107  1.567   1.00 14.18 ? 334 HOH A O   1 
HETATM 1017 O  O   . HOH E 4 .   ? -2.943  -10.997 -12.791 1.00 15.13 ? 335 HOH A O   1 
HETATM 1018 O  O   . HOH E 4 .   ? -13.119 -12.795 -7.197  1.00 29.51 ? 336 HOH A O   1 
HETATM 1019 O  O   . HOH E 4 .   ? 11.913  2.256   -9.410  1.00 29.79 ? 337 HOH A O   1 
HETATM 1020 O  O   . HOH E 4 .   ? -12.168 -10.656 3.088   1.00 24.13 ? 338 HOH A O   1 
HETATM 1021 O  O   . HOH E 4 .   ? 11.785  15.613  0.461   1.00 20.96 ? 339 HOH A O   1 
HETATM 1022 O  O   . HOH E 4 .   ? 0.475   0.888   12.311  1.00 27.53 ? 340 HOH A O   1 
HETATM 1023 O  O   . HOH E 4 .   ? -1.391  5.802   6.415   1.00 16.03 ? 341 HOH A O   1 
HETATM 1024 O  O   . HOH E 4 .   ? 7.539   14.862  0.439   1.00 37.36 ? 342 HOH A O   1 
HETATM 1025 O  O   . HOH E 4 .   ? -14.580 -6.522  -6.094  1.00 26.24 ? 343 HOH A O   1 
HETATM 1026 O  O   . HOH E 4 .   ? 14.620  -0.723  0.399   1.00 19.14 ? 344 HOH A O   1 
HETATM 1027 O  O   . HOH E 4 .   ? -3.273  -8.455  -16.831 1.00 23.73 ? 345 HOH A O   1 
HETATM 1028 O  O   . HOH E 4 .   ? 4.224   5.372   11.500  1.00 30.06 ? 346 HOH A O   1 
HETATM 1029 O  O   . HOH E 4 .   ? -3.716  6.293   -9.675  1.00 30.74 ? 347 HOH A O   1 
HETATM 1030 O  O   . HOH E 4 .   ? 3.841   -4.427  9.967   1.00 22.05 ? 348 HOH A O   1 
HETATM 1031 O  O   . HOH E 4 .   ? -11.185 -15.698 5.285   1.00 39.07 ? 349 HOH A O   1 
HETATM 1032 O  O   . HOH E 4 .   ? 16.475  1.820   -2.240  1.00 20.52 ? 350 HOH A O   1 
HETATM 1033 O  O   . HOH E 4 .   ? 17.672  1.328   6.455   1.00 22.55 ? 351 HOH A O   1 
HETATM 1034 O  O   . HOH E 4 .   ? -11.579 -9.045  -8.237  1.00 26.87 ? 352 HOH A O   1 
HETATM 1035 O  O   . HOH E 4 .   ? -4.606  8.258   6.869   1.00 22.24 ? 353 HOH A O   1 
HETATM 1036 O  O   . HOH E 4 .   ? -4.974  -7.700  -18.913 1.00 12.45 ? 354 HOH A O   1 
# 
loop_
_pdbx_poly_seq_scheme.asym_id 
_pdbx_poly_seq_scheme.entity_id 
_pdbx_poly_seq_scheme.seq_id 
_pdbx_poly_seq_scheme.mon_id 
_pdbx_poly_seq_scheme.ndb_seq_num 
_pdbx_poly_seq_scheme.pdb_seq_num 
_pdbx_poly_seq_scheme.auth_seq_num 
_pdbx_poly_seq_scheme.pdb_mon_id 
_pdbx_poly_seq_scheme.auth_mon_id 
_pdbx_poly_seq_scheme.pdb_strand_id 
_pdbx_poly_seq_scheme.pdb_ins_code 
_pdbx_poly_seq_scheme.hetero 
A 1 1   MET 1   -22 ?   ?   ?   A . n 
A 1 2   GLY 2   -21 ?   ?   ?   A . n 
A 1 3   SER 3   -20 ?   ?   ?   A . n 
A 1 4   SER 4   -19 ?   ?   ?   A . n 
A 1 5   HIS 5   -18 ?   ?   ?   A . n 
A 1 6   HIS 6   -17 ?   ?   ?   A . n 
A 1 7   HIS 7   -16 ?   ?   ?   A . n 
A 1 8   HIS 8   -15 ?   ?   ?   A . n 
A 1 9   HIS 9   -14 ?   ?   ?   A . n 
A 1 10  HIS 10  -13 ?   ?   ?   A . n 
A 1 11  SER 11  -12 ?   ?   ?   A . n 
A 1 12  SER 12  -11 ?   ?   ?   A . n 
A 1 13  GLY 13  -10 ?   ?   ?   A . n 
A 1 14  LEU 14  -9  ?   ?   ?   A . n 
A 1 15  VAL 15  -8  ?   ?   ?   A . n 
A 1 16  PRO 16  -7  ?   ?   ?   A . n 
A 1 17  ARG 17  -6  ?   ?   ?   A . n 
A 1 18  GLY 18  -5  ?   ?   ?   A . n 
A 1 19  HIS 19  -4  ?   ?   ?   A . n 
A 1 20  SER 20  -3  ?   ?   ?   A . n 
A 1 21  MET 21  -2  ?   ?   ?   A . n 
A 1 22  ALA 22  -1  ?   ?   ?   A . n 
A 1 23  SER 23  0   ?   ?   ?   A . n 
A 1 24  LEU 24  1   ?   ?   ?   A . n 
A 1 25  SER 25  2   ?   ?   ?   A . n 
A 1 26  GLY 26  3   ?   ?   ?   A . n 
A 1 27  GLY 27  4   ?   ?   ?   A . n 
A 1 28  ASN 28  5   ?   ?   ?   A . n 
A 1 29  SER 29  6   ?   ?   ?   A . n 
A 1 30  GLY 30  7   ?   ?   ?   A . n 
A 1 31  GLY 31  8   ?   ?   ?   A . n 
A 1 32  GLY 32  9   ?   ?   ?   A . n 
A 1 33  ASN 33  10  ?   ?   ?   A . n 
A 1 34  VAL 34  11  ?   ?   ?   A . n 
A 1 35  ASN 35  12  ?   ?   ?   A . n 
A 1 36  THR 36  13  ?   ?   ?   A . n 
A 1 37  GLY 37  14  14  GLY GLY A . n 
A 1 38  THR 38  15  15  THR THR A . n 
A 1 39  THR 39  16  16  THR THR A . n 
A 1 40  TYR 40  17  17  TYR TYR A . n 
A 1 41  GLU 41  18  18  GLU GLU A . n 
A 1 42  ALA 42  19  19  ALA ALA A . n 
A 1 43  GLU 43  20  20  GLU GLU A . n 
A 1 44  THR 44  21  21  THR THR A . n 
A 1 45  GLY 45  22  22  GLY GLY A . n 
A 1 46  THR 46  23  23  THR THR A . n 
A 1 47  THR 47  24  24  THR THR A . n 
A 1 48  LEU 48  25  25  LEU LEU A . n 
A 1 49  THR 49  26  26  THR THR A . n 
A 1 50  ASP 50  27  27  ASP ASP A . n 
A 1 51  ALA 51  28  28  ALA ALA A . n 
A 1 52  VAL 52  29  29  VAL VAL A . n 
A 1 53  VAL 53  30  30  VAL VAL A . n 
A 1 54  GLU 54  31  31  GLU GLU A . n 
A 1 55  THR 55  32  32  THR THR A . n 
A 1 56  LEU 56  33  33  LEU LEU A . n 
A 1 57  TYR 57  34  34  TYR TYR A . n 
A 1 58  PRO 58  35  35  PRO PRO A . n 
A 1 59  GLY 59  36  36  GLY GLY A . n 
A 1 60  TYR 60  37  37  TYR TYR A . n 
A 1 61  THR 61  38  38  THR THR A . n 
A 1 62  GLY 62  39  39  GLY GLY A . n 
A 1 63  SER 63  40  40  SER SER A . n 
A 1 64  GLY 64  41  41  GLY GLY A . n 
A 1 65  TYR 65  42  42  TYR TYR A . n 
A 1 66  VAL 66  43  43  VAL VAL A . n 
A 1 67  ASN 67  44  44  ASN ASN A . n 
A 1 68  PHE 68  45  45  PHE PHE A . n 
A 1 69  ASN 69  46  46  ASN ASN A . n 
A 1 70  ALA 70  47  47  ALA ALA A . n 
A 1 71  TYR 71  48  48  TYR TYR A . n 
A 1 72  THR 72  49  49  THR THR A . n 
A 1 73  ASN 73  50  50  ASN ASN A . n 
A 1 74  SER 74  51  51  SER SER A . n 
A 1 75  ALA 75  52  52  ALA ALA A . n 
A 1 76  ILE 76  53  53  ILE ILE A . n 
A 1 77  GLU 77  54  54  GLU GLU A . n 
A 1 78  TRP 78  55  55  TRP TRP A . n 
A 1 79  ASN 79  56  56  ASN ASN A . n 
A 1 80  ALA 80  57  57  ALA ALA A . n 
A 1 81  ILE 81  58  58  ILE ILE A . n 
A 1 82  ASN 82  59  59  ASN ASN A . n 
A 1 83  ASN 83  60  60  ASN ASN A . n 
A 1 84  MET 84  61  61  MET MET A . n 
A 1 85  THR 85  62  62  THR THR A . n 
A 1 86  THR 86  63  63  THR THR A . n 
A 1 87  GLY 87  64  64  GLY GLY A . n 
A 1 88  THR 88  65  65  THR THR A . n 
A 1 89  LYS 89  66  66  LYS LYS A . n 
A 1 90  ASN 90  67  67  ASN ASN A . n 
A 1 91  VAL 91  68  68  VAL VAL A . n 
A 1 92  LYS 92  69  69  LYS LYS A . n 
A 1 93  PHE 93  70  70  PHE PHE A . n 
A 1 94  ARG 94  71  71  ARG ARG A . n 
A 1 95  TYR 95  72  72  TYR TYR A . n 
A 1 96  ALA 96  73  73  ALA ALA A . n 
A 1 97  LEU 97  74  74  LEU LEU A . n 
A 1 98  GLU 98  75  75  GLU GLU A . n 
A 1 99  SER 99  76  76  SER SER A . n 
A 1 100 GLY 100 77  77  GLY GLY A . n 
A 1 101 THR 101 78  78  THR THR A . n 
A 1 102 ARG 102 79  79  ARG ARG A . n 
A 1 103 ASN 103 80  80  ASN ASN A . n 
A 1 104 LEU 104 81  81  LEU LEU A . n 
A 1 105 ASP 105 82  82  ASP ASP A . n 
A 1 106 ILE 106 83  83  ILE ILE A . n 
A 1 107 TYR 107 84  84  TYR TYR A . n 
A 1 108 VAL 108 85  85  VAL VAL A . n 
A 1 109 ASN 109 86  86  ASN ASN A . n 
A 1 110 GLY 110 87  87  GLY GLY A . n 
A 1 111 THR 111 88  88  THR THR A . n 
A 1 112 LYS 112 89  89  LYS LYS A . n 
A 1 113 VAL 113 90  90  VAL VAL A . n 
A 1 114 LEU 114 91  91  LEU LEU A . n 
A 1 115 SER 115 92  92  SER SER A . n 
A 1 116 ASN 116 93  93  ASN ASN A . n 
A 1 117 GLU 117 94  94  GLU GLU A . n 
A 1 118 PRO 118 95  95  PRO PRO A . n 
A 1 119 PHE 119 96  96  PHE PHE A . n 
A 1 120 THR 120 97  97  THR THR A . n 
A 1 121 GLU 121 98  98  GLU GLU A . n 
A 1 122 THR 122 99  99  THR THR A . n 
A 1 123 GLY 123 100 100 GLY GLY A . n 
A 1 124 SER 124 101 101 SER SER A . n 
A 1 125 TRP 125 102 102 TRP TRP A . n 
A 1 126 SER 126 103 103 SER SER A . n 
A 1 127 THR 127 104 104 THR THR A . n 
A 1 128 TRP 128 105 105 TRP TRP A . n 
A 1 129 GLY 129 106 106 GLY GLY A . n 
A 1 130 GLU 130 107 107 GLU GLU A . n 
A 1 131 LYS 131 108 108 LYS LYS A . n 
A 1 132 THR 132 109 109 THR THR A . n 
A 1 133 ILE 133 110 110 ILE ILE A . n 
A 1 134 GLN 134 111 111 GLN GLN A . n 
A 1 135 VAL 135 112 112 VAL VAL A . n 
A 1 136 ALA 136 113 113 ALA ALA A . n 
A 1 137 MET 137 114 114 MET MET A . n 
A 1 138 ASN 138 115 115 ASN ASN A . n 
A 1 139 SER 139 116 116 SER SER A . n 
A 1 140 GLY 140 117 117 GLY GLY A . n 
A 1 141 VAL 141 118 118 VAL VAL A . n 
A 1 142 ASN 142 119 119 ASN ASN A . n 
A 1 143 THR 143 120 120 THR THR A . n 
A 1 144 LEU 144 121 121 LEU LEU A . n 
A 1 145 ARG 145 122 122 ARG ARG A . n 
A 1 146 ILE 146 123 123 ILE ILE A . n 
A 1 147 VAL 147 124 124 VAL VAL A . n 
A 1 148 THR 148 125 125 THR THR A . n 
A 1 149 THR 149 126 126 THR THR A . n 
A 1 150 GLY 150 127 127 GLY GLY A . n 
A 1 151 THR 151 128 128 THR THR A . n 
A 1 152 GLU 152 129 129 GLU GLU A . n 
A 1 153 GLY 153 130 130 GLY GLY A . n 
A 1 154 PRO 154 131 131 PRO PRO A . n 
A 1 155 ASN 155 132 132 ASN ASN A . n 
A 1 156 MET 156 133 133 MET MET A . n 
A 1 157 ASP 157 134 134 ASP ASP A . n 
A 1 158 ASN 158 135 135 ASN ASN A . n 
A 1 159 ILE 159 136 136 ILE ILE A . n 
A 1 160 THR 160 137 137 THR THR A . n 
A 1 161 VAL 161 138 138 VAL VAL A . n 
A 1 162 THR 162 139 139 THR THR A . n 
A 1 163 ALA 163 140 140 ALA ALA A . n 
A 1 164 SER 164 141 141 SER SER A . n 
# 
loop_
_pdbx_nonpoly_scheme.asym_id 
_pdbx_nonpoly_scheme.entity_id 
_pdbx_nonpoly_scheme.mon_id 
_pdbx_nonpoly_scheme.ndb_seq_num 
_pdbx_nonpoly_scheme.pdb_seq_num 
_pdbx_nonpoly_scheme.auth_seq_num 
_pdbx_nonpoly_scheme.pdb_mon_id 
_pdbx_nonpoly_scheme.auth_mon_id 
_pdbx_nonpoly_scheme.pdb_strand_id 
_pdbx_nonpoly_scheme.pdb_ins_code 
B 2 CA  1  201 1  CA  CA  A . 
C 2 CA  1  202 2  CA  CA  A . 
D 3 GOL 1  203 1  GOL GOL A . 
E 4 HOH 1  301 56 HOH HOH A . 
E 4 HOH 2  302 1  HOH HOH A . 
E 4 HOH 3  303 2  HOH HOH A . 
E 4 HOH 4  304 3  HOH HOH A . 
E 4 HOH 5  305 4  HOH HOH A . 
E 4 HOH 6  306 6  HOH HOH A . 
E 4 HOH 7  307 7  HOH HOH A . 
E 4 HOH 8  308 8  HOH HOH A . 
E 4 HOH 9  309 9  HOH HOH A . 
E 4 HOH 10 310 10 HOH HOH A . 
E 4 HOH 11 311 11 HOH HOH A . 
E 4 HOH 12 312 12 HOH HOH A . 
E 4 HOH 13 313 13 HOH HOH A . 
E 4 HOH 14 314 14 HOH HOH A . 
E 4 HOH 15 315 15 HOH HOH A . 
E 4 HOH 16 316 16 HOH HOH A . 
E 4 HOH 17 317 17 HOH HOH A . 
E 4 HOH 18 318 18 HOH HOH A . 
E 4 HOH 19 319 19 HOH HOH A . 
E 4 HOH 20 320 20 HOH HOH A . 
E 4 HOH 21 321 21 HOH HOH A . 
E 4 HOH 22 322 22 HOH HOH A . 
E 4 HOH 23 323 23 HOH HOH A . 
E 4 HOH 24 324 24 HOH HOH A . 
E 4 HOH 25 325 25 HOH HOH A . 
E 4 HOH 26 326 26 HOH HOH A . 
E 4 HOH 27 327 27 HOH HOH A . 
E 4 HOH 28 328 28 HOH HOH A . 
E 4 HOH 29 329 29 HOH HOH A . 
E 4 HOH 30 330 30 HOH HOH A . 
E 4 HOH 31 331 31 HOH HOH A . 
E 4 HOH 32 332 33 HOH HOH A . 
E 4 HOH 33 333 34 HOH HOH A . 
E 4 HOH 34 334 35 HOH HOH A . 
E 4 HOH 35 335 36 HOH HOH A . 
E 4 HOH 36 336 37 HOH HOH A . 
E 4 HOH 37 337 38 HOH HOH A . 
E 4 HOH 38 338 39 HOH HOH A . 
E 4 HOH 39 339 40 HOH HOH A . 
E 4 HOH 40 340 41 HOH HOH A . 
E 4 HOH 41 341 42 HOH HOH A . 
E 4 HOH 42 342 43 HOH HOH A . 
E 4 HOH 43 343 44 HOH HOH A . 
E 4 HOH 44 344 45 HOH HOH A . 
E 4 HOH 45 345 46 HOH HOH A . 
E 4 HOH 46 346 47 HOH HOH A . 
E 4 HOH 47 347 48 HOH HOH A . 
E 4 HOH 48 348 49 HOH HOH A . 
E 4 HOH 49 349 50 HOH HOH A . 
E 4 HOH 50 350 51 HOH HOH A . 
E 4 HOH 51 351 52 HOH HOH A . 
E 4 HOH 52 352 53 HOH HOH A . 
E 4 HOH 53 353 54 HOH HOH A . 
E 4 HOH 54 354 55 HOH HOH A . 
# 
_pdbx_struct_assembly.id                   1 
_pdbx_struct_assembly.details              author_and_software_defined_assembly 
_pdbx_struct_assembly.method_details       PISA 
_pdbx_struct_assembly.oligomeric_details   monomeric 
_pdbx_struct_assembly.oligomeric_count     1 
# 
_pdbx_struct_assembly_gen.assembly_id       1 
_pdbx_struct_assembly_gen.oper_expression   1 
_pdbx_struct_assembly_gen.asym_id_list      A,B,C,D,E 
# 
_pdbx_struct_oper_list.id                   1 
_pdbx_struct_oper_list.type                 'identity operation' 
_pdbx_struct_oper_list.name                 1_555 
_pdbx_struct_oper_list.symmetry_operation   x,y,z 
_pdbx_struct_oper_list.matrix[1][1]         1.0000000000 
_pdbx_struct_oper_list.matrix[1][2]         0.0000000000 
_pdbx_struct_oper_list.matrix[1][3]         0.0000000000 
_pdbx_struct_oper_list.vector[1]            0.0000000000 
_pdbx_struct_oper_list.matrix[2][1]         0.0000000000 
_pdbx_struct_oper_list.matrix[2][2]         1.0000000000 
_pdbx_struct_oper_list.matrix[2][3]         0.0000000000 
_pdbx_struct_oper_list.vector[2]            0.0000000000 
_pdbx_struct_oper_list.matrix[3][1]         0.0000000000 
_pdbx_struct_oper_list.matrix[3][2]         0.0000000000 
_pdbx_struct_oper_list.matrix[3][3]         1.0000000000 
_pdbx_struct_oper_list.vector[3]            0.0000000000 
# 
loop_
_pdbx_struct_conn_angle.id 
_pdbx_struct_conn_angle.ptnr1_label_atom_id 
_pdbx_struct_conn_angle.ptnr1_label_alt_id 
_pdbx_struct_conn_angle.ptnr1_label_asym_id 
_pdbx_struct_conn_angle.ptnr1_label_comp_id 
_pdbx_struct_conn_angle.ptnr1_label_seq_id 
_pdbx_struct_conn_angle.ptnr1_auth_atom_id 
_pdbx_struct_conn_angle.ptnr1_auth_asym_id 
_pdbx_struct_conn_angle.ptnr1_auth_comp_id 
_pdbx_struct_conn_angle.ptnr1_auth_seq_id 
_pdbx_struct_conn_angle.ptnr1_PDB_ins_code 
_pdbx_struct_conn_angle.ptnr1_symmetry 
_pdbx_struct_conn_angle.ptnr2_label_atom_id 
_pdbx_struct_conn_angle.ptnr2_label_alt_id 
_pdbx_struct_conn_angle.ptnr2_label_asym_id 
_pdbx_struct_conn_angle.ptnr2_label_comp_id 
_pdbx_struct_conn_angle.ptnr2_label_seq_id 
_pdbx_struct_conn_angle.ptnr2_auth_atom_id 
_pdbx_struct_conn_angle.ptnr2_auth_asym_id 
_pdbx_struct_conn_angle.ptnr2_auth_comp_id 
_pdbx_struct_conn_angle.ptnr2_auth_seq_id 
_pdbx_struct_conn_angle.ptnr2_PDB_ins_code 
_pdbx_struct_conn_angle.ptnr2_symmetry 
_pdbx_struct_conn_angle.ptnr3_label_atom_id 
_pdbx_struct_conn_angle.ptnr3_label_alt_id 
_pdbx_struct_conn_angle.ptnr3_label_asym_id 
_pdbx_struct_conn_angle.ptnr3_label_comp_id 
_pdbx_struct_conn_angle.ptnr3_label_seq_id 
_pdbx_struct_conn_angle.ptnr3_auth_atom_id 
_pdbx_struct_conn_angle.ptnr3_auth_asym_id 
_pdbx_struct_conn_angle.ptnr3_auth_comp_id 
_pdbx_struct_conn_angle.ptnr3_auth_seq_id 
_pdbx_struct_conn_angle.ptnr3_PDB_ins_code 
_pdbx_struct_conn_angle.ptnr3_symmetry 
_pdbx_struct_conn_angle.value 
_pdbx_struct_conn_angle.value_esd 
1  OE2 ? A GLU 41  ? A GLU 18  ? 1_555 CA ? B CA . ? A CA 201 ? 1_555 OE1 ? A GLU 43  ? A GLU 20  ? 1_555 94.1  ? 
2  OE2 ? A GLU 41  ? A GLU 18  ? 1_555 CA ? B CA . ? A CA 201 ? 1_555 OE2 ? A GLU 43  ? A GLU 20  ? 1_555 80.8  ? 
3  OE1 ? A GLU 43  ? A GLU 20  ? 1_555 CA ? B CA . ? A CA 201 ? 1_555 OE2 ? A GLU 43  ? A GLU 20  ? 1_555 54.3  ? 
4  OE2 ? A GLU 41  ? A GLU 18  ? 1_555 CA ? B CA . ? A CA 201 ? 1_555 O   ? A THR 61  ? A THR 38  ? 1_555 85.5  ? 
5  OE1 ? A GLU 43  ? A GLU 20  ? 1_555 CA ? B CA . ? A CA 201 ? 1_555 O   ? A THR 61  ? A THR 38  ? 1_555 131.0 ? 
6  OE2 ? A GLU 43  ? A GLU 20  ? 1_555 CA ? B CA . ? A CA 201 ? 1_555 O   ? A THR 61  ? A THR 38  ? 1_555 77.5  ? 
7  OE2 ? A GLU 41  ? A GLU 18  ? 1_555 CA ? B CA . ? A CA 201 ? 1_555 O   ? A GLY 64  ? A GLY 41  ? 1_555 161.5 ? 
8  OE1 ? A GLU 43  ? A GLU 20  ? 1_555 CA ? B CA . ? A CA 201 ? 1_555 O   ? A GLY 64  ? A GLY 41  ? 1_555 81.6  ? 
9  OE2 ? A GLU 43  ? A GLU 20  ? 1_555 CA ? B CA . ? A CA 201 ? 1_555 O   ? A GLY 64  ? A GLY 41  ? 1_555 82.1  ? 
10 O   ? A THR 61  ? A THR 38  ? 1_555 CA ? B CA . ? A CA 201 ? 1_555 O   ? A GLY 64  ? A GLY 41  ? 1_555 83.9  ? 
11 OE2 ? A GLU 41  ? A GLU 18  ? 1_555 CA ? B CA . ? A CA 201 ? 1_555 OD1 ? A ASP 157 ? A ASP 134 ? 1_555 108.7 ? 
12 OE1 ? A GLU 43  ? A GLU 20  ? 1_555 CA ? B CA . ? A CA 201 ? 1_555 OD1 ? A ASP 157 ? A ASP 134 ? 1_555 137.0 ? 
13 OE2 ? A GLU 43  ? A GLU 20  ? 1_555 CA ? B CA . ? A CA 201 ? 1_555 OD1 ? A ASP 157 ? A ASP 134 ? 1_555 162.0 ? 
14 O   ? A THR 61  ? A THR 38  ? 1_555 CA ? B CA . ? A CA 201 ? 1_555 OD1 ? A ASP 157 ? A ASP 134 ? 1_555 87.9  ? 
15 O   ? A GLY 64  ? A GLY 41  ? 1_555 CA ? B CA . ? A CA 201 ? 1_555 OD1 ? A ASP 157 ? A ASP 134 ? 1_555 86.1  ? 
16 OE2 ? A GLU 41  ? A GLU 18  ? 1_555 CA ? B CA . ? A CA 201 ? 1_555 O   ? A ASP 157 ? A ASP 134 ? 1_555 80.7  ? 
17 OE1 ? A GLU 43  ? A GLU 20  ? 1_555 CA ? B CA . ? A CA 201 ? 1_555 O   ? A ASP 157 ? A ASP 134 ? 1_555 76.5  ? 
18 OE2 ? A GLU 43  ? A GLU 20  ? 1_555 CA ? B CA . ? A CA 201 ? 1_555 O   ? A ASP 157 ? A ASP 134 ? 1_555 125.4 ? 
19 O   ? A THR 61  ? A THR 38  ? 1_555 CA ? B CA . ? A CA 201 ? 1_555 O   ? A ASP 157 ? A ASP 134 ? 1_555 150.2 ? 
20 O   ? A GLY 64  ? A GLY 41  ? 1_555 CA ? B CA . ? A CA 201 ? 1_555 O   ? A ASP 157 ? A ASP 134 ? 1_555 115.4 ? 
21 OD1 ? A ASP 157 ? A ASP 134 ? 1_555 CA ? B CA . ? A CA 201 ? 1_555 O   ? A ASP 157 ? A ASP 134 ? 1_555 72.0  ? 
22 OD1 ? A ASN 67  ? A ASN 44  ? 1_555 CA ? C CA . ? A CA 202 ? 1_555 O   ? A PHE 68  ? A PHE 45  ? 1_555 72.8  ? 
23 OD1 ? A ASN 67  ? A ASN 44  ? 1_555 CA ? C CA . ? A CA 202 ? 1_555 OE1 ? A GLU 152 ? A GLU 129 ? 1_555 137.8 ? 
24 O   ? A PHE 68  ? A PHE 45  ? 1_555 CA ? C CA . ? A CA 202 ? 1_555 OE1 ? A GLU 152 ? A GLU 129 ? 1_555 72.6  ? 
25 OD1 ? A ASN 67  ? A ASN 44  ? 1_555 CA ? C CA . ? A CA 202 ? 1_555 OE2 ? A GLU 152 ? A GLU 129 ? 1_555 139.6 ? 
26 O   ? A PHE 68  ? A PHE 45  ? 1_555 CA ? C CA . ? A CA 202 ? 1_555 OE2 ? A GLU 152 ? A GLU 129 ? 1_555 77.3  ? 
27 OE1 ? A GLU 152 ? A GLU 129 ? 1_555 CA ? C CA . ? A CA 202 ? 1_555 OE2 ? A GLU 152 ? A GLU 129 ? 1_555 50.2  ? 
28 OD1 ? A ASN 67  ? A ASN 44  ? 1_555 CA ? C CA . ? A CA 202 ? 1_555 O2  ? D GOL .   ? A GOL 203 ? 1_555 78.5  ? 
29 O   ? A PHE 68  ? A PHE 45  ? 1_555 CA ? C CA . ? A CA 202 ? 1_555 O2  ? D GOL .   ? A GOL 203 ? 1_555 151.1 ? 
30 OE1 ? A GLU 152 ? A GLU 129 ? 1_555 CA ? C CA . ? A CA 202 ? 1_555 O2  ? D GOL .   ? A GOL 203 ? 1_555 134.5 ? 
31 OE2 ? A GLU 152 ? A GLU 129 ? 1_555 CA ? C CA . ? A CA 202 ? 1_555 O2  ? D GOL .   ? A GOL 203 ? 1_555 125.7 ? 
32 OD1 ? A ASN 67  ? A ASN 44  ? 1_555 CA ? C CA . ? A CA 202 ? 1_555 O3  ? D GOL .   ? A GOL 203 ? 1_555 134.1 ? 
33 O   ? A PHE 68  ? A PHE 45  ? 1_555 CA ? C CA . ? A CA 202 ? 1_555 O3  ? D GOL .   ? A GOL 203 ? 1_555 149.5 ? 
34 OE1 ? A GLU 152 ? A GLU 129 ? 1_555 CA ? C CA . ? A CA 202 ? 1_555 O3  ? D GOL .   ? A GOL 203 ? 1_555 77.0  ? 
35 OE2 ? A GLU 152 ? A GLU 129 ? 1_555 CA ? C CA . ? A CA 202 ? 1_555 O3  ? D GOL .   ? A GOL 203 ? 1_555 83.3  ? 
36 O2  ? D GOL .   ? A GOL 203 ? 1_555 CA ? C CA . ? A CA 202 ? 1_555 O3  ? D GOL .   ? A GOL 203 ? 1_555 58.6  ? 
37 OD1 ? A ASN 67  ? A ASN 44  ? 1_555 CA ? C CA . ? A CA 202 ? 1_555 O   ? E HOH .   ? A HOH 306 ? 1_555 79.3  ? 
38 O   ? A PHE 68  ? A PHE 45  ? 1_555 CA ? C CA . ? A CA 202 ? 1_555 O   ? E HOH .   ? A HOH 306 ? 1_555 94.8  ? 
39 OE1 ? A GLU 152 ? A GLU 129 ? 1_555 CA ? C CA . ? A CA 202 ? 1_555 O   ? E HOH .   ? A HOH 306 ? 1_555 126.8 ? 
40 OE2 ? A GLU 152 ? A GLU 129 ? 1_555 CA ? C CA . ? A CA 202 ? 1_555 O   ? E HOH .   ? A HOH 306 ? 1_555 76.8  ? 
41 O2  ? D GOL .   ? A GOL 203 ? 1_555 CA ? C CA . ? A CA 202 ? 1_555 O   ? E HOH .   ? A HOH 306 ? 1_555 76.6  ? 
42 O3  ? D GOL .   ? A GOL 203 ? 1_555 CA ? C CA . ? A CA 202 ? 1_555 O   ? E HOH .   ? A HOH 306 ? 1_555 103.5 ? 
43 OD1 ? A ASN 67  ? A ASN 44  ? 1_555 CA ? C CA . ? A CA 202 ? 1_555 O   ? E HOH .   ? A HOH 313 ? 1_555 75.6  ? 
44 O   ? A PHE 68  ? A PHE 45  ? 1_555 CA ? C CA . ? A CA 202 ? 1_555 O   ? E HOH .   ? A HOH 313 ? 1_555 86.7  ? 
45 OE1 ? A GLU 152 ? A GLU 129 ? 1_555 CA ? C CA . ? A CA 202 ? 1_555 O   ? E HOH .   ? A HOH 313 ? 1_555 79.2  ? 
46 OE2 ? A GLU 152 ? A GLU 129 ? 1_555 CA ? C CA . ? A CA 202 ? 1_555 O   ? E HOH .   ? A HOH 313 ? 1_555 129.3 ? 
47 O2  ? D GOL .   ? A GOL 203 ? 1_555 CA ? C CA . ? A CA 202 ? 1_555 O   ? E HOH .   ? A HOH 313 ? 1_555 89.2  ? 
48 O3  ? D GOL .   ? A GOL 203 ? 1_555 CA ? C CA . ? A CA 202 ? 1_555 O   ? E HOH .   ? A HOH 313 ? 1_555 87.6  ? 
49 O   ? E HOH .   ? A HOH 306 ? 1_555 CA ? C CA . ? A CA 202 ? 1_555 O   ? E HOH .   ? A HOH 313 ? 1_555 153.2 ? 
# 
loop_
_pdbx_audit_revision_history.ordinal 
_pdbx_audit_revision_history.data_content_type 
_pdbx_audit_revision_history.major_revision 
_pdbx_audit_revision_history.minor_revision 
_pdbx_audit_revision_history.revision_date 
1 'Structure model' 1 0 2014-10-08 
2 'Structure model' 1 1 2014-11-26 
3 'Structure model' 1 2 2023-09-20 
# 
_pdbx_audit_revision_details.ordinal             1 
_pdbx_audit_revision_details.revision_ordinal    1 
_pdbx_audit_revision_details.data_content_type   'Structure model' 
_pdbx_audit_revision_details.provider            repository 
_pdbx_audit_revision_details.type                'Initial release' 
_pdbx_audit_revision_details.description         ? 
_pdbx_audit_revision_details.details             ? 
# 
loop_
_pdbx_audit_revision_group.ordinal 
_pdbx_audit_revision_group.revision_ordinal 
_pdbx_audit_revision_group.data_content_type 
_pdbx_audit_revision_group.group 
1 2 'Structure model' 'Database references'    
2 3 'Structure model' 'Data collection'        
3 3 'Structure model' 'Database references'    
4 3 'Structure model' 'Derived calculations'   
5 3 'Structure model' 'Refinement description' 
# 
loop_
_pdbx_audit_revision_category.ordinal 
_pdbx_audit_revision_category.revision_ordinal 
_pdbx_audit_revision_category.data_content_type 
_pdbx_audit_revision_category.category 
1 3 'Structure model' chem_comp_atom                
2 3 'Structure model' chem_comp_bond                
3 3 'Structure model' database_2                    
4 3 'Structure model' pdbx_initial_refinement_model 
5 3 'Structure model' pdbx_struct_conn_angle        
6 3 'Structure model' struct_conn                   
7 3 'Structure model' struct_ref_seq_dif            
8 3 'Structure model' struct_site                   
# 
loop_
_pdbx_audit_revision_item.ordinal 
_pdbx_audit_revision_item.revision_ordinal 
_pdbx_audit_revision_item.data_content_type 
_pdbx_audit_revision_item.item 
1  3 'Structure model' '_database_2.pdbx_DOI'                        
2  3 'Structure model' '_database_2.pdbx_database_accession'         
3  3 'Structure model' '_pdbx_struct_conn_angle.ptnr1_auth_comp_id'  
4  3 'Structure model' '_pdbx_struct_conn_angle.ptnr1_auth_seq_id'   
5  3 'Structure model' '_pdbx_struct_conn_angle.ptnr1_label_asym_id' 
6  3 'Structure model' '_pdbx_struct_conn_angle.ptnr1_label_atom_id' 
7  3 'Structure model' '_pdbx_struct_conn_angle.ptnr1_label_comp_id' 
8  3 'Structure model' '_pdbx_struct_conn_angle.ptnr1_label_seq_id'  
9  3 'Structure model' '_pdbx_struct_conn_angle.ptnr2_auth_seq_id'   
10 3 'Structure model' '_pdbx_struct_conn_angle.ptnr2_label_asym_id' 
11 3 'Structure model' '_pdbx_struct_conn_angle.ptnr3_auth_comp_id'  
12 3 'Structure model' '_pdbx_struct_conn_angle.ptnr3_auth_seq_id'   
13 3 'Structure model' '_pdbx_struct_conn_angle.ptnr3_label_asym_id' 
14 3 'Structure model' '_pdbx_struct_conn_angle.ptnr3_label_atom_id' 
15 3 'Structure model' '_pdbx_struct_conn_angle.ptnr3_label_comp_id' 
16 3 'Structure model' '_pdbx_struct_conn_angle.ptnr3_label_seq_id'  
17 3 'Structure model' '_pdbx_struct_conn_angle.value'               
18 3 'Structure model' '_struct_conn.pdbx_dist_value'                
19 3 'Structure model' '_struct_conn.ptnr1_auth_comp_id'             
20 3 'Structure model' '_struct_conn.ptnr1_auth_seq_id'              
21 3 'Structure model' '_struct_conn.ptnr1_label_asym_id'            
22 3 'Structure model' '_struct_conn.ptnr1_label_atom_id'            
23 3 'Structure model' '_struct_conn.ptnr1_label_comp_id'            
24 3 'Structure model' '_struct_conn.ptnr1_label_seq_id'             
25 3 'Structure model' '_struct_conn.ptnr2_auth_comp_id'             
26 3 'Structure model' '_struct_conn.ptnr2_auth_seq_id'              
27 3 'Structure model' '_struct_conn.ptnr2_label_asym_id'            
28 3 'Structure model' '_struct_conn.ptnr2_label_atom_id'            
29 3 'Structure model' '_struct_conn.ptnr2_label_comp_id'            
30 3 'Structure model' '_struct_ref_seq_dif.details'                 
31 3 'Structure model' '_struct_site.pdbx_auth_asym_id'              
32 3 'Structure model' '_struct_site.pdbx_auth_comp_id'              
33 3 'Structure model' '_struct_site.pdbx_auth_seq_id'               
# 
loop_
_software.name 
_software.classification 
_software.version 
_software.citation_id 
_software.pdbx_ordinal 
MAR345dtb 'data collection' .        ? 1 
MOLREP    phasing           .        ? 2 
REFMAC    refinement        5.8.0049 ? 3 
MOSFLM    'data reduction'  .        ? 4 
SCALA     'data scaling'    .        ? 5 
# 
loop_
_pdbx_validate_torsion.id 
_pdbx_validate_torsion.PDB_model_num 
_pdbx_validate_torsion.auth_comp_id 
_pdbx_validate_torsion.auth_asym_id 
_pdbx_validate_torsion.auth_seq_id 
_pdbx_validate_torsion.PDB_ins_code 
_pdbx_validate_torsion.label_alt_id 
_pdbx_validate_torsion.phi 
_pdbx_validate_torsion.psi 
1 1 ALA A 57  ? ? -144.07 56.83   
2 1 GLU A 129 ? ? 65.32   -151.50 
# 
loop_
_pdbx_unobs_or_zero_occ_residues.id 
_pdbx_unobs_or_zero_occ_residues.PDB_model_num 
_pdbx_unobs_or_zero_occ_residues.polymer_flag 
_pdbx_unobs_or_zero_occ_residues.occupancy_flag 
_pdbx_unobs_or_zero_occ_residues.auth_asym_id 
_pdbx_unobs_or_zero_occ_residues.auth_comp_id 
_pdbx_unobs_or_zero_occ_residues.auth_seq_id 
_pdbx_unobs_or_zero_occ_residues.PDB_ins_code 
_pdbx_unobs_or_zero_occ_residues.label_asym_id 
_pdbx_unobs_or_zero_occ_residues.label_comp_id 
_pdbx_unobs_or_zero_occ_residues.label_seq_id 
1  1 Y 1 A MET -22 ? A MET 1  
2  1 Y 1 A GLY -21 ? A GLY 2  
3  1 Y 1 A SER -20 ? A SER 3  
4  1 Y 1 A SER -19 ? A SER 4  
5  1 Y 1 A HIS -18 ? A HIS 5  
6  1 Y 1 A HIS -17 ? A HIS 6  
7  1 Y 1 A HIS -16 ? A HIS 7  
8  1 Y 1 A HIS -15 ? A HIS 8  
9  1 Y 1 A HIS -14 ? A HIS 9  
10 1 Y 1 A HIS -13 ? A HIS 10 
11 1 Y 1 A SER -12 ? A SER 11 
12 1 Y 1 A SER -11 ? A SER 12 
13 1 Y 1 A GLY -10 ? A GLY 13 
14 1 Y 1 A LEU -9  ? A LEU 14 
15 1 Y 1 A VAL -8  ? A VAL 15 
16 1 Y 1 A PRO -7  ? A PRO 16 
17 1 Y 1 A ARG -6  ? A ARG 17 
18 1 Y 1 A GLY -5  ? A GLY 18 
19 1 Y 1 A HIS -4  ? A HIS 19 
20 1 Y 1 A SER -3  ? A SER 20 
21 1 Y 1 A MET -2  ? A MET 21 
22 1 Y 1 A ALA -1  ? A ALA 22 
23 1 Y 1 A SER 0   ? A SER 23 
24 1 Y 1 A LEU 1   ? A LEU 24 
25 1 Y 1 A SER 2   ? A SER 25 
26 1 Y 1 A GLY 3   ? A GLY 26 
27 1 Y 1 A GLY 4   ? A GLY 27 
28 1 Y 1 A ASN 5   ? A ASN 28 
29 1 Y 1 A SER 6   ? A SER 29 
30 1 Y 1 A GLY 7   ? A GLY 30 
31 1 Y 1 A GLY 8   ? A GLY 31 
32 1 Y 1 A GLY 9   ? A GLY 32 
33 1 Y 1 A ASN 10  ? A ASN 33 
34 1 Y 1 A VAL 11  ? A VAL 34 
35 1 Y 1 A ASN 12  ? A ASN 35 
36 1 Y 1 A THR 13  ? A THR 36 
# 
loop_
_chem_comp_atom.comp_id 
_chem_comp_atom.atom_id 
_chem_comp_atom.type_symbol 
_chem_comp_atom.pdbx_aromatic_flag 
_chem_comp_atom.pdbx_stereo_config 
_chem_comp_atom.pdbx_ordinal 
ALA N    N  N N 1   
ALA CA   C  N S 2   
ALA C    C  N N 3   
ALA O    O  N N 4   
ALA CB   C  N N 5   
ALA OXT  O  N N 6   
ALA H    H  N N 7   
ALA H2   H  N N 8   
ALA HA   H  N N 9   
ALA HB1  H  N N 10  
ALA HB2  H  N N 11  
ALA HB3  H  N N 12  
ALA HXT  H  N N 13  
ARG N    N  N N 14  
ARG CA   C  N S 15  
ARG C    C  N N 16  
ARG O    O  N N 17  
ARG CB   C  N N 18  
ARG CG   C  N N 19  
ARG CD   C  N N 20  
ARG NE   N  N N 21  
ARG CZ   C  N N 22  
ARG NH1  N  N N 23  
ARG NH2  N  N N 24  
ARG OXT  O  N N 25  
ARG H    H  N N 26  
ARG H2   H  N N 27  
ARG HA   H  N N 28  
ARG HB2  H  N N 29  
ARG HB3  H  N N 30  
ARG HG2  H  N N 31  
ARG HG3  H  N N 32  
ARG HD2  H  N N 33  
ARG HD3  H  N N 34  
ARG HE   H  N N 35  
ARG HH11 H  N N 36  
ARG HH12 H  N N 37  
ARG HH21 H  N N 38  
ARG HH22 H  N N 39  
ARG HXT  H  N N 40  
ASN N    N  N N 41  
ASN CA   C  N S 42  
ASN C    C  N N 43  
ASN O    O  N N 44  
ASN CB   C  N N 45  
ASN CG   C  N N 46  
ASN OD1  O  N N 47  
ASN ND2  N  N N 48  
ASN OXT  O  N N 49  
ASN H    H  N N 50  
ASN H2   H  N N 51  
ASN HA   H  N N 52  
ASN HB2  H  N N 53  
ASN HB3  H  N N 54  
ASN HD21 H  N N 55  
ASN HD22 H  N N 56  
ASN HXT  H  N N 57  
ASP N    N  N N 58  
ASP CA   C  N S 59  
ASP C    C  N N 60  
ASP O    O  N N 61  
ASP CB   C  N N 62  
ASP CG   C  N N 63  
ASP OD1  O  N N 64  
ASP OD2  O  N N 65  
ASP OXT  O  N N 66  
ASP H    H  N N 67  
ASP H2   H  N N 68  
ASP HA   H  N N 69  
ASP HB2  H  N N 70  
ASP HB3  H  N N 71  
ASP HD2  H  N N 72  
ASP HXT  H  N N 73  
CA  CA   CA N N 74  
GLN N    N  N N 75  
GLN CA   C  N S 76  
GLN C    C  N N 77  
GLN O    O  N N 78  
GLN CB   C  N N 79  
GLN CG   C  N N 80  
GLN CD   C  N N 81  
GLN OE1  O  N N 82  
GLN NE2  N  N N 83  
GLN OXT  O  N N 84  
GLN H    H  N N 85  
GLN H2   H  N N 86  
GLN HA   H  N N 87  
GLN HB2  H  N N 88  
GLN HB3  H  N N 89  
GLN HG2  H  N N 90  
GLN HG3  H  N N 91  
GLN HE21 H  N N 92  
GLN HE22 H  N N 93  
GLN HXT  H  N N 94  
GLU N    N  N N 95  
GLU CA   C  N S 96  
GLU C    C  N N 97  
GLU O    O  N N 98  
GLU CB   C  N N 99  
GLU CG   C  N N 100 
GLU CD   C  N N 101 
GLU OE1  O  N N 102 
GLU OE2  O  N N 103 
GLU OXT  O  N N 104 
GLU H    H  N N 105 
GLU H2   H  N N 106 
GLU HA   H  N N 107 
GLU HB2  H  N N 108 
GLU HB3  H  N N 109 
GLU HG2  H  N N 110 
GLU HG3  H  N N 111 
GLU HE2  H  N N 112 
GLU HXT  H  N N 113 
GLY N    N  N N 114 
GLY CA   C  N N 115 
GLY C    C  N N 116 
GLY O    O  N N 117 
GLY OXT  O  N N 118 
GLY H    H  N N 119 
GLY H2   H  N N 120 
GLY HA2  H  N N 121 
GLY HA3  H  N N 122 
GLY HXT  H  N N 123 
GOL C1   C  N N 124 
GOL O1   O  N N 125 
GOL C2   C  N N 126 
GOL O2   O  N N 127 
GOL C3   C  N N 128 
GOL O3   O  N N 129 
GOL H11  H  N N 130 
GOL H12  H  N N 131 
GOL HO1  H  N N 132 
GOL H2   H  N N 133 
GOL HO2  H  N N 134 
GOL H31  H  N N 135 
GOL H32  H  N N 136 
GOL HO3  H  N N 137 
HIS N    N  N N 138 
HIS CA   C  N S 139 
HIS C    C  N N 140 
HIS O    O  N N 141 
HIS CB   C  N N 142 
HIS CG   C  Y N 143 
HIS ND1  N  Y N 144 
HIS CD2  C  Y N 145 
HIS CE1  C  Y N 146 
HIS NE2  N  Y N 147 
HIS OXT  O  N N 148 
HIS H    H  N N 149 
HIS H2   H  N N 150 
HIS HA   H  N N 151 
HIS HB2  H  N N 152 
HIS HB3  H  N N 153 
HIS HD1  H  N N 154 
HIS HD2  H  N N 155 
HIS HE1  H  N N 156 
HIS HE2  H  N N 157 
HIS HXT  H  N N 158 
HOH O    O  N N 159 
HOH H1   H  N N 160 
HOH H2   H  N N 161 
ILE N    N  N N 162 
ILE CA   C  N S 163 
ILE C    C  N N 164 
ILE O    O  N N 165 
ILE CB   C  N S 166 
ILE CG1  C  N N 167 
ILE CG2  C  N N 168 
ILE CD1  C  N N 169 
ILE OXT  O  N N 170 
ILE H    H  N N 171 
ILE H2   H  N N 172 
ILE HA   H  N N 173 
ILE HB   H  N N 174 
ILE HG12 H  N N 175 
ILE HG13 H  N N 176 
ILE HG21 H  N N 177 
ILE HG22 H  N N 178 
ILE HG23 H  N N 179 
ILE HD11 H  N N 180 
ILE HD12 H  N N 181 
ILE HD13 H  N N 182 
ILE HXT  H  N N 183 
LEU N    N  N N 184 
LEU CA   C  N S 185 
LEU C    C  N N 186 
LEU O    O  N N 187 
LEU CB   C  N N 188 
LEU CG   C  N N 189 
LEU CD1  C  N N 190 
LEU CD2  C  N N 191 
LEU OXT  O  N N 192 
LEU H    H  N N 193 
LEU H2   H  N N 194 
LEU HA   H  N N 195 
LEU HB2  H  N N 196 
LEU HB3  H  N N 197 
LEU HG   H  N N 198 
LEU HD11 H  N N 199 
LEU HD12 H  N N 200 
LEU HD13 H  N N 201 
LEU HD21 H  N N 202 
LEU HD22 H  N N 203 
LEU HD23 H  N N 204 
LEU HXT  H  N N 205 
LYS N    N  N N 206 
LYS CA   C  N S 207 
LYS C    C  N N 208 
LYS O    O  N N 209 
LYS CB   C  N N 210 
LYS CG   C  N N 211 
LYS CD   C  N N 212 
LYS CE   C  N N 213 
LYS NZ   N  N N 214 
LYS OXT  O  N N 215 
LYS H    H  N N 216 
LYS H2   H  N N 217 
LYS HA   H  N N 218 
LYS HB2  H  N N 219 
LYS HB3  H  N N 220 
LYS HG2  H  N N 221 
LYS HG3  H  N N 222 
LYS HD2  H  N N 223 
LYS HD3  H  N N 224 
LYS HE2  H  N N 225 
LYS HE3  H  N N 226 
LYS HZ1  H  N N 227 
LYS HZ2  H  N N 228 
LYS HZ3  H  N N 229 
LYS HXT  H  N N 230 
MET N    N  N N 231 
MET CA   C  N S 232 
MET C    C  N N 233 
MET O    O  N N 234 
MET CB   C  N N 235 
MET CG   C  N N 236 
MET SD   S  N N 237 
MET CE   C  N N 238 
MET OXT  O  N N 239 
MET H    H  N N 240 
MET H2   H  N N 241 
MET HA   H  N N 242 
MET HB2  H  N N 243 
MET HB3  H  N N 244 
MET HG2  H  N N 245 
MET HG3  H  N N 246 
MET HE1  H  N N 247 
MET HE2  H  N N 248 
MET HE3  H  N N 249 
MET HXT  H  N N 250 
PHE N    N  N N 251 
PHE CA   C  N S 252 
PHE C    C  N N 253 
PHE O    O  N N 254 
PHE CB   C  N N 255 
PHE CG   C  Y N 256 
PHE CD1  C  Y N 257 
PHE CD2  C  Y N 258 
PHE CE1  C  Y N 259 
PHE CE2  C  Y N 260 
PHE CZ   C  Y N 261 
PHE OXT  O  N N 262 
PHE H    H  N N 263 
PHE H2   H  N N 264 
PHE HA   H  N N 265 
PHE HB2  H  N N 266 
PHE HB3  H  N N 267 
PHE HD1  H  N N 268 
PHE HD2  H  N N 269 
PHE HE1  H  N N 270 
PHE HE2  H  N N 271 
PHE HZ   H  N N 272 
PHE HXT  H  N N 273 
PRO N    N  N N 274 
PRO CA   C  N S 275 
PRO C    C  N N 276 
PRO O    O  N N 277 
PRO CB   C  N N 278 
PRO CG   C  N N 279 
PRO CD   C  N N 280 
PRO OXT  O  N N 281 
PRO H    H  N N 282 
PRO HA   H  N N 283 
PRO HB2  H  N N 284 
PRO HB3  H  N N 285 
PRO HG2  H  N N 286 
PRO HG3  H  N N 287 
PRO HD2  H  N N 288 
PRO HD3  H  N N 289 
PRO HXT  H  N N 290 
SER N    N  N N 291 
SER CA   C  N S 292 
SER C    C  N N 293 
SER O    O  N N 294 
SER CB   C  N N 295 
SER OG   O  N N 296 
SER OXT  O  N N 297 
SER H    H  N N 298 
SER H2   H  N N 299 
SER HA   H  N N 300 
SER HB2  H  N N 301 
SER HB3  H  N N 302 
SER HG   H  N N 303 
SER HXT  H  N N 304 
THR N    N  N N 305 
THR CA   C  N S 306 
THR C    C  N N 307 
THR O    O  N N 308 
THR CB   C  N R 309 
THR OG1  O  N N 310 
THR CG2  C  N N 311 
THR OXT  O  N N 312 
THR H    H  N N 313 
THR H2   H  N N 314 
THR HA   H  N N 315 
THR HB   H  N N 316 
THR HG1  H  N N 317 
THR HG21 H  N N 318 
THR HG22 H  N N 319 
THR HG23 H  N N 320 
THR HXT  H  N N 321 
TRP N    N  N N 322 
TRP CA   C  N S 323 
TRP C    C  N N 324 
TRP O    O  N N 325 
TRP CB   C  N N 326 
TRP CG   C  Y N 327 
TRP CD1  C  Y N 328 
TRP CD2  C  Y N 329 
TRP NE1  N  Y N 330 
TRP CE2  C  Y N 331 
TRP CE3  C  Y N 332 
TRP CZ2  C  Y N 333 
TRP CZ3  C  Y N 334 
TRP CH2  C  Y N 335 
TRP OXT  O  N N 336 
TRP H    H  N N 337 
TRP H2   H  N N 338 
TRP HA   H  N N 339 
TRP HB2  H  N N 340 
TRP HB3  H  N N 341 
TRP HD1  H  N N 342 
TRP HE1  H  N N 343 
TRP HE3  H  N N 344 
TRP HZ2  H  N N 345 
TRP HZ3  H  N N 346 
TRP HH2  H  N N 347 
TRP HXT  H  N N 348 
TYR N    N  N N 349 
TYR CA   C  N S 350 
TYR C    C  N N 351 
TYR O    O  N N 352 
TYR CB   C  N N 353 
TYR CG   C  Y N 354 
TYR CD1  C  Y N 355 
TYR CD2  C  Y N 356 
TYR CE1  C  Y N 357 
TYR CE2  C  Y N 358 
TYR CZ   C  Y N 359 
TYR OH   O  N N 360 
TYR OXT  O  N N 361 
TYR H    H  N N 362 
TYR H2   H  N N 363 
TYR HA   H  N N 364 
TYR HB2  H  N N 365 
TYR HB3  H  N N 366 
TYR HD1  H  N N 367 
TYR HD2  H  N N 368 
TYR HE1  H  N N 369 
TYR HE2  H  N N 370 
TYR HH   H  N N 371 
TYR HXT  H  N N 372 
VAL N    N  N N 373 
VAL CA   C  N S 374 
VAL C    C  N N 375 
VAL O    O  N N 376 
VAL CB   C  N N 377 
VAL CG1  C  N N 378 
VAL CG2  C  N N 379 
VAL OXT  O  N N 380 
VAL H    H  N N 381 
VAL H2   H  N N 382 
VAL HA   H  N N 383 
VAL HB   H  N N 384 
VAL HG11 H  N N 385 
VAL HG12 H  N N 386 
VAL HG13 H  N N 387 
VAL HG21 H  N N 388 
VAL HG22 H  N N 389 
VAL HG23 H  N N 390 
VAL HXT  H  N N 391 
# 
loop_
_chem_comp_bond.comp_id 
_chem_comp_bond.atom_id_1 
_chem_comp_bond.atom_id_2 
_chem_comp_bond.value_order 
_chem_comp_bond.pdbx_aromatic_flag 
_chem_comp_bond.pdbx_stereo_config 
_chem_comp_bond.pdbx_ordinal 
ALA N   CA   sing N N 1   
ALA N   H    sing N N 2   
ALA N   H2   sing N N 3   
ALA CA  C    sing N N 4   
ALA CA  CB   sing N N 5   
ALA CA  HA   sing N N 6   
ALA C   O    doub N N 7   
ALA C   OXT  sing N N 8   
ALA CB  HB1  sing N N 9   
ALA CB  HB2  sing N N 10  
ALA CB  HB3  sing N N 11  
ALA OXT HXT  sing N N 12  
ARG N   CA   sing N N 13  
ARG N   H    sing N N 14  
ARG N   H2   sing N N 15  
ARG CA  C    sing N N 16  
ARG CA  CB   sing N N 17  
ARG CA  HA   sing N N 18  
ARG C   O    doub N N 19  
ARG C   OXT  sing N N 20  
ARG CB  CG   sing N N 21  
ARG CB  HB2  sing N N 22  
ARG CB  HB3  sing N N 23  
ARG CG  CD   sing N N 24  
ARG CG  HG2  sing N N 25  
ARG CG  HG3  sing N N 26  
ARG CD  NE   sing N N 27  
ARG CD  HD2  sing N N 28  
ARG CD  HD3  sing N N 29  
ARG NE  CZ   sing N N 30  
ARG NE  HE   sing N N 31  
ARG CZ  NH1  sing N N 32  
ARG CZ  NH2  doub N N 33  
ARG NH1 HH11 sing N N 34  
ARG NH1 HH12 sing N N 35  
ARG NH2 HH21 sing N N 36  
ARG NH2 HH22 sing N N 37  
ARG OXT HXT  sing N N 38  
ASN N   CA   sing N N 39  
ASN N   H    sing N N 40  
ASN N   H2   sing N N 41  
ASN CA  C    sing N N 42  
ASN CA  CB   sing N N 43  
ASN CA  HA   sing N N 44  
ASN C   O    doub N N 45  
ASN C   OXT  sing N N 46  
ASN CB  CG   sing N N 47  
ASN CB  HB2  sing N N 48  
ASN CB  HB3  sing N N 49  
ASN CG  OD1  doub N N 50  
ASN CG  ND2  sing N N 51  
ASN ND2 HD21 sing N N 52  
ASN ND2 HD22 sing N N 53  
ASN OXT HXT  sing N N 54  
ASP N   CA   sing N N 55  
ASP N   H    sing N N 56  
ASP N   H2   sing N N 57  
ASP CA  C    sing N N 58  
ASP CA  CB   sing N N 59  
ASP CA  HA   sing N N 60  
ASP C   O    doub N N 61  
ASP C   OXT  sing N N 62  
ASP CB  CG   sing N N 63  
ASP CB  HB2  sing N N 64  
ASP CB  HB3  sing N N 65  
ASP CG  OD1  doub N N 66  
ASP CG  OD2  sing N N 67  
ASP OD2 HD2  sing N N 68  
ASP OXT HXT  sing N N 69  
GLN N   CA   sing N N 70  
GLN N   H    sing N N 71  
GLN N   H2   sing N N 72  
GLN CA  C    sing N N 73  
GLN CA  CB   sing N N 74  
GLN CA  HA   sing N N 75  
GLN C   O    doub N N 76  
GLN C   OXT  sing N N 77  
GLN CB  CG   sing N N 78  
GLN CB  HB2  sing N N 79  
GLN CB  HB3  sing N N 80  
GLN CG  CD   sing N N 81  
GLN CG  HG2  sing N N 82  
GLN CG  HG3  sing N N 83  
GLN CD  OE1  doub N N 84  
GLN CD  NE2  sing N N 85  
GLN NE2 HE21 sing N N 86  
GLN NE2 HE22 sing N N 87  
GLN OXT HXT  sing N N 88  
GLU N   CA   sing N N 89  
GLU N   H    sing N N 90  
GLU N   H2   sing N N 91  
GLU CA  C    sing N N 92  
GLU CA  CB   sing N N 93  
GLU CA  HA   sing N N 94  
GLU C   O    doub N N 95  
GLU C   OXT  sing N N 96  
GLU CB  CG   sing N N 97  
GLU CB  HB2  sing N N 98  
GLU CB  HB3  sing N N 99  
GLU CG  CD   sing N N 100 
GLU CG  HG2  sing N N 101 
GLU CG  HG3  sing N N 102 
GLU CD  OE1  doub N N 103 
GLU CD  OE2  sing N N 104 
GLU OE2 HE2  sing N N 105 
GLU OXT HXT  sing N N 106 
GLY N   CA   sing N N 107 
GLY N   H    sing N N 108 
GLY N   H2   sing N N 109 
GLY CA  C    sing N N 110 
GLY CA  HA2  sing N N 111 
GLY CA  HA3  sing N N 112 
GLY C   O    doub N N 113 
GLY C   OXT  sing N N 114 
GLY OXT HXT  sing N N 115 
GOL C1  O1   sing N N 116 
GOL C1  C2   sing N N 117 
GOL C1  H11  sing N N 118 
GOL C1  H12  sing N N 119 
GOL O1  HO1  sing N N 120 
GOL C2  O2   sing N N 121 
GOL C2  C3   sing N N 122 
GOL C2  H2   sing N N 123 
GOL O2  HO2  sing N N 124 
GOL C3  O3   sing N N 125 
GOL C3  H31  sing N N 126 
GOL C3  H32  sing N N 127 
GOL O3  HO3  sing N N 128 
HIS N   CA   sing N N 129 
HIS N   H    sing N N 130 
HIS N   H2   sing N N 131 
HIS CA  C    sing N N 132 
HIS CA  CB   sing N N 133 
HIS CA  HA   sing N N 134 
HIS C   O    doub N N 135 
HIS C   OXT  sing N N 136 
HIS CB  CG   sing N N 137 
HIS CB  HB2  sing N N 138 
HIS CB  HB3  sing N N 139 
HIS CG  ND1  sing Y N 140 
HIS CG  CD2  doub Y N 141 
HIS ND1 CE1  doub Y N 142 
HIS ND1 HD1  sing N N 143 
HIS CD2 NE2  sing Y N 144 
HIS CD2 HD2  sing N N 145 
HIS CE1 NE2  sing Y N 146 
HIS CE1 HE1  sing N N 147 
HIS NE2 HE2  sing N N 148 
HIS OXT HXT  sing N N 149 
HOH O   H1   sing N N 150 
HOH O   H2   sing N N 151 
ILE N   CA   sing N N 152 
ILE N   H    sing N N 153 
ILE N   H2   sing N N 154 
ILE CA  C    sing N N 155 
ILE CA  CB   sing N N 156 
ILE CA  HA   sing N N 157 
ILE C   O    doub N N 158 
ILE C   OXT  sing N N 159 
ILE CB  CG1  sing N N 160 
ILE CB  CG2  sing N N 161 
ILE CB  HB   sing N N 162 
ILE CG1 CD1  sing N N 163 
ILE CG1 HG12 sing N N 164 
ILE CG1 HG13 sing N N 165 
ILE CG2 HG21 sing N N 166 
ILE CG2 HG22 sing N N 167 
ILE CG2 HG23 sing N N 168 
ILE CD1 HD11 sing N N 169 
ILE CD1 HD12 sing N N 170 
ILE CD1 HD13 sing N N 171 
ILE OXT HXT  sing N N 172 
LEU N   CA   sing N N 173 
LEU N   H    sing N N 174 
LEU N   H2   sing N N 175 
LEU CA  C    sing N N 176 
LEU CA  CB   sing N N 177 
LEU CA  HA   sing N N 178 
LEU C   O    doub N N 179 
LEU C   OXT  sing N N 180 
LEU CB  CG   sing N N 181 
LEU CB  HB2  sing N N 182 
LEU CB  HB3  sing N N 183 
LEU CG  CD1  sing N N 184 
LEU CG  CD2  sing N N 185 
LEU CG  HG   sing N N 186 
LEU CD1 HD11 sing N N 187 
LEU CD1 HD12 sing N N 188 
LEU CD1 HD13 sing N N 189 
LEU CD2 HD21 sing N N 190 
LEU CD2 HD22 sing N N 191 
LEU CD2 HD23 sing N N 192 
LEU OXT HXT  sing N N 193 
LYS N   CA   sing N N 194 
LYS N   H    sing N N 195 
LYS N   H2   sing N N 196 
LYS CA  C    sing N N 197 
LYS CA  CB   sing N N 198 
LYS CA  HA   sing N N 199 
LYS C   O    doub N N 200 
LYS C   OXT  sing N N 201 
LYS CB  CG   sing N N 202 
LYS CB  HB2  sing N N 203 
LYS CB  HB3  sing N N 204 
LYS CG  CD   sing N N 205 
LYS CG  HG2  sing N N 206 
LYS CG  HG3  sing N N 207 
LYS CD  CE   sing N N 208 
LYS CD  HD2  sing N N 209 
LYS CD  HD3  sing N N 210 
LYS CE  NZ   sing N N 211 
LYS CE  HE2  sing N N 212 
LYS CE  HE3  sing N N 213 
LYS NZ  HZ1  sing N N 214 
LYS NZ  HZ2  sing N N 215 
LYS NZ  HZ3  sing N N 216 
LYS OXT HXT  sing N N 217 
MET N   CA   sing N N 218 
MET N   H    sing N N 219 
MET N   H2   sing N N 220 
MET CA  C    sing N N 221 
MET CA  CB   sing N N 222 
MET CA  HA   sing N N 223 
MET C   O    doub N N 224 
MET C   OXT  sing N N 225 
MET CB  CG   sing N N 226 
MET CB  HB2  sing N N 227 
MET CB  HB3  sing N N 228 
MET CG  SD   sing N N 229 
MET CG  HG2  sing N N 230 
MET CG  HG3  sing N N 231 
MET SD  CE   sing N N 232 
MET CE  HE1  sing N N 233 
MET CE  HE2  sing N N 234 
MET CE  HE3  sing N N 235 
MET OXT HXT  sing N N 236 
PHE N   CA   sing N N 237 
PHE N   H    sing N N 238 
PHE N   H2   sing N N 239 
PHE CA  C    sing N N 240 
PHE CA  CB   sing N N 241 
PHE CA  HA   sing N N 242 
PHE C   O    doub N N 243 
PHE C   OXT  sing N N 244 
PHE CB  CG   sing N N 245 
PHE CB  HB2  sing N N 246 
PHE CB  HB3  sing N N 247 
PHE CG  CD1  doub Y N 248 
PHE CG  CD2  sing Y N 249 
PHE CD1 CE1  sing Y N 250 
PHE CD1 HD1  sing N N 251 
PHE CD2 CE2  doub Y N 252 
PHE CD2 HD2  sing N N 253 
PHE CE1 CZ   doub Y N 254 
PHE CE1 HE1  sing N N 255 
PHE CE2 CZ   sing Y N 256 
PHE CE2 HE2  sing N N 257 
PHE CZ  HZ   sing N N 258 
PHE OXT HXT  sing N N 259 
PRO N   CA   sing N N 260 
PRO N   CD   sing N N 261 
PRO N   H    sing N N 262 
PRO CA  C    sing N N 263 
PRO CA  CB   sing N N 264 
PRO CA  HA   sing N N 265 
PRO C   O    doub N N 266 
PRO C   OXT  sing N N 267 
PRO CB  CG   sing N N 268 
PRO CB  HB2  sing N N 269 
PRO CB  HB3  sing N N 270 
PRO CG  CD   sing N N 271 
PRO CG  HG2  sing N N 272 
PRO CG  HG3  sing N N 273 
PRO CD  HD2  sing N N 274 
PRO CD  HD3  sing N N 275 
PRO OXT HXT  sing N N 276 
SER N   CA   sing N N 277 
SER N   H    sing N N 278 
SER N   H2   sing N N 279 
SER CA  C    sing N N 280 
SER CA  CB   sing N N 281 
SER CA  HA   sing N N 282 
SER C   O    doub N N 283 
SER C   OXT  sing N N 284 
SER CB  OG   sing N N 285 
SER CB  HB2  sing N N 286 
SER CB  HB3  sing N N 287 
SER OG  HG   sing N N 288 
SER OXT HXT  sing N N 289 
THR N   CA   sing N N 290 
THR N   H    sing N N 291 
THR N   H2   sing N N 292 
THR CA  C    sing N N 293 
THR CA  CB   sing N N 294 
THR CA  HA   sing N N 295 
THR C   O    doub N N 296 
THR C   OXT  sing N N 297 
THR CB  OG1  sing N N 298 
THR CB  CG2  sing N N 299 
THR CB  HB   sing N N 300 
THR OG1 HG1  sing N N 301 
THR CG2 HG21 sing N N 302 
THR CG2 HG22 sing N N 303 
THR CG2 HG23 sing N N 304 
THR OXT HXT  sing N N 305 
TRP N   CA   sing N N 306 
TRP N   H    sing N N 307 
TRP N   H2   sing N N 308 
TRP CA  C    sing N N 309 
TRP CA  CB   sing N N 310 
TRP CA  HA   sing N N 311 
TRP C   O    doub N N 312 
TRP C   OXT  sing N N 313 
TRP CB  CG   sing N N 314 
TRP CB  HB2  sing N N 315 
TRP CB  HB3  sing N N 316 
TRP CG  CD1  doub Y N 317 
TRP CG  CD2  sing Y N 318 
TRP CD1 NE1  sing Y N 319 
TRP CD1 HD1  sing N N 320 
TRP CD2 CE2  doub Y N 321 
TRP CD2 CE3  sing Y N 322 
TRP NE1 CE2  sing Y N 323 
TRP NE1 HE1  sing N N 324 
TRP CE2 CZ2  sing Y N 325 
TRP CE3 CZ3  doub Y N 326 
TRP CE3 HE3  sing N N 327 
TRP CZ2 CH2  doub Y N 328 
TRP CZ2 HZ2  sing N N 329 
TRP CZ3 CH2  sing Y N 330 
TRP CZ3 HZ3  sing N N 331 
TRP CH2 HH2  sing N N 332 
TRP OXT HXT  sing N N 333 
TYR N   CA   sing N N 334 
TYR N   H    sing N N 335 
TYR N   H2   sing N N 336 
TYR CA  C    sing N N 337 
TYR CA  CB   sing N N 338 
TYR CA  HA   sing N N 339 
TYR C   O    doub N N 340 
TYR C   OXT  sing N N 341 
TYR CB  CG   sing N N 342 
TYR CB  HB2  sing N N 343 
TYR CB  HB3  sing N N 344 
TYR CG  CD1  doub Y N 345 
TYR CG  CD2  sing Y N 346 
TYR CD1 CE1  sing Y N 347 
TYR CD1 HD1  sing N N 348 
TYR CD2 CE2  doub Y N 349 
TYR CD2 HD2  sing N N 350 
TYR CE1 CZ   doub Y N 351 
TYR CE1 HE1  sing N N 352 
TYR CE2 CZ   sing Y N 353 
TYR CE2 HE2  sing N N 354 
TYR CZ  OH   sing N N 355 
TYR OH  HH   sing N N 356 
TYR OXT HXT  sing N N 357 
VAL N   CA   sing N N 358 
VAL N   H    sing N N 359 
VAL N   H2   sing N N 360 
VAL CA  C    sing N N 361 
VAL CA  CB   sing N N 362 
VAL CA  HA   sing N N 363 
VAL C   O    doub N N 364 
VAL C   OXT  sing N N 365 
VAL CB  CG1  sing N N 366 
VAL CB  CG2  sing N N 367 
VAL CB  HB   sing N N 368 
VAL CG1 HG11 sing N N 369 
VAL CG1 HG12 sing N N 370 
VAL CG1 HG13 sing N N 371 
VAL CG2 HG21 sing N N 372 
VAL CG2 HG22 sing N N 373 
VAL CG2 HG23 sing N N 374 
VAL OXT HXT  sing N N 375 
# 
loop_
_pdbx_entity_nonpoly.entity_id 
_pdbx_entity_nonpoly.name 
_pdbx_entity_nonpoly.comp_id 
2 'CALCIUM ION' CA  
3 GLYCEROL      GOL 
4 water         HOH 
# 
loop_
_pdbx_initial_refinement_model.id 
_pdbx_initial_refinement_model.entity_id_list 
_pdbx_initial_refinement_model.type 
_pdbx_initial_refinement_model.source_name 
_pdbx_initial_refinement_model.accession_code 
_pdbx_initial_refinement_model.details 
1 ? 'experimental model' PDB 2VZP 'PDB ENTRY 2VZP, 4QAW (CBM35)' 
2 ? 'experimental model' PDB 4QAW 'PDB ENTRY 2VZP, 4QAW (CBM35)' 
# 
